data_3MCR
# 
_entry.id   3MCR 
# 
_audit_conform.dict_name       mmcif_pdbx.dic 
_audit_conform.dict_version    5.379 
_audit_conform.dict_location   http://mmcif.pdb.org/dictionaries/ascii/mmcif_pdbx.dic 
# 
loop_
_database_2.database_id 
_database_2.database_code 
_database_2.pdbx_database_accession 
_database_2.pdbx_DOI 
PDB   3MCR         pdb_00003mcr 10.2210/pdb3mcr/pdb 
RCSB  RCSB058387   ?            ?                   
WWPDB D_1000058387 ?            ?                   
# 
_pdbx_database_related.db_name        TargetDB 
_pdbx_database_related.db_id          372019 
_pdbx_database_related.details        . 
_pdbx_database_related.content_type   unspecified 
# 
_pdbx_database_status.SG_entry                        Y 
_pdbx_database_status.entry_id                        3MCR 
_pdbx_database_status.deposit_site                    RCSB 
_pdbx_database_status.process_site                    RCSB 
_pdbx_database_status.recvd_initial_deposition_date   2010-03-29 
_pdbx_database_status.status_code                     REL 
_pdbx_database_status.status_code_sf                  REL 
_pdbx_database_status.status_code_mr                  ? 
_pdbx_database_status.pdb_format_compatible           Y 
_pdbx_database_status.status_code_cs                  ? 
_pdbx_database_status.methods_development_category    ? 
_pdbx_database_status.status_code_nmr_data            ? 
# 
_audit_author.name           'Joint Center for Structural Genomics (JCSG)' 
_audit_author.pdbx_ordinal   1 
# 
_citation.id                        primary 
_citation.title                     
'Crystal structure of NADH dehydrogenase subunit C (Tfu_2693) from THERMOBIFIDA FUSCA YX-ER1 at 2.65 A resolution' 
_citation.journal_abbrev            'To be published' 
_citation.journal_volume            ? 
_citation.page_first                ? 
_citation.page_last                 ? 
_citation.year                      ? 
_citation.journal_id_ASTM           ? 
_citation.country                   ? 
_citation.journal_id_ISSN           ? 
_citation.journal_id_CSD            0353 
_citation.book_publisher            ? 
_citation.pdbx_database_id_PubMed   ? 
_citation.pdbx_database_id_DOI      ? 
# 
_citation_author.citation_id        primary 
_citation_author.name               'Joint Center for Structural Genomics (JCSG)' 
_citation_author.ordinal            1 
_citation_author.identifier_ORCID   ? 
# 
_cell.entry_id           3MCR 
_cell.length_a           69.264 
_cell.length_b           69.264 
_cell.length_c           114.210 
_cell.angle_alpha        90.000 
_cell.angle_beta         90.000 
_cell.angle_gamma        90.000 
_cell.pdbx_unique_axis   ? 
_cell.Z_PDB              8 
_cell.length_a_esd       ? 
_cell.length_b_esd       ? 
_cell.length_c_esd       ? 
_cell.angle_alpha_esd    ? 
_cell.angle_beta_esd     ? 
_cell.angle_gamma_esd    ? 
# 
_symmetry.entry_id                         3MCR 
_symmetry.Int_Tables_number                96 
_symmetry.space_group_name_H-M             'P 43 21 2' 
_symmetry.pdbx_full_space_group_name_H-M   ? 
_symmetry.cell_setting                     ? 
_symmetry.space_group_name_Hall            ? 
# 
loop_
_entity.id 
_entity.type 
_entity.src_method 
_entity.pdbx_description 
_entity.formula_weight 
_entity.pdbx_number_of_molecules 
_entity.pdbx_ec 
_entity.pdbx_mutation 
_entity.pdbx_fragment 
_entity.details 
1 polymer     man 'NADH dehydrogenase, subunit C' 24004.711 1 ? ? ? ? 
2 non-polymer syn 'COBALT (II) ION'               58.933    1 ? ? ? ? 
3 non-polymer syn HEXANE-1,6-DIOL                 118.174   1 ? ? ? ? 
4 water       nat water                           18.015    6 ? ? ? ? 
# 
_entity_poly.entity_id                      1 
_entity_poly.type                           'polypeptide(L)' 
_entity_poly.nstd_linkage                   no 
_entity_poly.nstd_monomer                   no 
_entity_poly.pdbx_seq_one_letter_code       
;GMTSNGQQGKPNLPEKDNLPRELGTQRINSPIARMGMFGAKTTGDTSGYGRLRVYRHVPAAAQRPYSDPSDPRTAYFDEV
ADALERSLKEIGTPYDTAISRVVVDRGEITFHVQREHLLDVATRLRDDPALRFELCLGVTGVHYPEDEGNELHAVYALRS
ITHNYEIRLEVSCPDSDPHIPSIVSVYPTNDWHEREAWDFFGIIFDGHPALTR
;
_entity_poly.pdbx_seq_one_letter_code_can   
;GMTSNGQQGKPNLPEKDNLPRELGTQRINSPIARMGMFGAKTTGDTSGYGRLRVYRHVPAAAQRPYSDPSDPRTAYFDEV
ADALERSLKEIGTPYDTAISRVVVDRGEITFHVQREHLLDVATRLRDDPALRFELCLGVTGVHYPEDEGNELHAVYALRS
ITHNYEIRLEVSCPDSDPHIPSIVSVYPTNDWHEREAWDFFGIIFDGHPALTR
;
_entity_poly.pdbx_strand_id                 A 
_entity_poly.pdbx_target_identifier         372019 
# 
loop_
_entity_poly_seq.entity_id 
_entity_poly_seq.num 
_entity_poly_seq.mon_id 
_entity_poly_seq.hetero 
1 1   GLY n 
1 2   MET n 
1 3   THR n 
1 4   SER n 
1 5   ASN n 
1 6   GLY n 
1 7   GLN n 
1 8   GLN n 
1 9   GLY n 
1 10  LYS n 
1 11  PRO n 
1 12  ASN n 
1 13  LEU n 
1 14  PRO n 
1 15  GLU n 
1 16  LYS n 
1 17  ASP n 
1 18  ASN n 
1 19  LEU n 
1 20  PRO n 
1 21  ARG n 
1 22  GLU n 
1 23  LEU n 
1 24  GLY n 
1 25  THR n 
1 26  GLN n 
1 27  ARG n 
1 28  ILE n 
1 29  ASN n 
1 30  SER n 
1 31  PRO n 
1 32  ILE n 
1 33  ALA n 
1 34  ARG n 
1 35  MET n 
1 36  GLY n 
1 37  MET n 
1 38  PHE n 
1 39  GLY n 
1 40  ALA n 
1 41  LYS n 
1 42  THR n 
1 43  THR n 
1 44  GLY n 
1 45  ASP n 
1 46  THR n 
1 47  SER n 
1 48  GLY n 
1 49  TYR n 
1 50  GLY n 
1 51  ARG n 
1 52  LEU n 
1 53  ARG n 
1 54  VAL n 
1 55  TYR n 
1 56  ARG n 
1 57  HIS n 
1 58  VAL n 
1 59  PRO n 
1 60  ALA n 
1 61  ALA n 
1 62  ALA n 
1 63  GLN n 
1 64  ARG n 
1 65  PRO n 
1 66  TYR n 
1 67  SER n 
1 68  ASP n 
1 69  PRO n 
1 70  SER n 
1 71  ASP n 
1 72  PRO n 
1 73  ARG n 
1 74  THR n 
1 75  ALA n 
1 76  TYR n 
1 77  PHE n 
1 78  ASP n 
1 79  GLU n 
1 80  VAL n 
1 81  ALA n 
1 82  ASP n 
1 83  ALA n 
1 84  LEU n 
1 85  GLU n 
1 86  ARG n 
1 87  SER n 
1 88  LEU n 
1 89  LYS n 
1 90  GLU n 
1 91  ILE n 
1 92  GLY n 
1 93  THR n 
1 94  PRO n 
1 95  TYR n 
1 96  ASP n 
1 97  THR n 
1 98  ALA n 
1 99  ILE n 
1 100 SER n 
1 101 ARG n 
1 102 VAL n 
1 103 VAL n 
1 104 VAL n 
1 105 ASP n 
1 106 ARG n 
1 107 GLY n 
1 108 GLU n 
1 109 ILE n 
1 110 THR n 
1 111 PHE n 
1 112 HIS n 
1 113 VAL n 
1 114 GLN n 
1 115 ARG n 
1 116 GLU n 
1 117 HIS n 
1 118 LEU n 
1 119 LEU n 
1 120 ASP n 
1 121 VAL n 
1 122 ALA n 
1 123 THR n 
1 124 ARG n 
1 125 LEU n 
1 126 ARG n 
1 127 ASP n 
1 128 ASP n 
1 129 PRO n 
1 130 ALA n 
1 131 LEU n 
1 132 ARG n 
1 133 PHE n 
1 134 GLU n 
1 135 LEU n 
1 136 CYS n 
1 137 LEU n 
1 138 GLY n 
1 139 VAL n 
1 140 THR n 
1 141 GLY n 
1 142 VAL n 
1 143 HIS n 
1 144 TYR n 
1 145 PRO n 
1 146 GLU n 
1 147 ASP n 
1 148 GLU n 
1 149 GLY n 
1 150 ASN n 
1 151 GLU n 
1 152 LEU n 
1 153 HIS n 
1 154 ALA n 
1 155 VAL n 
1 156 TYR n 
1 157 ALA n 
1 158 LEU n 
1 159 ARG n 
1 160 SER n 
1 161 ILE n 
1 162 THR n 
1 163 HIS n 
1 164 ASN n 
1 165 TYR n 
1 166 GLU n 
1 167 ILE n 
1 168 ARG n 
1 169 LEU n 
1 170 GLU n 
1 171 VAL n 
1 172 SER n 
1 173 CYS n 
1 174 PRO n 
1 175 ASP n 
1 176 SER n 
1 177 ASP n 
1 178 PRO n 
1 179 HIS n 
1 180 ILE n 
1 181 PRO n 
1 182 SER n 
1 183 ILE n 
1 184 VAL n 
1 185 SER n 
1 186 VAL n 
1 187 TYR n 
1 188 PRO n 
1 189 THR n 
1 190 ASN n 
1 191 ASP n 
1 192 TRP n 
1 193 HIS n 
1 194 GLU n 
1 195 ARG n 
1 196 GLU n 
1 197 ALA n 
1 198 TRP n 
1 199 ASP n 
1 200 PHE n 
1 201 PHE n 
1 202 GLY n 
1 203 ILE n 
1 204 ILE n 
1 205 PHE n 
1 206 ASP n 
1 207 GLY n 
1 208 HIS n 
1 209 PRO n 
1 210 ALA n 
1 211 LEU n 
1 212 THR n 
1 213 ARG n 
# 
_entity_src_gen.entity_id                          1 
_entity_src_gen.pdbx_src_id                        1 
_entity_src_gen.pdbx_alt_source_flag               sample 
_entity_src_gen.pdbx_seq_type                      ? 
_entity_src_gen.pdbx_beg_seq_num                   ? 
_entity_src_gen.pdbx_end_seq_num                   ? 
_entity_src_gen.gene_src_common_name               ? 
_entity_src_gen.gene_src_genus                     ? 
_entity_src_gen.pdbx_gene_src_gene                 Tfu_2693 
_entity_src_gen.gene_src_species                   ? 
_entity_src_gen.gene_src_strain                    YX 
_entity_src_gen.gene_src_tissue                    ? 
_entity_src_gen.gene_src_tissue_fraction           ? 
_entity_src_gen.gene_src_details                   
;Genomic DNA from the protease deficient ER1 strain derived form Thermobifida fusca YX was a gift from David B. Wilson at Cornell University.
;
_entity_src_gen.pdbx_gene_src_fragment             ? 
_entity_src_gen.pdbx_gene_src_scientific_name      'Thermobifida fusca' 
_entity_src_gen.pdbx_gene_src_ncbi_taxonomy_id     269800 
_entity_src_gen.pdbx_gene_src_variant              ? 
_entity_src_gen.pdbx_gene_src_cell_line            ? 
_entity_src_gen.pdbx_gene_src_atcc                 ? 
_entity_src_gen.pdbx_gene_src_organ                ? 
_entity_src_gen.pdbx_gene_src_organelle            ? 
_entity_src_gen.pdbx_gene_src_cell                 ? 
_entity_src_gen.pdbx_gene_src_cellular_location    ? 
_entity_src_gen.host_org_common_name               ? 
_entity_src_gen.pdbx_host_org_scientific_name      'Escherichia Coli' 
_entity_src_gen.pdbx_host_org_ncbi_taxonomy_id     562 
_entity_src_gen.host_org_genus                     ? 
_entity_src_gen.pdbx_host_org_gene                 ? 
_entity_src_gen.pdbx_host_org_organ                ? 
_entity_src_gen.host_org_species                   ? 
_entity_src_gen.pdbx_host_org_tissue               ? 
_entity_src_gen.pdbx_host_org_tissue_fraction      ? 
_entity_src_gen.pdbx_host_org_strain               HK100 
_entity_src_gen.pdbx_host_org_variant              ? 
_entity_src_gen.pdbx_host_org_cell_line            ? 
_entity_src_gen.pdbx_host_org_atcc                 ? 
_entity_src_gen.pdbx_host_org_culture_collection   ? 
_entity_src_gen.pdbx_host_org_cell                 ? 
_entity_src_gen.pdbx_host_org_organelle            ? 
_entity_src_gen.pdbx_host_org_cellular_location    ? 
_entity_src_gen.pdbx_host_org_vector_type          Plasmid 
_entity_src_gen.pdbx_host_org_vector               ? 
_entity_src_gen.host_org_details                   ? 
_entity_src_gen.expression_system_id               ? 
_entity_src_gen.plasmid_name                       SpeedET 
_entity_src_gen.plasmid_details                    ? 
_entity_src_gen.pdbx_description                   ? 
# 
_struct_ref.id                         1 
_struct_ref.db_name                    UNP 
_struct_ref.db_code                    Q47LE6_THEFY 
_struct_ref.pdbx_db_accession          Q47LE6 
_struct_ref.entity_id                  1 
_struct_ref.pdbx_seq_one_letter_code   
;MTSNGQQGKPNLPEKDNLPRELGTQRINSPIARMGMFGAKTTGDTSGYGRLRVYRHVPAAAQRPYSDPSDPRTAYFDEVA
DALERSLKEIGTPYDTAISRVVVDRGEITFHVQREHLLDVATRLRDDPALRFELCLGVTGVHYPEDEGNELHAVYALRSI
THNYEIRLEVSCPDSDPHIPSIVSVYPTNDWHEREAWDFFGIIFDGHPALTR
;
_struct_ref.pdbx_align_begin           1 
_struct_ref.pdbx_db_isoform            ? 
# 
_struct_ref_seq.align_id                      1 
_struct_ref_seq.ref_id                        1 
_struct_ref_seq.pdbx_PDB_id_code              3MCR 
_struct_ref_seq.pdbx_strand_id                A 
_struct_ref_seq.seq_align_beg                 2 
_struct_ref_seq.pdbx_seq_align_beg_ins_code   ? 
_struct_ref_seq.seq_align_end                 213 
_struct_ref_seq.pdbx_seq_align_end_ins_code   ? 
_struct_ref_seq.pdbx_db_accession             Q47LE6 
_struct_ref_seq.db_align_beg                  1 
_struct_ref_seq.pdbx_db_align_beg_ins_code    ? 
_struct_ref_seq.db_align_end                  212 
_struct_ref_seq.pdbx_db_align_end_ins_code    ? 
_struct_ref_seq.pdbx_auth_seq_align_beg       1 
_struct_ref_seq.pdbx_auth_seq_align_end       212 
# 
_struct_ref_seq_dif.align_id                     1 
_struct_ref_seq_dif.pdbx_pdb_id_code             3MCR 
_struct_ref_seq_dif.mon_id                       GLY 
_struct_ref_seq_dif.pdbx_pdb_strand_id           A 
_struct_ref_seq_dif.seq_num                      1 
_struct_ref_seq_dif.pdbx_pdb_ins_code            ? 
_struct_ref_seq_dif.pdbx_seq_db_name             UNP 
_struct_ref_seq_dif.pdbx_seq_db_accession_code   Q47LE6 
_struct_ref_seq_dif.db_mon_id                    ? 
_struct_ref_seq_dif.pdbx_seq_db_seq_num          ? 
_struct_ref_seq_dif.details                      'expression tag' 
_struct_ref_seq_dif.pdbx_auth_seq_num            0 
_struct_ref_seq_dif.pdbx_ordinal                 1 
# 
loop_
_chem_comp.id 
_chem_comp.type 
_chem_comp.mon_nstd_flag 
_chem_comp.name 
_chem_comp.pdbx_synonyms 
_chem_comp.formula 
_chem_comp.formula_weight 
ALA 'L-peptide linking' y ALANINE           ? 'C3 H7 N O2'     89.093  
ARG 'L-peptide linking' y ARGININE          ? 'C6 H15 N4 O2 1' 175.209 
ASN 'L-peptide linking' y ASPARAGINE        ? 'C4 H8 N2 O3'    132.118 
ASP 'L-peptide linking' y 'ASPARTIC ACID'   ? 'C4 H7 N O4'     133.103 
CO  non-polymer         . 'COBALT (II) ION' ? 'Co 2'           58.933  
CYS 'L-peptide linking' y CYSTEINE          ? 'C3 H7 N O2 S'   121.158 
GLN 'L-peptide linking' y GLUTAMINE         ? 'C5 H10 N2 O3'   146.144 
GLU 'L-peptide linking' y 'GLUTAMIC ACID'   ? 'C5 H9 N O4'     147.129 
GLY 'peptide linking'   y GLYCINE           ? 'C2 H5 N O2'     75.067  
HEZ non-polymer         . HEXANE-1,6-DIOL   ? 'C6 H14 O2'      118.174 
HIS 'L-peptide linking' y HISTIDINE         ? 'C6 H10 N3 O2 1' 156.162 
HOH non-polymer         . WATER             ? 'H2 O'           18.015  
ILE 'L-peptide linking' y ISOLEUCINE        ? 'C6 H13 N O2'    131.173 
LEU 'L-peptide linking' y LEUCINE           ? 'C6 H13 N O2'    131.173 
LYS 'L-peptide linking' y LYSINE            ? 'C6 H15 N2 O2 1' 147.195 
MET 'L-peptide linking' y METHIONINE        ? 'C5 H11 N O2 S'  149.211 
PHE 'L-peptide linking' y PHENYLALANINE     ? 'C9 H11 N O2'    165.189 
PRO 'L-peptide linking' y PROLINE           ? 'C5 H9 N O2'     115.130 
SER 'L-peptide linking' y SERINE            ? 'C3 H7 N O3'     105.093 
THR 'L-peptide linking' y THREONINE         ? 'C4 H9 N O3'     119.119 
TRP 'L-peptide linking' y TRYPTOPHAN        ? 'C11 H12 N2 O2'  204.225 
TYR 'L-peptide linking' y TYROSINE          ? 'C9 H11 N O3'    181.189 
VAL 'L-peptide linking' y VALINE            ? 'C5 H11 N O2'    117.146 
# 
_exptl.crystals_number   1 
_exptl.method            'X-RAY DIFFRACTION' 
_exptl.entry_id          3MCR 
# 
_exptl_crystal.id                    1 
_exptl_crystal.density_Matthews      2.85 
_exptl_crystal.density_meas          ? 
_exptl_crystal.density_percent_sol   56.89 
_exptl_crystal.description           ? 
_exptl_crystal.F_000                 ? 
_exptl_crystal.preparation           ? 
# 
_exptl_crystal_grow.crystal_id      1 
_exptl_crystal_grow.method          'VAPOR DIFFUSION, SITTING DROP' 
_exptl_crystal_grow.pH              4.6 
_exptl_crystal_grow.temp            277 
_exptl_crystal_grow.pdbx_details    
'1.0000M 1,6-Hexanediol, 0.0100M CoCl2, 0.1M Acetate pH 4.6, NANODROP, VAPOR DIFFUSION, SITTING DROP, temperature 277K' 
_exptl_crystal_grow.temp_details    ? 
_exptl_crystal_grow.pdbx_pH_range   ? 
# 
_diffrn.id                     1 
_diffrn.ambient_temp           100 
_diffrn.ambient_temp_details   ? 
_diffrn.crystal_id             1 
# 
_diffrn_detector.diffrn_id              1 
_diffrn_detector.detector               CCD 
_diffrn_detector.type                   'MARMOSAIC 325 mm CCD' 
_diffrn_detector.details                'Flat mirror (vertical focusing)' 
_diffrn_detector.pdbx_collection_date   2008-04-10 
# 
_diffrn_radiation.diffrn_id                        1 
_diffrn_radiation.pdbx_monochromatic_or_laue_m_l   M 
_diffrn_radiation.monochromator                    'Single crystal Si(111) bent monochromator (horizontal focusing)' 
_diffrn_radiation.pdbx_diffrn_protocol             'SINGLE WAVELENGTH' 
_diffrn_radiation.wavelength_id                    1 
_diffrn_radiation.pdbx_scattering_type             x-ray 
# 
_diffrn_radiation_wavelength.id           1 
_diffrn_radiation_wavelength.wavelength   0.97922 
_diffrn_radiation_wavelength.wt           1.0 
# 
_diffrn_source.diffrn_id                   1 
_diffrn_source.source                      SYNCHROTRON 
_diffrn_source.pdbx_synchrotron_beamline   BL11-1 
_diffrn_source.type                        'SSRL BEAMLINE BL11-1' 
_diffrn_source.pdbx_wavelength             0.97922 
_diffrn_source.pdbx_wavelength_list        ? 
_diffrn_source.pdbx_synchrotron_site       SSRL 
# 
_reflns.entry_id                     3MCR 
_reflns.d_resolution_high            2.65 
_reflns.d_resolution_low             48.970 
_reflns.number_obs                   8611 
_reflns.pdbx_Rmerge_I_obs            0.048 
_reflns.pdbx_netI_over_sigmaI        25.890 
_reflns.percent_possible_obs         99.800 
_reflns.B_iso_Wilson_estimate        82.093 
_reflns.observed_criterion_sigma_I   -3.00 
_reflns.observed_criterion_sigma_F   ? 
_reflns.number_all                   ? 
_reflns.pdbx_Rsym_value              ? 
_reflns.pdbx_redundancy              6.95 
_reflns.R_free_details               ? 
_reflns.limit_h_max                  ? 
_reflns.limit_h_min                  ? 
_reflns.limit_k_max                  ? 
_reflns.limit_k_min                  ? 
_reflns.limit_l_max                  ? 
_reflns.limit_l_min                  ? 
_reflns.observed_criterion_F_max     ? 
_reflns.observed_criterion_F_min     ? 
_reflns.pdbx_chi_squared             ? 
_reflns.pdbx_scaling_rejects         ? 
_reflns.pdbx_ordinal                 1 
_reflns.pdbx_diffrn_id               1 
# 
loop_
_reflns_shell.d_res_high 
_reflns_shell.d_res_low 
_reflns_shell.number_measured_obs 
_reflns_shell.number_measured_all 
_reflns_shell.number_unique_obs 
_reflns_shell.Rmerge_I_obs 
_reflns_shell.meanI_over_sigI_obs 
_reflns_shell.pdbx_Rsym_value 
_reflns_shell.pdbx_chi_squared 
_reflns_shell.pdbx_redundancy 
_reflns_shell.percent_possible_obs 
_reflns_shell.number_unique_all 
_reflns_shell.percent_possible_all 
_reflns_shell.pdbx_ordinal 
_reflns_shell.pdbx_diffrn_id 
2.65 2.74   5687 ? 794 0.810 2.1  ? ? ? ? ? 100.00 1  1 
2.74 2.85   6042 ? 843 0.453 3.8  ? ? ? ? ? 100.00 2  1 
2.85 2.98   5960 ? 836 0.327 4.9  ? ? ? ? ? 100.00 3  1 
2.98 3.14   6145 ? 864 0.216 7.8  ? ? ? ? ? 100.00 4  1 
3.14 3.34   6083 ? 858 0.132 13.2 ? ? ? ? ? 100.00 5  1 
3.34 3.59   5800 ? 826 0.072 22.2 ? ? ? ? ? 100.00 6  1 
3.59 3.95   5999 ? 853 0.049 31.9 ? ? ? ? ? 99.60  7  1 
3.95 4.52   6016 ? 870 0.030 48.2 ? ? ? ? ? 100.00 8  1 
4.52 5.67   5973 ? 883 0.026 55.1 ? ? ? ? ? 99.90  9  1 
5.67 48.970 6108 ? 986 0.022 60.7 ? ? ? ? ? 99.10  10 1 
# 
_refine.entry_id                                 3MCR 
_refine.ls_d_res_high                            2.650 
_refine.ls_d_res_low                             48.970 
_refine.pdbx_ls_sigma_F                          0.00 
_refine.pdbx_data_cutoff_high_absF               ? 
_refine.pdbx_data_cutoff_low_absF                ? 
_refine.ls_percent_reflns_obs                    99.880 
_refine.ls_number_reflns_obs                     8568 
_refine.ls_number_reflns_all                     ? 
_refine.pdbx_ls_cross_valid_method               THROUGHOUT 
_refine.pdbx_R_Free_selection_details            RANDOM 
_refine.details                                  
;1.HYDROGENS HAVE BEEN ADDED IN THE RIDING POSITIONS. 2.ATOM RECORD CONTAINS RESIDUAL B FACTORS ONLY 3.COBALT (CO) AND 1,6-HEXANEDIOL (HEZ) FROM THE CRYSTALLIZATION SOLUTION WERE MODELED INTO THE STRUCTURE. THE MODELING OF COBALT IS SUPPORTED BY ANOMALOUS DIFFERENCE MAPS. 4. THE ELECTRON DENSITY CORRESPONDING TO THE N-TERMINAL 59 RESIDUES WAS DISORDERED AND THIS REGION COULD NOT BE MODELED.
;
_refine.ls_R_factor_all                          ? 
_refine.ls_R_factor_obs                          0.210 
_refine.ls_R_factor_R_work                       0.207 
_refine.ls_wR_factor_R_work                      ? 
_refine.ls_R_factor_R_free                       0.259 
_refine.ls_wR_factor_R_free                      ? 
_refine.ls_percent_reflns_R_free                 4.700 
_refine.ls_number_reflns_R_free                  402 
_refine.ls_R_factor_R_free_error                 ? 
_refine.B_iso_mean                               40.196 
_refine.solvent_model_param_bsol                 ? 
_refine.solvent_model_param_ksol                 ? 
_refine.pdbx_isotropic_thermal_model             ? 
_refine.aniso_B[1][1]                            1.750 
_refine.aniso_B[2][2]                            1.750 
_refine.aniso_B[3][3]                            -3.510 
_refine.aniso_B[1][2]                            0.000 
_refine.aniso_B[1][3]                            0.000 
_refine.aniso_B[2][3]                            0.000 
_refine.correlation_coeff_Fo_to_Fc               0.952 
_refine.correlation_coeff_Fo_to_Fc_free          0.923 
_refine.overall_SU_R_Cruickshank_DPI             ? 
_refine.overall_SU_R_free                        ? 
_refine.pdbx_overall_ESU_R                       0.352 
_refine.pdbx_overall_ESU_R_Free                  0.273 
_refine.overall_SU_ML                            0.206 
_refine.overall_SU_B                             22.045 
_refine.solvent_model_details                    MASK 
_refine.pdbx_solvent_vdw_probe_radii             1.200 
_refine.pdbx_solvent_ion_probe_radii             0.800 
_refine.pdbx_solvent_shrinkage_radii             0.800 
_refine.ls_number_parameters                     ? 
_refine.ls_number_restraints                     ? 
_refine.pdbx_method_to_determine_struct          MR 
_refine.pdbx_stereochemistry_target_values       'MAXIMUM LIKELIHOOD' 
_refine.pdbx_starting_model                      2fug 
_refine.pdbx_stereochem_target_val_spec_case     ? 
_refine.overall_FOM_work_R_set                   ? 
_refine.B_iso_max                                74.72 
_refine.B_iso_min                                19.26 
_refine.occupancy_max                            1.00 
_refine.occupancy_min                            0.50 
_refine.pdbx_ls_sigma_I                          ? 
_refine.ls_redundancy_reflns_obs                 ? 
_refine.ls_R_factor_R_free_error_details         ? 
_refine.pdbx_data_cutoff_high_rms_absF           ? 
_refine.overall_FOM_free_R_set                   ? 
_refine.pdbx_overall_phase_error                 ? 
_refine.pdbx_refine_id                           'X-RAY DIFFRACTION' 
_refine.pdbx_TLS_residual_ADP_flag               'LIKELY RESIDUAL' 
_refine.pdbx_diffrn_id                           1 
_refine.pdbx_overall_SU_R_free_Cruickshank_DPI   ? 
_refine.pdbx_overall_SU_R_Blow_DPI               ? 
_refine.pdbx_overall_SU_R_free_Blow_DPI          ? 
# 
_refine_hist.pdbx_refine_id                   'X-RAY DIFFRACTION' 
_refine_hist.cycle_id                         LAST 
_refine_hist.pdbx_number_atoms_protein        1222 
_refine_hist.pdbx_number_atoms_nucleic_acid   0 
_refine_hist.pdbx_number_atoms_ligand         9 
_refine_hist.number_atoms_solvent             6 
_refine_hist.number_atoms_total               1237 
_refine_hist.d_res_high                       2.650 
_refine_hist.d_res_low                        48.970 
# 
loop_
_refine_ls_restr.type 
_refine_ls_restr.pdbx_refine_id 
_refine_ls_restr.number 
_refine_ls_restr.dev_ideal 
_refine_ls_restr.dev_ideal_target 
_refine_ls_restr.weight 
_refine_ls_restr.pdbx_restraint_function 
r_bond_refined_d       'X-RAY DIFFRACTION' 1283 0.009  0.021  ? ? 
r_bond_other_d         'X-RAY DIFFRACTION' 853  0.002  0.020  ? ? 
r_angle_refined_deg    'X-RAY DIFFRACTION' 1758 1.410  1.947  ? ? 
r_angle_other_deg      'X-RAY DIFFRACTION' 2061 0.967  3.000  ? ? 
r_dihedral_angle_1_deg 'X-RAY DIFFRACTION' 157  2.987  5.000  ? ? 
r_dihedral_angle_2_deg 'X-RAY DIFFRACTION' 68   29.209 23.235 ? ? 
r_dihedral_angle_3_deg 'X-RAY DIFFRACTION' 179  11.558 15.000 ? ? 
r_dihedral_angle_4_deg 'X-RAY DIFFRACTION' 11   11.895 15.000 ? ? 
r_chiral_restr         'X-RAY DIFFRACTION' 191  0.071  0.200  ? ? 
r_gen_planes_refined   'X-RAY DIFFRACTION' 1457 0.006  0.021  ? ? 
r_gen_planes_other     'X-RAY DIFFRACTION' 276  0.001  0.020  ? ? 
r_mcbond_it            'X-RAY DIFFRACTION' 780  1.087  3.000  ? ? 
r_mcbond_other         'X-RAY DIFFRACTION' 307  0.174  3.000  ? ? 
r_mcangle_it           'X-RAY DIFFRACTION' 1269 2.126  5.000  ? ? 
r_scbond_it            'X-RAY DIFFRACTION' 503  3.605  8.000  ? ? 
r_scangle_it           'X-RAY DIFFRACTION' 487  5.754  11.000 ? ? 
# 
_refine_ls_shell.d_res_high                       2.650 
_refine_ls_shell.d_res_low                        2.719 
_refine_ls_shell.pdbx_total_number_of_bins_used   20 
_refine_ls_shell.percent_reflns_obs               100.000 
_refine_ls_shell.number_reflns_R_work             585 
_refine_ls_shell.R_factor_all                     ? 
_refine_ls_shell.R_factor_R_work                  0.371 
_refine_ls_shell.R_factor_R_free                  0.435 
_refine_ls_shell.percent_reflns_R_free            ? 
_refine_ls_shell.number_reflns_R_free             35 
_refine_ls_shell.R_factor_R_free_error            ? 
_refine_ls_shell.number_reflns_all                620 
_refine_ls_shell.number_reflns_obs                ? 
_refine_ls_shell.redundancy_reflns_obs            ? 
_refine_ls_shell.pdbx_refine_id                   'X-RAY DIFFRACTION' 
# 
_struct.entry_id                  3MCR 
_struct.title                     
'Crystal structure of NADH dehydrogenase subunit C (Tfu_2693) from THERMOBIFIDA FUSCA YX-ER1 at 2.65 A resolution' 
_struct.pdbx_model_details        ? 
_struct.pdbx_CASP_flag            ? 
_struct.pdbx_model_type_details   ? 
# 
_struct_keywords.text            
'Structural Genomics, Joint Center for Structural Genomics, JCSG, Protein Structure Initiative, PSI-2, OXIDOREDUCTASE' 
_struct_keywords.pdbx_keywords   OXIDOREDUCTASE 
_struct_keywords.entry_id        3MCR 
# 
loop_
_struct_asym.id 
_struct_asym.pdbx_blank_PDB_chainid_flag 
_struct_asym.pdbx_modified 
_struct_asym.entity_id 
_struct_asym.details 
A N N 1 ? 
B N N 2 ? 
C N N 3 ? 
D N N 4 ? 
# 
_struct_biol.id        1 
_struct_biol.details   ? 
# 
loop_
_struct_conf.conf_type_id 
_struct_conf.id 
_struct_conf.pdbx_PDB_helix_id 
_struct_conf.beg_label_comp_id 
_struct_conf.beg_label_asym_id 
_struct_conf.beg_label_seq_id 
_struct_conf.pdbx_beg_PDB_ins_code 
_struct_conf.end_label_comp_id 
_struct_conf.end_label_asym_id 
_struct_conf.end_label_seq_id 
_struct_conf.pdbx_end_PDB_ins_code 
_struct_conf.beg_auth_comp_id 
_struct_conf.beg_auth_asym_id 
_struct_conf.beg_auth_seq_id 
_struct_conf.end_auth_comp_id 
_struct_conf.end_auth_asym_id 
_struct_conf.end_auth_seq_id 
_struct_conf.pdbx_PDB_helix_class 
_struct_conf.details 
_struct_conf.pdbx_PDB_helix_length 
HELX_P HELX_P1 1 ASP A 71  ? ALA A 75  ? ASP A 70  ALA A 74  5 ? 5  
HELX_P HELX_P2 2 TYR A 76  ? ILE A 91  ? TYR A 75  ILE A 90  1 ? 16 
HELX_P HELX_P3 3 PRO A 94  ? ALA A 98  ? PRO A 93  ALA A 97  1 ? 5  
HELX_P HELX_P4 4 HIS A 117 ? ASP A 128 ? HIS A 116 ASP A 127 1 ? 12 
HELX_P HELX_P5 5 THR A 189 ? GLY A 202 ? THR A 188 GLY A 201 1 ? 14 
HELX_P HELX_P6 6 HIS A 208 ? THR A 212 ? HIS A 207 THR A 211 5 ? 5  
# 
_struct_conf_type.id          HELX_P 
_struct_conf_type.criteria    ? 
_struct_conf_type.reference   ? 
# 
loop_
_struct_conn.id 
_struct_conn.conn_type_id 
_struct_conn.pdbx_leaving_atom_flag 
_struct_conn.pdbx_PDB_id 
_struct_conn.ptnr1_label_asym_id 
_struct_conn.ptnr1_label_comp_id 
_struct_conn.ptnr1_label_seq_id 
_struct_conn.ptnr1_label_atom_id 
_struct_conn.pdbx_ptnr1_label_alt_id 
_struct_conn.pdbx_ptnr1_PDB_ins_code 
_struct_conn.pdbx_ptnr1_standard_comp_id 
_struct_conn.ptnr1_symmetry 
_struct_conn.ptnr2_label_asym_id 
_struct_conn.ptnr2_label_comp_id 
_struct_conn.ptnr2_label_seq_id 
_struct_conn.ptnr2_label_atom_id 
_struct_conn.pdbx_ptnr2_label_alt_id 
_struct_conn.pdbx_ptnr2_PDB_ins_code 
_struct_conn.ptnr1_auth_asym_id 
_struct_conn.ptnr1_auth_comp_id 
_struct_conn.ptnr1_auth_seq_id 
_struct_conn.ptnr2_auth_asym_id 
_struct_conn.ptnr2_auth_comp_id 
_struct_conn.ptnr2_auth_seq_id 
_struct_conn.ptnr2_symmetry 
_struct_conn.pdbx_ptnr3_label_atom_id 
_struct_conn.pdbx_ptnr3_label_seq_id 
_struct_conn.pdbx_ptnr3_label_comp_id 
_struct_conn.pdbx_ptnr3_label_asym_id 
_struct_conn.pdbx_ptnr3_label_alt_id 
_struct_conn.pdbx_ptnr3_PDB_ins_code 
_struct_conn.details 
_struct_conn.pdbx_dist_value 
_struct_conn.pdbx_value_order 
_struct_conn.pdbx_role 
metalc1 metalc ? ? A HIS 143 NE2 ? ? ? 1_555 B CO . CO ? ? A HIS 142 A CO 213 1_555 ? ? ? ? ? ? ? 2.146 ? ? 
metalc2 metalc ? ? A ASP 175 OD2 ? ? ? 1_555 B CO . CO ? ? A ASP 174 A CO 213 1_555 ? ? ? ? ? ? ? 1.792 ? ? 
# 
_struct_conn_type.id          metalc 
_struct_conn_type.criteria    ? 
_struct_conn_type.reference   ? 
# 
_struct_mon_prot_cis.pdbx_id                1 
_struct_mon_prot_cis.label_comp_id          ARG 
_struct_mon_prot_cis.label_seq_id           64 
_struct_mon_prot_cis.label_asym_id          A 
_struct_mon_prot_cis.label_alt_id           . 
_struct_mon_prot_cis.pdbx_PDB_ins_code      ? 
_struct_mon_prot_cis.auth_comp_id           ARG 
_struct_mon_prot_cis.auth_seq_id            63 
_struct_mon_prot_cis.auth_asym_id           A 
_struct_mon_prot_cis.pdbx_label_comp_id_2   PRO 
_struct_mon_prot_cis.pdbx_label_seq_id_2    65 
_struct_mon_prot_cis.pdbx_label_asym_id_2   A 
_struct_mon_prot_cis.pdbx_PDB_ins_code_2    ? 
_struct_mon_prot_cis.pdbx_auth_comp_id_2    PRO 
_struct_mon_prot_cis.pdbx_auth_seq_id_2     64 
_struct_mon_prot_cis.pdbx_auth_asym_id_2    A 
_struct_mon_prot_cis.pdbx_PDB_model_num     1 
_struct_mon_prot_cis.pdbx_omega_angle       0.59 
# 
loop_
_struct_sheet.id 
_struct_sheet.type 
_struct_sheet.number_strands 
_struct_sheet.details 
A ? 5 ? 
B ? 2 ? 
# 
loop_
_struct_sheet_order.sheet_id 
_struct_sheet_order.range_id_1 
_struct_sheet_order.range_id_2 
_struct_sheet_order.offset 
_struct_sheet_order.sense 
A 1 2 ? anti-parallel 
A 2 3 ? parallel      
A 3 4 ? anti-parallel 
A 4 5 ? anti-parallel 
B 1 2 ? parallel      
# 
loop_
_struct_sheet_range.sheet_id 
_struct_sheet_range.id 
_struct_sheet_range.beg_label_comp_id 
_struct_sheet_range.beg_label_asym_id 
_struct_sheet_range.beg_label_seq_id 
_struct_sheet_range.pdbx_beg_PDB_ins_code 
_struct_sheet_range.end_label_comp_id 
_struct_sheet_range.end_label_asym_id 
_struct_sheet_range.end_label_seq_id 
_struct_sheet_range.pdbx_end_PDB_ins_code 
_struct_sheet_range.beg_auth_comp_id 
_struct_sheet_range.beg_auth_asym_id 
_struct_sheet_range.beg_auth_seq_id 
_struct_sheet_range.end_auth_comp_id 
_struct_sheet_range.end_auth_asym_id 
_struct_sheet_range.end_auth_seq_id 
A 1 ILE A 99  ? ASP A 105 ? ILE A 98  ASP A 104 
A 2 GLU A 108 ? VAL A 113 ? GLU A 107 VAL A 112 
A 3 TYR A 165 ? CYS A 173 ? TYR A 164 CYS A 172 
A 4 LEU A 152 ? SER A 160 ? LEU A 151 SER A 159 
A 5 LEU A 135 ? HIS A 143 ? LEU A 134 HIS A 142 
B 1 HIS A 179 ? PRO A 181 ? HIS A 178 PRO A 180 
B 2 ILE A 204 ? ASP A 206 ? ILE A 203 ASP A 205 
# 
loop_
_pdbx_struct_sheet_hbond.sheet_id 
_pdbx_struct_sheet_hbond.range_id_1 
_pdbx_struct_sheet_hbond.range_id_2 
_pdbx_struct_sheet_hbond.range_1_label_atom_id 
_pdbx_struct_sheet_hbond.range_1_label_comp_id 
_pdbx_struct_sheet_hbond.range_1_label_asym_id 
_pdbx_struct_sheet_hbond.range_1_label_seq_id 
_pdbx_struct_sheet_hbond.range_1_PDB_ins_code 
_pdbx_struct_sheet_hbond.range_1_auth_atom_id 
_pdbx_struct_sheet_hbond.range_1_auth_comp_id 
_pdbx_struct_sheet_hbond.range_1_auth_asym_id 
_pdbx_struct_sheet_hbond.range_1_auth_seq_id 
_pdbx_struct_sheet_hbond.range_2_label_atom_id 
_pdbx_struct_sheet_hbond.range_2_label_comp_id 
_pdbx_struct_sheet_hbond.range_2_label_asym_id 
_pdbx_struct_sheet_hbond.range_2_label_seq_id 
_pdbx_struct_sheet_hbond.range_2_PDB_ins_code 
_pdbx_struct_sheet_hbond.range_2_auth_atom_id 
_pdbx_struct_sheet_hbond.range_2_auth_comp_id 
_pdbx_struct_sheet_hbond.range_2_auth_asym_id 
_pdbx_struct_sheet_hbond.range_2_auth_seq_id 
A 1 2 N ARG A 101 ? N ARG A 100 O HIS A 112 ? O HIS A 111 
A 2 3 N PHE A 111 ? N PHE A 110 O ARG A 168 ? O ARG A 167 
A 3 4 O ILE A 167 ? O ILE A 166 N LEU A 158 ? N LEU A 157 
A 4 5 O VAL A 155 ? O VAL A 154 N THR A 140 ? N THR A 139 
B 1 2 N ILE A 180 ? N ILE A 179 O ILE A 204 ? O ILE A 203 
# 
loop_
_struct_site.id 
_struct_site.pdbx_evidence_code 
_struct_site.pdbx_auth_asym_id 
_struct_site.pdbx_auth_comp_id 
_struct_site.pdbx_auth_seq_id 
_struct_site.pdbx_auth_ins_code 
_struct_site.pdbx_num_residues 
_struct_site.details 
AC1 Software A CO  213 ? 4 'BINDING SITE FOR RESIDUE CO A 213'  
AC2 Software A HEZ 214 ? 5 'BINDING SITE FOR RESIDUE HEZ A 214' 
# 
loop_
_struct_site_gen.id 
_struct_site_gen.site_id 
_struct_site_gen.pdbx_num_res 
_struct_site_gen.label_comp_id 
_struct_site_gen.label_asym_id 
_struct_site_gen.label_seq_id 
_struct_site_gen.pdbx_auth_ins_code 
_struct_site_gen.auth_comp_id 
_struct_site_gen.auth_asym_id 
_struct_site_gen.auth_seq_id 
_struct_site_gen.label_atom_id 
_struct_site_gen.label_alt_id 
_struct_site_gen.symmetry 
_struct_site_gen.details 
1 AC1 4 HIS A 143 ? HIS A 142 . ? 8_665 ? 
2 AC1 4 HIS A 143 ? HIS A 142 . ? 1_555 ? 
3 AC1 4 ASP A 175 ? ASP A 174 . ? 1_555 ? 
4 AC1 4 ASP A 175 ? ASP A 174 . ? 8_665 ? 
5 AC2 5 GLY A 141 ? GLY A 140 . ? 8_665 ? 
6 AC2 5 PHE A 200 ? PHE A 199 . ? 8_665 ? 
7 AC2 5 PHE A 200 ? PHE A 199 . ? 1_555 ? 
8 AC2 5 PHE A 201 ? PHE A 200 . ? 8_665 ? 
9 AC2 5 HOH D .   ? HOH A 220 . ? 8_665 ? 
# 
_atom_sites.entry_id                    3MCR 
_atom_sites.fract_transf_matrix[1][1]   -0.01136397 
_atom_sites.fract_transf_matrix[1][2]   0.00756254 
_atom_sites.fract_transf_matrix[1][3]   0.00470361 
_atom_sites.fract_transf_matrix[2][1]   0.00319091 
_atom_sites.fract_transf_matrix[2][2]   0.01057649 
_atom_sites.fract_transf_matrix[2][3]   -0.00929580 
_atom_sites.fract_transf_matrix[3][1]   -0.00504249 
_atom_sites.fract_transf_matrix[3][2]   -0.00380676 
_atom_sites.fract_transf_matrix[3][3]   -0.00606213 
_atom_sites.fract_transf_vector[1]      0.773796 
_atom_sites.fract_transf_vector[2]      0.598567 
_atom_sites.fract_transf_vector[3]      0.271788 
# 
loop_
_atom_type.symbol 
C  
CO 
N  
O  
S  
# 
loop_
_atom_site.group_PDB 
_atom_site.id 
_atom_site.type_symbol 
_atom_site.label_atom_id 
_atom_site.label_alt_id 
_atom_site.label_comp_id 
_atom_site.label_asym_id 
_atom_site.label_entity_id 
_atom_site.label_seq_id 
_atom_site.pdbx_PDB_ins_code 
_atom_site.Cartn_x 
_atom_site.Cartn_y 
_atom_site.Cartn_z 
_atom_site.occupancy 
_atom_site.B_iso_or_equiv 
_atom_site.pdbx_formal_charge 
_atom_site.auth_seq_id 
_atom_site.auth_comp_id 
_atom_site.auth_asym_id 
_atom_site.auth_atom_id 
_atom_site.pdbx_PDB_model_num 
ATOM   1    N  N   . PRO A 1 59  ? 0.696   -11.284 -10.571 1.00 66.09 ? 58  PRO A N   1 
ATOM   2    C  CA  . PRO A 1 59  ? -0.548  -11.082 -11.323 1.00 65.56 ? 58  PRO A CA  1 
ATOM   3    C  C   . PRO A 1 59  ? -0.503  -9.888  -12.300 1.00 63.54 ? 58  PRO A C   1 
ATOM   4    O  O   . PRO A 1 59  ? 0.174   -8.886  -12.034 1.00 63.59 ? 58  PRO A O   1 
ATOM   5    C  CB  . PRO A 1 59  ? -1.584  -10.860 -10.211 1.00 66.23 ? 58  PRO A CB  1 
ATOM   6    C  CG  . PRO A 1 59  ? -1.073  -11.726 -9.057  1.00 66.94 ? 58  PRO A CG  1 
ATOM   7    C  CD  . PRO A 1 59  ? 0.443   -11.869 -9.239  1.00 66.78 ? 58  PRO A CD  1 
ATOM   8    N  N   . ALA A 1 60  ? -1.228  -10.014 -13.415 1.00 60.61 ? 59  ALA A N   1 
ATOM   9    C  CA  . ALA A 1 60  ? -1.263  -8.985  -14.462 1.00 57.62 ? 59  ALA A CA  1 
ATOM   10   C  C   . ALA A 1 60  ? -1.975  -7.710  -13.997 1.00 54.36 ? 59  ALA A C   1 
ATOM   11   O  O   . ALA A 1 60  ? -2.815  -7.754  -13.100 1.00 53.36 ? 59  ALA A O   1 
ATOM   12   C  CB  . ALA A 1 60  ? -1.924  -9.536  -15.737 1.00 56.73 ? 59  ALA A CB  1 
ATOM   13   N  N   . ALA A 1 61  ? -1.615  -6.583  -14.612 1.00 51.44 ? 60  ALA A N   1 
ATOM   14   C  CA  . ALA A 1 61  ? -2.204  -5.286  -14.296 1.00 48.71 ? 60  ALA A CA  1 
ATOM   15   C  C   . ALA A 1 61  ? -3.694  -5.280  -14.617 1.00 47.32 ? 60  ALA A C   1 
ATOM   16   O  O   . ALA A 1 61  ? -4.100  -5.728  -15.692 1.00 47.25 ? 60  ALA A O   1 
ATOM   17   C  CB  . ALA A 1 61  ? -1.497  -4.181  -15.070 1.00 47.30 ? 60  ALA A CB  1 
ATOM   18   N  N   . ALA A 1 62  ? -4.506  -4.799  -13.679 1.00 45.40 ? 61  ALA A N   1 
ATOM   19   C  CA  . ALA A 1 62  ? -5.940  -4.726  -13.894 1.00 44.00 ? 61  ALA A CA  1 
ATOM   20   C  C   . ALA A 1 62  ? -6.234  -3.628  -14.915 1.00 43.88 ? 61  ALA A C   1 
ATOM   21   O  O   . ALA A 1 62  ? -5.521  -2.624  -14.985 1.00 43.46 ? 61  ALA A O   1 
ATOM   22   C  CB  . ALA A 1 62  ? -6.674  -4.455  -12.591 1.00 42.21 ? 61  ALA A CB  1 
ATOM   23   N  N   . GLN A 1 63  ? -7.274  -3.846  -15.716 1.00 43.51 ? 62  GLN A N   1 
ATOM   24   C  CA  . GLN A 1 63  ? -7.725  -2.875  -16.701 1.00 43.36 ? 62  GLN A CA  1 
ATOM   25   C  C   . GLN A 1 63  ? -8.957  -2.182  -16.184 1.00 41.55 ? 62  GLN A C   1 
ATOM   26   O  O   . GLN A 1 63  ? -9.772  -2.781  -15.487 1.00 41.62 ? 62  GLN A O   1 
ATOM   27   C  CB  . GLN A 1 63  ? -8.083  -3.548  -18.022 1.00 43.93 ? 62  GLN A CB  1 
ATOM   28   C  CG  . GLN A 1 63  ? -6.900  -4.031  -18.825 1.00 47.30 ? 62  GLN A CG  1 
ATOM   29   C  CD  . GLN A 1 63  ? -7.339  -4.814  -20.037 1.00 55.66 ? 62  GLN A CD  1 
ATOM   30   O  OE1 . GLN A 1 63  ? -7.067  -4.428  -21.172 1.00 65.47 ? 62  GLN A OE1 1 
ATOM   31   N  NE2 . GLN A 1 63  ? -8.062  -5.903  -19.806 1.00 57.42 ? 62  GLN A NE2 1 
ATOM   32   N  N   . ARG A 1 64  ? -9.087  -0.911  -16.532 1.00 39.66 ? 63  ARG A N   1 
ATOM   33   C  CA  . ARG A 1 64  ? -10.263 -0.148  -16.172 1.00 38.06 ? 63  ARG A CA  1 
ATOM   34   C  C   . ARG A 1 64  ? -11.458 -0.720  -16.940 1.00 37.50 ? 63  ARG A C   1 
ATOM   35   O  O   . ARG A 1 64  ? -11.305 -1.123  -18.094 1.00 36.53 ? 63  ARG A O   1 
ATOM   36   C  CB  . ARG A 1 64  ? -10.074 1.314   -16.549 1.00 38.06 ? 63  ARG A CB  1 
ATOM   37   C  CG  . ARG A 1 64  ? -9.016  2.065   -15.749 1.00 35.61 ? 63  ARG A CG  1 
ATOM   38   C  CD  . ARG A 1 64  ? -9.527  2.424   -14.364 1.00 33.60 ? 63  ARG A CD  1 
ATOM   39   N  NE  . ARG A 1 64  ? -8.711  3.476   -13.768 1.00 33.43 ? 63  ARG A NE  1 
ATOM   40   C  CZ  . ARG A 1 64  ? -9.083  4.251   -12.754 1.00 31.24 ? 63  ARG A CZ  1 
ATOM   41   N  NH1 . ARG A 1 64  ? -10.278 4.118   -12.186 1.00 34.65 ? 63  ARG A NH1 1 
ATOM   42   N  NH2 . ARG A 1 64  ? -8.250  5.183   -12.306 1.00 32.25 ? 63  ARG A NH2 1 
ATOM   43   N  N   . PRO A 1 65  ? -12.655 -0.746  -16.322 1.00 36.55 ? 64  PRO A N   1 
ATOM   44   C  CA  . PRO A 1 65  ? -12.995 -0.282  -14.980 1.00 35.27 ? 64  PRO A CA  1 
ATOM   45   C  C   . PRO A 1 65  ? -12.589 -1.291  -13.907 1.00 34.30 ? 64  PRO A C   1 
ATOM   46   O  O   . PRO A 1 65  ? -12.722 -2.493  -14.119 1.00 34.14 ? 64  PRO A O   1 
ATOM   47   C  CB  . PRO A 1 65  ? -14.517 -0.174  -15.043 1.00 34.66 ? 64  PRO A CB  1 
ATOM   48   C  CG  . PRO A 1 65  ? -14.918 -1.255  -15.965 1.00 33.37 ? 64  PRO A CG  1 
ATOM   49   C  CD  . PRO A 1 65  ? -13.795 -1.439  -16.951 1.00 34.96 ? 64  PRO A CD  1 
ATOM   50   N  N   . TYR A 1 66  ? -12.075 -0.813  -12.780 1.00 33.78 ? 65  TYR A N   1 
ATOM   51   C  CA  . TYR A 1 66  ? -11.725 -1.713  -11.691 1.00 33.91 ? 65  TYR A CA  1 
ATOM   52   C  C   . TYR A 1 66  ? -13.000 -2.167  -10.982 1.00 35.01 ? 65  TYR A C   1 
ATOM   53   O  O   . TYR A 1 66  ? -13.049 -3.267  -10.424 1.00 34.04 ? 65  TYR A O   1 
ATOM   54   C  CB  . TYR A 1 66  ? -10.771 -1.063  -10.694 1.00 33.44 ? 65  TYR A CB  1 
ATOM   55   C  CG  . TYR A 1 66  ? -9.489  -0.488  -11.271 1.00 29.47 ? 65  TYR A CG  1 
ATOM   56   C  CD1 . TYR A 1 66  ? -8.777  -1.139  -12.275 1.00 28.15 ? 65  TYR A CD1 1 
ATOM   57   C  CD2 . TYR A 1 66  ? -8.946  0.676   -10.742 1.00 31.87 ? 65  TYR A CD2 1 
ATOM   58   C  CE1 . TYR A 1 66  ? -7.596  -0.602  -12.782 1.00 27.02 ? 65  TYR A CE1 1 
ATOM   59   C  CE2 . TYR A 1 66  ? -7.771  1.210   -11.230 1.00 28.98 ? 65  TYR A CE2 1 
ATOM   60   C  CZ  . TYR A 1 66  ? -7.100  0.573   -12.244 1.00 28.69 ? 65  TYR A CZ  1 
ATOM   61   O  OH  . TYR A 1 66  ? -5.924  1.126   -12.697 1.00 34.15 ? 65  TYR A OH  1 
ATOM   62   N  N   . SER A 1 67  ? -14.029 -1.319  -11.016 1.00 36.04 ? 66  SER A N   1 
ATOM   63   C  CA  . SER A 1 67  ? -15.319 -1.645  -10.419 1.00 37.08 ? 66  SER A CA  1 
ATOM   64   C  C   . SER A 1 67  ? -16.064 -2.535  -11.403 1.00 37.90 ? 66  SER A C   1 
ATOM   65   O  O   . SER A 1 67  ? -16.059 -2.274  -12.603 1.00 38.39 ? 66  SER A O   1 
ATOM   66   C  CB  . SER A 1 67  ? -16.128 -0.378  -10.094 1.00 37.76 ? 66  SER A CB  1 
ATOM   67   O  OG  . SER A 1 67  ? -15.461 0.462   -9.148  1.00 35.61 ? 66  SER A OG  1 
ATOM   68   N  N   . ASP A 1 68  ? -16.678 -3.595  -10.883 1.00 38.35 ? 67  ASP A N   1 
ATOM   69   C  CA  . ASP A 1 68  ? -17.400 -4.575  -11.684 1.00 38.08 ? 67  ASP A CA  1 
ATOM   70   C  C   . ASP A 1 68  ? -18.821 -4.680  -11.144 1.00 38.46 ? 67  ASP A C   1 
ATOM   71   O  O   . ASP A 1 68  ? -19.000 -5.005  -9.972  1.00 37.03 ? 67  ASP A O   1 
ATOM   72   C  CB  . ASP A 1 68  ? -16.684 -5.922  -11.597 1.00 38.73 ? 67  ASP A CB  1 
ATOM   73   C  CG  . ASP A 1 68  ? -17.375 -7.026  -12.377 1.00 39.91 ? 67  ASP A CG  1 
ATOM   74   O  OD1 . ASP A 1 68  ? -18.619 -7.112  -12.377 1.00 41.81 ? 67  ASP A OD1 1 
ATOM   75   O  OD2 . ASP A 1 68  ? -16.651 -7.852  -12.965 1.00 44.52 ? 67  ASP A OD2 1 
ATOM   76   N  N   . PRO A 1 69  ? -19.837 -4.398  -11.993 1.00 39.76 ? 68  PRO A N   1 
ATOM   77   C  CA  . PRO A 1 69  ? -21.249 -4.467  -11.595 1.00 39.76 ? 68  PRO A CA  1 
ATOM   78   C  C   . PRO A 1 69  ? -21.671 -5.770  -10.904 1.00 40.25 ? 68  PRO A C   1 
ATOM   79   O  O   . PRO A 1 69  ? -22.399 -5.727  -9.914  1.00 39.02 ? 68  PRO A O   1 
ATOM   80   C  CB  . PRO A 1 69  ? -21.983 -4.343  -12.929 1.00 40.36 ? 68  PRO A CB  1 
ATOM   81   C  CG  . PRO A 1 69  ? -21.078 -3.547  -13.785 1.00 40.53 ? 68  PRO A CG  1 
ATOM   82   C  CD  . PRO A 1 69  ? -19.684 -3.855  -13.360 1.00 39.19 ? 68  PRO A CD  1 
ATOM   83   N  N   . SER A 1 70  ? -21.194 -6.905  -11.410 1.00 41.79 ? 69  SER A N   1 
ATOM   84   C  CA  . SER A 1 70  ? -21.555 -8.224  -10.876 1.00 43.84 ? 69  SER A CA  1 
ATOM   85   C  C   . SER A 1 70  ? -20.727 -8.679  -9.650  1.00 45.36 ? 69  SER A C   1 
ATOM   86   O  O   . SER A 1 70  ? -20.758 -9.859  -9.283  1.00 46.11 ? 69  SER A O   1 
ATOM   87   C  CB  . SER A 1 70  ? -21.458 -9.271  -11.996 1.00 44.02 ? 69  SER A CB  1 
ATOM   88   O  OG  . SER A 1 70  ? -20.124 -9.385  -12.470 1.00 47.33 ? 69  SER A OG  1 
ATOM   89   N  N   . ASP A 1 71  ? -19.984 -7.759  -9.032  1.00 45.47 ? 70  ASP A N   1 
ATOM   90   C  CA  . ASP A 1 71  ? -19.224 -8.049  -7.829  1.00 45.05 ? 70  ASP A CA  1 
ATOM   91   C  C   . ASP A 1 71  ? -19.265 -6.783  -6.963  1.00 44.95 ? 70  ASP A C   1 
ATOM   92   O  O   . ASP A 1 71  ? -18.298 -6.016  -6.944  1.00 45.15 ? 70  ASP A O   1 
ATOM   93   C  CB  . ASP A 1 71  ? -17.793 -8.472  -8.179  1.00 45.59 ? 70  ASP A CB  1 
ATOM   94   C  CG  . ASP A 1 71  ? -17.003 -8.979  -6.967  1.00 46.49 ? 70  ASP A CG  1 
ATOM   95   O  OD1 . ASP A 1 71  ? -17.508 -8.900  -5.826  1.00 45.83 ? 70  ASP A OD1 1 
ATOM   96   O  OD2 . ASP A 1 71  ? -15.868 -9.466  -7.160  1.00 46.62 ? 70  ASP A OD2 1 
ATOM   97   N  N   . PRO A 1 72  ? -20.377 -6.569  -6.221  1.00 44.92 ? 71  PRO A N   1 
ATOM   98   C  CA  . PRO A 1 72  ? -20.561 -5.359  -5.385  1.00 44.35 ? 71  PRO A CA  1 
ATOM   99   C  C   . PRO A 1 72  ? -19.336 -4.980  -4.574  1.00 43.32 ? 71  PRO A C   1 
ATOM   100  O  O   . PRO A 1 72  ? -19.074 -3.803  -4.339  1.00 43.72 ? 71  PRO A O   1 
ATOM   101  C  CB  . PRO A 1 72  ? -21.699 -5.749  -4.430  1.00 44.58 ? 71  PRO A CB  1 
ATOM   102  C  CG  . PRO A 1 72  ? -21.833 -7.225  -4.543  1.00 46.28 ? 71  PRO A CG  1 
ATOM   103  C  CD  . PRO A 1 72  ? -21.433 -7.560  -5.942  1.00 45.48 ? 71  PRO A CD  1 
ATOM   104  N  N   . ARG A 1 73  ? -18.618 -6.007  -4.146  1.00 42.20 ? 72  ARG A N   1 
ATOM   105  C  CA  . ARG A 1 73  ? -17.365 -5.914  -3.399  1.00 41.91 ? 72  ARG A CA  1 
ATOM   106  C  C   . ARG A 1 73  ? -16.333 -4.945  -4.036  1.00 41.13 ? 72  ARG A C   1 
ATOM   107  O  O   . ARG A 1 73  ? -15.510 -4.354  -3.331  1.00 41.49 ? 72  ARG A O   1 
ATOM   108  C  CB  . ARG A 1 73  ? -16.815 -7.334  -3.347  1.00 42.08 ? 72  ARG A CB  1 
ATOM   109  C  CG  . ARG A 1 73  ? -15.990 -7.761  -2.175  1.00 42.50 ? 72  ARG A CG  1 
ATOM   110  C  CD  . ARG A 1 73  ? -15.998 -9.317  -2.097  1.00 42.34 ? 72  ARG A CD  1 
ATOM   111  N  NE  . ARG A 1 73  ? -15.754 -9.969  -3.398  1.00 42.89 ? 72  ARG A NE  1 
ATOM   112  C  CZ  . ARG A 1 73  ? -15.456 -11.256 -3.582  1.00 43.10 ? 72  ARG A CZ  1 
ATOM   113  N  NH1 . ARG A 1 73  ? -15.335 -12.095 -2.560  1.00 44.96 ? 72  ARG A NH1 1 
ATOM   114  N  NH2 . ARG A 1 73  ? -15.250 -11.706 -4.817  1.00 42.07 ? 72  ARG A NH2 1 
ATOM   115  N  N   . THR A 1 74  ? -16.397 -4.776  -5.361  1.00 39.04 ? 73  THR A N   1 
ATOM   116  C  CA  . THR A 1 74  ? -15.503 -3.879  -6.099  1.00 36.92 ? 73  THR A CA  1 
ATOM   117  C  C   . THR A 1 74  ? -16.100 -2.503  -6.436  1.00 35.72 ? 73  THR A C   1 
ATOM   118  O  O   . THR A 1 74  ? -15.445 -1.682  -7.066  1.00 36.12 ? 73  THR A O   1 
ATOM   119  C  CB  . THR A 1 74  ? -15.117 -4.523  -7.433  1.00 36.53 ? 73  THR A CB  1 
ATOM   120  O  OG1 . THR A 1 74  ? -16.280 -4.620  -8.260  1.00 33.93 ? 73  THR A OG1 1 
ATOM   121  C  CG2 . THR A 1 74  ? -14.556 -5.911  -7.214  1.00 35.50 ? 73  THR A CG2 1 
ATOM   122  N  N   . ALA A 1 75  ? -17.320 -2.242  -5.994  1.00 35.27 ? 74  ALA A N   1 
ATOM   123  C  CA  . ALA A 1 75  ? -18.062 -1.020  -6.353  1.00 35.56 ? 74  ALA A CA  1 
ATOM   124  C  C   . ALA A 1 75  ? -17.285 0.299   -6.390  1.00 34.98 ? 74  ALA A C   1 
ATOM   125  O  O   . ALA A 1 75  ? -17.342 1.051   -7.370  1.00 35.09 ? 74  ALA A O   1 
ATOM   126  C  CB  . ALA A 1 75  ? -19.260 -0.864  -5.400  1.00 34.95 ? 74  ALA A CB  1 
ATOM   127  N  N   . TYR A 1 76  ? -16.528 0.526   -5.328  1.00 33.99 ? 75  TYR A N   1 
ATOM   128  C  CA  A TYR A 1 76  ? -15.812 1.799   -5.160  0.50 33.22 ? 75  TYR A CA  1 
ATOM   129  C  CA  B TYR A 1 76  ? -15.777 1.755   -5.081  0.50 33.77 ? 75  TYR A CA  1 
ATOM   130  C  C   . TYR A 1 76  ? -14.361 1.820   -5.665  1.00 33.69 ? 75  TYR A C   1 
ATOM   131  O  O   . TYR A 1 76  ? -13.687 2.850   -5.549  1.00 34.10 ? 75  TYR A O   1 
ATOM   132  C  CB  A TYR A 1 76  ? -15.849 2.236   -3.686  0.50 33.00 ? 75  TYR A CB  1 
ATOM   133  C  CB  B TYR A 1 76  ? -15.686 1.951   -3.551  0.50 33.97 ? 75  TYR A CB  1 
ATOM   134  C  CG  A TYR A 1 76  ? -17.242 2.455   -3.127  0.50 30.20 ? 75  TYR A CG  1 
ATOM   135  C  CG  B TYR A 1 76  ? -15.228 0.712   -2.768  0.50 33.71 ? 75  TYR A CG  1 
ATOM   136  C  CD1 A TYR A 1 76  ? -18.016 3.534   -3.538  0.50 22.18 ? 75  TYR A CD1 1 
ATOM   137  C  CD1 B TYR A 1 76  ? -13.876 0.422   -2.602  0.50 34.98 ? 75  TYR A CD1 1 
ATOM   138  C  CD2 A TYR A 1 76  ? -17.765 1.609   -2.155  0.50 30.29 ? 75  TYR A CD2 1 
ATOM   139  C  CD2 B TYR A 1 76  ? -16.154 -0.157  -2.194  0.50 30.05 ? 75  TYR A CD2 1 
ATOM   140  C  CE1 A TYR A 1 76  ? -19.273 3.742   -3.027  0.50 19.26 ? 75  TYR A CE1 1 
ATOM   141  C  CE1 B TYR A 1 76  ? -13.466 -0.695  -1.896  0.50 31.48 ? 75  TYR A CE1 1 
ATOM   142  C  CE2 A TYR A 1 76  ? -19.028 1.814   -1.637  0.50 26.38 ? 75  TYR A CE2 1 
ATOM   143  C  CE2 B TYR A 1 76  ? -15.756 -1.276  -1.491  0.50 29.23 ? 75  TYR A CE2 1 
ATOM   144  C  CZ  A TYR A 1 76  ? -19.772 2.879   -2.079  0.50 22.44 ? 75  TYR A CZ  1 
ATOM   145  C  CZ  B TYR A 1 76  ? -14.412 -1.544  -1.341  0.50 32.76 ? 75  TYR A CZ  1 
ATOM   146  O  OH  A TYR A 1 76  ? -21.021 3.075   -1.558  0.50 25.98 ? 75  TYR A OH  1 
ATOM   147  O  OH  B TYR A 1 76  ? -14.019 -2.667  -0.635  0.50 27.19 ? 75  TYR A OH  1 
ATOM   148  N  N   . PHE A 1 77  ? -13.886 0.735   -6.276  1.00 33.07 ? 76  PHE A N   1 
ATOM   149  C  CA  . PHE A 1 77  ? -12.483 0.709   -6.729  1.00 32.57 ? 76  PHE A CA  1 
ATOM   150  C  C   . PHE A 1 77  ? -12.016 1.847   -7.652  1.00 33.54 ? 76  PHE A C   1 
ATOM   151  O  O   . PHE A 1 77  ? -10.924 2.398   -7.451  1.00 33.14 ? 76  PHE A O   1 
ATOM   152  C  CB  . PHE A 1 77  ? -12.110 -0.636  -7.366  1.00 32.28 ? 76  PHE A CB  1 
ATOM   153  C  CG  . PHE A 1 77  ? -12.147 -1.823  -6.419  1.00 29.93 ? 76  PHE A CG  1 
ATOM   154  C  CD1 . PHE A 1 77  ? -12.268 -1.686  -5.045  1.00 35.01 ? 76  PHE A CD1 1 
ATOM   155  C  CD2 . PHE A 1 77  ? -11.940 -3.088  -6.923  1.00 33.48 ? 76  PHE A CD2 1 
ATOM   156  C  CE1 . PHE A 1 77  ? -12.268 -2.808  -4.215  1.00 39.98 ? 76  PHE A CE1 1 
ATOM   157  C  CE2 . PHE A 1 77  ? -11.925 -4.192  -6.104  1.00 37.90 ? 76  PHE A CE2 1 
ATOM   158  C  CZ  . PHE A 1 77  ? -12.089 -4.053  -4.747  1.00 36.92 ? 76  PHE A CZ  1 
ATOM   159  N  N   . ASP A 1 78  ? -12.814 2.200   -8.647  1.00 33.87 ? 77  ASP A N   1 
ATOM   160  C  CA  . ASP A 1 78  ? -12.416 3.262   -9.570  1.00 34.50 ? 77  ASP A CA  1 
ATOM   161  C  C   . ASP A 1 78  ? -12.411 4.629   -8.897  1.00 35.47 ? 77  ASP A C   1 
ATOM   162  O  O   . ASP A 1 78  ? -11.584 5.488   -9.219  1.00 35.41 ? 77  ASP A O   1 
ATOM   163  C  CB  . ASP A 1 78  ? -13.347 3.280   -10.783 1.00 35.23 ? 77  ASP A CB  1 
ATOM   164  C  CG  . ASP A 1 78  ? -13.126 2.098   -11.697 1.00 36.69 ? 77  ASP A CG  1 
ATOM   165  O  OD1 . ASP A 1 78  ? -12.053 2.038   -12.336 1.00 40.14 ? 77  ASP A OD1 1 
ATOM   166  O  OD2 . ASP A 1 78  ? -14.022 1.234   -11.800 1.00 39.76 ? 77  ASP A OD2 1 
ATOM   167  N  N   . GLU A 1 79  ? -13.340 4.819   -7.967  1.00 36.36 ? 78  GLU A N   1 
ATOM   168  C  CA  . GLU A 1 79  ? -13.484 6.076   -7.242  1.00 37.87 ? 78  GLU A CA  1 
ATOM   169  C  C   . GLU A 1 79  ? -12.324 6.275   -6.269  1.00 37.37 ? 78  GLU A C   1 
ATOM   170  O  O   . GLU A 1 79  ? -11.790 7.385   -6.144  1.00 38.38 ? 78  GLU A O   1 
ATOM   171  C  CB  . GLU A 1 79  ? -14.820 6.068   -6.496  1.00 39.87 ? 78  GLU A CB  1 
ATOM   172  C  CG  . GLU A 1 79  ? -15.238 7.392   -5.868  1.00 44.35 ? 78  GLU A CG  1 
ATOM   173  C  CD  . GLU A 1 79  ? -16.545 7.274   -5.085  1.00 51.20 ? 78  GLU A CD  1 
ATOM   174  O  OE1 . GLU A 1 79  ? -17.286 6.274   -5.277  1.00 50.19 ? 78  GLU A OE1 1 
ATOM   175  O  OE2 . GLU A 1 79  ? -16.821 8.192   -4.277  1.00 51.03 ? 78  GLU A OE2 1 
ATOM   176  N  N   . VAL A 1 80  ? -11.932 5.198   -5.592  1.00 35.90 ? 79  VAL A N   1 
ATOM   177  C  CA  . VAL A 1 80  ? -10.805 5.244   -4.666  1.00 35.40 ? 79  VAL A CA  1 
ATOM   178  C  C   . VAL A 1 80  ? -9.512  5.507   -5.446  1.00 34.97 ? 79  VAL A C   1 
ATOM   179  O  O   . VAL A 1 80  ? -8.715  6.369   -5.052  1.00 34.10 ? 79  VAL A O   1 
ATOM   180  C  CB  . VAL A 1 80  ? -10.697 3.952   -3.829  1.00 34.74 ? 79  VAL A CB  1 
ATOM   181  C  CG1 . VAL A 1 80  ? -9.544  4.035   -2.878  1.00 35.70 ? 79  VAL A CG1 1 
ATOM   182  C  CG2 . VAL A 1 80  ? -11.977 3.730   -3.033  1.00 38.44 ? 79  VAL A CG2 1 
ATOM   183  N  N   . ALA A 1 81  ? -9.334  4.794   -6.564  1.00 34.34 ? 80  ALA A N   1 
ATOM   184  C  CA  . ALA A 1 81  ? -8.168  4.970   -7.435  1.00 33.19 ? 80  ALA A CA  1 
ATOM   185  C  C   . ALA A 1 81  ? -8.061  6.414   -7.926  1.00 33.59 ? 80  ALA A C   1 
ATOM   186  O  O   . ALA A 1 81  ? -6.982  7.001   -7.913  1.00 32.22 ? 80  ALA A O   1 
ATOM   187  C  CB  . ALA A 1 81  ? -8.234  4.014   -8.603  1.00 32.21 ? 80  ALA A CB  1 
ATOM   188  N  N   . ASP A 1 82  ? -9.187  6.986   -8.346  1.00 35.27 ? 81  ASP A N   1 
ATOM   189  C  CA  . ASP A 1 82  ? -9.222  8.376   -8.801  1.00 35.86 ? 81  ASP A CA  1 
ATOM   190  C  C   . ASP A 1 82  ? -8.804  9.315   -7.683  1.00 36.56 ? 81  ASP A C   1 
ATOM   191  O  O   . ASP A 1 82  ? -7.933  10.173  -7.878  1.00 36.25 ? 81  ASP A O   1 
ATOM   192  C  CB  . ASP A 1 82  ? -10.627 8.777   -9.264  1.00 36.83 ? 81  ASP A CB  1 
ATOM   193  C  CG  . ASP A 1 82  ? -11.002 8.220   -10.640 1.00 38.35 ? 81  ASP A CG  1 
ATOM   194  O  OD1 . ASP A 1 82  ? -10.218 7.450   -11.247 1.00 32.94 ? 81  ASP A OD1 1 
ATOM   195  O  OD2 . ASP A 1 82  ? -12.108 8.578   -11.109 1.00 39.65 ? 81  ASP A OD2 1 
ATOM   196  N  N   . ALA A 1 83  ? -9.429  9.136   -6.514  1.00 36.63 ? 82  ALA A N   1 
ATOM   197  C  CA  . ALA A 1 83  ? -9.172  9.966   -5.330  1.00 35.76 ? 82  ALA A CA  1 
ATOM   198  C  C   . ALA A 1 83  ? -7.708  9.925   -4.928  1.00 37.65 ? 82  ALA A C   1 
ATOM   199  O  O   . ALA A 1 83  ? -7.139  10.942  -4.513  1.00 39.39 ? 82  ALA A O   1 
ATOM   200  C  CB  . ALA A 1 83  ? -10.036 9.523   -4.175  1.00 33.15 ? 82  ALA A CB  1 
ATOM   201  N  N   . LEU A 1 84  ? -7.098  8.751   -5.050  1.00 38.37 ? 83  LEU A N   1 
ATOM   202  C  CA  . LEU A 1 84  ? -5.692  8.604   -4.727  1.00 38.61 ? 83  LEU A CA  1 
ATOM   203  C  C   . LEU A 1 84  ? -4.838  9.373   -5.749  1.00 40.76 ? 83  LEU A C   1 
ATOM   204  O  O   . LEU A 1 84  ? -3.902  10.061  -5.360  1.00 42.03 ? 83  LEU A O   1 
ATOM   205  C  CB  . LEU A 1 84  ? -5.312  7.123   -4.655  1.00 37.21 ? 83  LEU A CB  1 
ATOM   206  C  CG  . LEU A 1 84  ? -3.877  6.781   -4.260  1.00 36.25 ? 83  LEU A CG  1 
ATOM   207  C  CD1 . LEU A 1 84  ? -3.453  7.526   -3.006  1.00 36.38 ? 83  LEU A CD1 1 
ATOM   208  C  CD2 . LEU A 1 84  ? -3.726  5.274   -4.069  1.00 36.44 ? 83  LEU A CD2 1 
ATOM   209  N  N   . GLU A 1 85  ? -5.164  9.275   -7.041  1.00 42.70 ? 84  GLU A N   1 
ATOM   210  C  CA  . GLU A 1 85  ? -4.439  10.036  -8.072  1.00 43.83 ? 84  GLU A CA  1 
ATOM   211  C  C   . GLU A 1 85  ? -4.517  11.529  -7.786  1.00 44.58 ? 84  GLU A C   1 
ATOM   212  O  O   . GLU A 1 85  ? -3.510  12.236  -7.883  1.00 44.07 ? 84  GLU A O   1 
ATOM   213  C  CB  . GLU A 1 85  ? -4.983  9.750   -9.483  1.00 44.02 ? 84  GLU A CB  1 
ATOM   214  N  N   . ARG A 1 86  ? -5.708  11.995  -7.410  1.00 45.36 ? 85  ARG A N   1 
ATOM   215  C  CA  . ARG A 1 86  ? -5.930  13.412  -7.121  1.00 46.38 ? 85  ARG A CA  1 
ATOM   216  C  C   . ARG A 1 86  ? -5.087  13.906  -5.945  1.00 46.52 ? 85  ARG A C   1 
ATOM   217  O  O   . ARG A 1 86  ? -4.422  14.938  -6.067  1.00 46.97 ? 85  ARG A O   1 
ATOM   218  C  CB  . ARG A 1 86  ? -7.414  13.682  -6.867  1.00 46.61 ? 85  ARG A CB  1 
ATOM   219  C  CG  . ARG A 1 86  ? -7.757  15.151  -6.663  1.00 50.83 ? 85  ARG A CG  1 
ATOM   220  C  CD  . ARG A 1 86  ? -9.261  15.381  -6.722  1.00 58.03 ? 85  ARG A CD  1 
ATOM   221  N  NE  . ARG A 1 86  ? -9.976  14.548  -5.753  1.00 65.54 ? 85  ARG A NE  1 
ATOM   222  C  CZ  . ARG A 1 86  ? -11.299 14.512  -5.607  1.00 69.27 ? 85  ARG A CZ  1 
ATOM   223  N  NH1 . ARG A 1 86  ? -12.093 15.275  -6.361  1.00 72.76 ? 85  ARG A NH1 1 
ATOM   224  N  NH2 . ARG A 1 86  ? -11.833 13.708  -4.685  1.00 68.28 ? 85  ARG A NH2 1 
ATOM   225  N  N   . SER A 1 87  ? -5.114  13.180  -4.824  1.00 45.90 ? 86  SER A N   1 
ATOM   226  C  CA  . SER A 1 87  ? -4.326  13.560  -3.647  1.00 45.83 ? 86  SER A CA  1 
ATOM   227  C  C   . SER A 1 87  ? -2.851  13.747  -3.962  1.00 46.66 ? 86  SER A C   1 
ATOM   228  O  O   . SER A 1 87  ? -2.236  14.738  -3.552  1.00 47.75 ? 86  SER A O   1 
ATOM   229  C  CB  . SER A 1 87  ? -4.443  12.528  -2.526  1.00 45.74 ? 86  SER A CB  1 
ATOM   230  O  OG  . SER A 1 87  ? -5.582  12.755  -1.722  1.00 48.26 ? 86  SER A OG  1 
ATOM   231  N  N   . LEU A 1 88  ? -2.286  12.796  -4.692  1.00 46.67 ? 87  LEU A N   1 
ATOM   232  C  CA  . LEU A 1 88  ? -0.863  12.838  -5.013  1.00 46.74 ? 87  LEU A CA  1 
ATOM   233  C  C   . LEU A 1 88  ? -0.537  13.995  -5.978  1.00 47.43 ? 87  LEU A C   1 
ATOM   234  O  O   . LEU A 1 88  ? 0.505   14.641  -5.819  1.00 48.51 ? 87  LEU A O   1 
ATOM   235  C  CB  . LEU A 1 88  ? -0.385  11.471  -5.537  1.00 46.19 ? 87  LEU A CB  1 
ATOM   236  C  CG  . LEU A 1 88  ? -0.596  10.288  -4.571  1.00 43.07 ? 87  LEU A CG  1 
ATOM   237  C  CD1 . LEU A 1 88  ? -0.150  8.988   -5.211  1.00 38.46 ? 87  LEU A CD1 1 
ATOM   238  C  CD2 . LEU A 1 88  ? 0.118   10.496  -3.245  1.00 39.32 ? 87  LEU A CD2 1 
ATOM   239  N  N   . LYS A 1 89  ? -1.410  14.271  -6.951  1.00 46.58 ? 88  LYS A N   1 
ATOM   240  C  CA  . LYS A 1 89  ? -1.194  15.416  -7.851  1.00 46.51 ? 88  LYS A CA  1 
ATOM   241  C  C   . LYS A 1 89  ? -1.130  16.697  -7.017  1.00 46.28 ? 88  LYS A C   1 
ATOM   242  O  O   . LYS A 1 89  ? -0.235  17.520  -7.204  1.00 44.55 ? 88  LYS A O   1 
ATOM   243  C  CB  . LYS A 1 89  ? -2.287  15.532  -8.924  1.00 45.45 ? 88  LYS A CB  1 
ATOM   244  N  N   . GLU A 1 90  ? -2.061  16.822  -6.068  1.00 46.91 ? 89  GLU A N   1 
ATOM   245  C  CA  . GLU A 1 90  ? -2.151  17.990  -5.179  1.00 47.28 ? 89  GLU A CA  1 
ATOM   246  C  C   . GLU A 1 90  ? -0.876  18.289  -4.386  1.00 47.43 ? 89  GLU A C   1 
ATOM   247  O  O   . GLU A 1 90  ? -0.602  19.454  -4.093  1.00 48.09 ? 89  GLU A O   1 
ATOM   248  C  CB  . GLU A 1 90  ? -3.357  17.864  -4.242  1.00 47.31 ? 89  GLU A CB  1 
ATOM   249  C  CG  . GLU A 1 90  ? -4.676  18.051  -4.977  1.00 49.62 ? 89  GLU A CG  1 
ATOM   250  C  CD  . GLU A 1 90  ? -5.886  17.838  -4.099  1.00 53.48 ? 89  GLU A CD  1 
ATOM   251  O  OE1 . GLU A 1 90  ? -5.722  17.398  -2.942  1.00 55.05 ? 89  GLU A OE1 1 
ATOM   252  O  OE2 . GLU A 1 90  ? -7.010  18.108  -4.575  1.00 56.21 ? 89  GLU A OE2 1 
ATOM   253  N  N   . ILE A 1 91  ? -0.111  17.257  -4.029  1.00 47.40 ? 90  ILE A N   1 
ATOM   254  C  CA  . ILE A 1 91  ? 1.173   17.471  -3.348  1.00 47.55 ? 90  ILE A CA  1 
ATOM   255  C  C   . ILE A 1 91  ? 2.353   17.325  -4.333  1.00 48.25 ? 90  ILE A C   1 
ATOM   256  O  O   . ILE A 1 91  ? 3.480   17.069  -3.917  1.00 48.25 ? 90  ILE A O   1 
ATOM   257  C  CB  . ILE A 1 91  ? 1.368   16.566  -2.084  1.00 47.69 ? 90  ILE A CB  1 
ATOM   258  C  CG1 . ILE A 1 91  ? 1.447   15.075  -2.447  1.00 48.30 ? 90  ILE A CG1 1 
ATOM   259  C  CG2 . ILE A 1 91  ? 0.250   16.822  -1.064  1.00 46.97 ? 90  ILE A CG2 1 
ATOM   260  C  CD1 . ILE A 1 91  ? 1.936   14.203  -1.313  1.00 44.40 ? 90  ILE A CD1 1 
ATOM   261  N  N   . GLY A 1 92  ? 2.088   17.480  -5.633  1.00 49.55 ? 91  GLY A N   1 
ATOM   262  C  CA  . GLY A 1 92  ? 3.129   17.429  -6.669  1.00 49.90 ? 91  GLY A CA  1 
ATOM   263  C  C   . GLY A 1 92  ? 3.767   16.081  -6.976  1.00 50.28 ? 91  GLY A C   1 
ATOM   264  O  O   . GLY A 1 92  ? 4.965   16.019  -7.252  1.00 50.48 ? 91  GLY A O   1 
ATOM   265  N  N   . THR A 1 93  ? 2.976   15.010  -6.945  1.00 50.60 ? 92  THR A N   1 
ATOM   266  C  CA  . THR A 1 93  ? 3.469   13.661  -7.245  1.00 50.44 ? 92  THR A CA  1 
ATOM   267  C  C   . THR A 1 93  ? 2.591   12.983  -8.302  1.00 50.81 ? 92  THR A C   1 
ATOM   268  O  O   . THR A 1 93  ? 1.400   12.761  -8.064  1.00 50.20 ? 92  THR A O   1 
ATOM   269  C  CB  . THR A 1 93  ? 3.505   12.773  -5.990  1.00 50.19 ? 92  THR A CB  1 
ATOM   270  O  OG1 . THR A 1 93  ? 4.267   13.419  -4.972  1.00 48.79 ? 92  THR A OG1 1 
ATOM   271  C  CG2 . THR A 1 93  ? 4.134   11.424  -6.301  1.00 49.22 ? 92  THR A CG2 1 
ATOM   272  N  N   . PRO A 1 94  ? 3.161   12.693  -9.489  1.00 51.61 ? 93  PRO A N   1 
ATOM   273  C  CA  . PRO A 1 94  ? 2.381   11.977  -10.498 1.00 51.39 ? 93  PRO A CA  1 
ATOM   274  C  C   . PRO A 1 94  ? 1.968   10.599  -9.986  1.00 50.86 ? 93  PRO A C   1 
ATOM   275  O  O   . PRO A 1 94  ? 2.782   9.900   -9.390  1.00 51.06 ? 93  PRO A O   1 
ATOM   276  C  CB  . PRO A 1 94  ? 3.357   11.826  -11.671 1.00 51.85 ? 93  PRO A CB  1 
ATOM   277  C  CG  . PRO A 1 94  ? 4.385   12.881  -11.488 1.00 52.09 ? 93  PRO A CG  1 
ATOM   278  C  CD  . PRO A 1 94  ? 4.407   13.266  -10.040 1.00 52.26 ? 93  PRO A CD  1 
ATOM   279  N  N   . TYR A 1 95  ? 0.711   10.227  -10.188 1.00 49.93 ? 94  TYR A N   1 
ATOM   280  C  CA  . TYR A 1 95  ? 0.228   8.916   -9.765  1.00 49.78 ? 94  TYR A CA  1 
ATOM   281  C  C   . TYR A 1 95  ? 1.178   7.813   -10.245 1.00 50.56 ? 94  TYR A C   1 
ATOM   282  O  O   . TYR A 1 95  ? 1.655   7.024   -9.433  1.00 51.37 ? 94  TYR A O   1 
ATOM   283  C  CB  . TYR A 1 95  ? -1.180  8.707   -10.308 1.00 48.97 ? 94  TYR A CB  1 
ATOM   284  C  CG  . TYR A 1 95  ? -1.868  7.396   -9.993  1.00 48.37 ? 94  TYR A CG  1 
ATOM   285  C  CD1 . TYR A 1 95  ? -2.634  7.247   -8.846  1.00 50.84 ? 94  TYR A CD1 1 
ATOM   286  C  CD2 . TYR A 1 95  ? -1.826  6.330   -10.886 1.00 50.40 ? 94  TYR A CD2 1 
ATOM   287  C  CE1 . TYR A 1 95  ? -3.307  6.064   -8.575  1.00 48.91 ? 94  TYR A CE1 1 
ATOM   288  C  CE2 . TYR A 1 95  ? -2.501  5.139   -10.622 1.00 48.08 ? 94  TYR A CE2 1 
ATOM   289  C  CZ  . TYR A 1 95  ? -3.238  5.018   -9.465  1.00 47.50 ? 94  TYR A CZ  1 
ATOM   290  O  OH  . TYR A 1 95  ? -3.910  3.852   -9.192  1.00 47.52 ? 94  TYR A OH  1 
ATOM   291  N  N   . ASP A 1 96  ? 1.484   7.806   -11.547 1.00 50.85 ? 95  ASP A N   1 
ATOM   292  C  CA  . ASP A 1 96  ? 2.365   6.793   -12.182 1.00 50.18 ? 95  ASP A CA  1 
ATOM   293  C  C   . ASP A 1 96  ? 3.767   6.675   -11.592 1.00 49.53 ? 95  ASP A C   1 
ATOM   294  O  O   . ASP A 1 96  ? 4.382   5.607   -11.675 1.00 49.68 ? 95  ASP A O   1 
ATOM   295  C  CB  . ASP A 1 96  ? 2.490   7.050   -13.695 1.00 50.43 ? 95  ASP A CB  1 
ATOM   296  C  CG  . ASP A 1 96  ? 1.210   6.733   -14.457 1.00 51.57 ? 95  ASP A CG  1 
ATOM   297  O  OD1 . ASP A 1 96  ? 0.231   6.233   -13.854 1.00 50.84 ? 95  ASP A OD1 1 
ATOM   298  O  OD2 . ASP A 1 96  ? 1.188   6.981   -15.674 1.00 51.98 ? 95  ASP A OD2 1 
ATOM   299  N  N   . THR A 1 97  ? 4.286   7.763   -11.028 1.00 49.24 ? 96  THR A N   1 
ATOM   300  C  CA  . THR A 1 97  ? 5.594   7.719   -10.364 1.00 47.94 ? 96  THR A CA  1 
ATOM   301  C  C   . THR A 1 97  ? 5.485   7.048   -8.982  1.00 45.67 ? 96  THR A C   1 
ATOM   302  O  O   . THR A 1 97  ? 6.436   6.411   -8.539  1.00 46.63 ? 96  THR A O   1 
ATOM   303  C  CB  . THR A 1 97  ? 6.271   9.125   -10.253 1.00 47.98 ? 96  THR A CB  1 
ATOM   304  O  OG1 . THR A 1 97  ? 7.505   9.001   -9.540  1.00 51.15 ? 96  THR A OG1 1 
ATOM   305  C  CG2 . THR A 1 97  ? 5.411   10.108  -9.515  1.00 47.05 ? 96  THR A CG2 1 
ATOM   306  N  N   . ALA A 1 98  ? 4.328   7.166   -8.322  1.00 42.91 ? 97  ALA A N   1 
ATOM   307  C  CA  . ALA A 1 98  ? 4.118   6.572   -6.991  1.00 41.30 ? 97  ALA A CA  1 
ATOM   308  C  C   . ALA A 1 98  ? 3.529   5.161   -7.038  1.00 40.64 ? 97  ALA A C   1 
ATOM   309  O  O   . ALA A 1 98  ? 3.960   4.290   -6.287  1.00 41.89 ? 97  ALA A O   1 
ATOM   310  C  CB  . ALA A 1 98  ? 3.230   7.463   -6.152  1.00 40.40 ? 97  ALA A CB  1 
ATOM   311  N  N   . ILE A 1 99  ? 2.524   4.955   -7.888  1.00 39.01 ? 98  ILE A N   1 
ATOM   312  C  CA  . ILE A 1 99  ? 1.870   3.653   -8.051  1.00 37.08 ? 98  ILE A CA  1 
ATOM   313  C  C   . ILE A 1 99  ? 2.315   3.049   -9.369  1.00 36.97 ? 98  ILE A C   1 
ATOM   314  O  O   . ILE A 1 99  ? 2.080   3.629   -10.423 1.00 37.32 ? 98  ILE A O   1 
ATOM   315  C  CB  . ILE A 1 99  ? 0.345   3.771   -8.061  1.00 36.24 ? 98  ILE A CB  1 
ATOM   316  C  CG1 . ILE A 1 99  ? -0.183  4.003   -6.648  1.00 34.93 ? 98  ILE A CG1 1 
ATOM   317  C  CG2 . ILE A 1 99  ? -0.287  2.497   -8.602  1.00 33.49 ? 98  ILE A CG2 1 
ATOM   318  C  CD1 . ILE A 1 99  ? 0.321   5.240   -5.986  1.00 35.82 ? 98  ILE A CD1 1 
ATOM   319  N  N   . SER A 1 100 ? 2.936   1.876   -9.307  1.00 36.35 ? 99  SER A N   1 
ATOM   320  C  CA  . SER A 1 100 ? 3.454   1.211   -10.498 1.00 35.64 ? 99  SER A CA  1 
ATOM   321  C  C   . SER A 1 100 ? 2.463   0.271   -11.165 1.00 35.41 ? 99  SER A C   1 
ATOM   322  O  O   . SER A 1 100 ? 2.616   -0.042  -12.347 1.00 35.70 ? 99  SER A O   1 
ATOM   323  C  CB  . SER A 1 100 ? 4.687   0.395   -10.121 1.00 36.16 ? 99  SER A CB  1 
ATOM   324  O  OG  . SER A 1 100 ? 4.346   -0.611  -9.179  1.00 37.01 ? 99  SER A OG  1 
ATOM   325  N  N   . ARG A 1 101 ? 1.453   -0.181  -10.422 1.00 35.18 ? 100 ARG A N   1 
ATOM   326  C  CA  . ARG A 1 101 ? 0.516   -1.179  -10.927 1.00 34.25 ? 100 ARG A CA  1 
ATOM   327  C  C   . ARG A 1 101 ? -0.662  -1.361  -9.970  1.00 32.52 ? 100 ARG A C   1 
ATOM   328  O  O   . ARG A 1 101 ? -0.503  -1.289  -8.750  1.00 30.51 ? 100 ARG A O   1 
ATOM   329  C  CB  . ARG A 1 101 ? 1.272   -2.517  -11.063 1.00 35.52 ? 100 ARG A CB  1 
ATOM   330  C  CG  . ARG A 1 101 ? 0.477   -3.751  -11.507 1.00 41.67 ? 100 ARG A CG  1 
ATOM   331  C  CD  . ARG A 1 101 ? 1.258   -5.062  -11.186 1.00 50.58 ? 100 ARG A CD  1 
ATOM   332  N  NE  . ARG A 1 101 ? 2.359   -5.350  -12.112 1.00 58.24 ? 100 ARG A NE  1 
ATOM   333  C  CZ  . ARG A 1 101 ? 2.314   -6.204  -13.145 1.00 64.76 ? 100 ARG A CZ  1 
ATOM   334  N  NH1 . ARG A 1 101 ? 1.221   -6.905  -13.428 1.00 67.57 ? 100 ARG A NH1 1 
ATOM   335  N  NH2 . ARG A 1 101 ? 3.392   -6.374  -13.910 1.00 64.45 ? 100 ARG A NH2 1 
ATOM   336  N  N   . VAL A 1 102 ? -1.842  -1.598  -10.538 1.00 31.46 ? 101 VAL A N   1 
ATOM   337  C  CA  . VAL A 1 102 ? -3.042  -1.908  -9.772  1.00 29.46 ? 101 VAL A CA  1 
ATOM   338  C  C   . VAL A 1 102 ? -3.427  -3.333  -10.146 1.00 30.14 ? 101 VAL A C   1 
ATOM   339  O  O   . VAL A 1 102 ? -3.292  -3.728  -11.301 1.00 29.21 ? 101 VAL A O   1 
ATOM   340  C  CB  . VAL A 1 102 ? -4.191  -0.942  -10.087 1.00 29.11 ? 101 VAL A CB  1 
ATOM   341  C  CG1 . VAL A 1 102 ? -5.484  -1.389  -9.413  1.00 26.06 ? 101 VAL A CG1 1 
ATOM   342  C  CG2 . VAL A 1 102 ? -3.820  0.456   -9.653  1.00 28.56 ? 101 VAL A CG2 1 
ATOM   343  N  N   . VAL A 1 103 ? -3.871  -4.113  -9.165  1.00 31.83 ? 102 VAL A N   1 
ATOM   344  C  CA  . VAL A 1 103 ? -4.283  -5.498  -9.389  1.00 32.00 ? 102 VAL A CA  1 
ATOM   345  C  C   . VAL A 1 103 ? -5.608  -5.708  -8.695  1.00 34.53 ? 102 VAL A C   1 
ATOM   346  O  O   . VAL A 1 103 ? -5.844  -5.139  -7.629  1.00 38.31 ? 102 VAL A O   1 
ATOM   347  C  CB  . VAL A 1 103 ? -3.247  -6.495  -8.829  1.00 31.68 ? 102 VAL A CB  1 
ATOM   348  C  CG1 . VAL A 1 103 ? -3.722  -7.936  -8.975  1.00 25.47 ? 102 VAL A CG1 1 
ATOM   349  C  CG2 . VAL A 1 103 ? -1.930  -6.312  -9.533  1.00 29.44 ? 102 VAL A CG2 1 
ATOM   350  N  N   . VAL A 1 104 ? -6.481  -6.490  -9.317  1.00 34.98 ? 103 VAL A N   1 
ATOM   351  C  CA  . VAL A 1 104 ? -7.777  -6.822  -8.764  1.00 34.91 ? 103 VAL A CA  1 
ATOM   352  C  C   . VAL A 1 104 ? -7.864  -8.336  -8.823  1.00 37.82 ? 103 VAL A C   1 
ATOM   353  O  O   . VAL A 1 104 ? -7.785  -8.925  -9.894  1.00 37.33 ? 103 VAL A O   1 
ATOM   354  C  CB  . VAL A 1 104 ? -8.895  -6.170  -9.558  1.00 34.75 ? 103 VAL A CB  1 
ATOM   355  C  CG1 . VAL A 1 104 ? -10.271 -6.584  -9.010  1.00 29.24 ? 103 VAL A CG1 1 
ATOM   356  C  CG2 . VAL A 1 104 ? -8.716  -4.673  -9.508  1.00 32.02 ? 103 VAL A CG2 1 
ATOM   357  N  N   . ASP A 1 105 ? -7.988  -8.957  -7.659  1.00 41.45 ? 104 ASP A N   1 
ATOM   358  C  CA  . ASP A 1 105 ? -8.007  -10.404 -7.547  1.00 44.19 ? 104 ASP A CA  1 
ATOM   359  C  C   . ASP A 1 105 ? -8.953  -10.797 -6.421  1.00 45.92 ? 104 ASP A C   1 
ATOM   360  O  O   . ASP A 1 105 ? -8.852  -10.274 -5.294  1.00 44.93 ? 104 ASP A O   1 
ATOM   361  C  CB  . ASP A 1 105 ? -6.594  -10.927 -7.249  1.00 44.60 ? 104 ASP A CB  1 
ATOM   362  C  CG  . ASP A 1 105 ? -6.506  -12.460 -7.240  1.00 46.92 ? 104 ASP A CG  1 
ATOM   363  O  OD1 . ASP A 1 105 ? -7.061  -13.111 -8.151  1.00 44.10 ? 104 ASP A OD1 1 
ATOM   364  O  OD2 . ASP A 1 105 ? -5.842  -13.008 -6.333  1.00 49.97 ? 104 ASP A OD2 1 
ATOM   365  N  N   . ARG A 1 106 ? -9.863  -11.714 -6.742  1.00 46.67 ? 105 ARG A N   1 
ATOM   366  C  CA  . ARG A 1 106 ? -10.853 -12.219 -5.801  1.00 47.71 ? 105 ARG A CA  1 
ATOM   367  C  C   . ARG A 1 106 ? -11.476 -11.104 -4.953  1.00 44.93 ? 105 ARG A C   1 
ATOM   368  O  O   . ARG A 1 106 ? -11.496 -11.158 -3.724  1.00 45.29 ? 105 ARG A O   1 
ATOM   369  C  CB  . ARG A 1 106 ? -10.250 -13.361 -4.955  1.00 49.85 ? 105 ARG A CB  1 
ATOM   370  C  CG  . ARG A 1 106 ? -9.954  -14.621 -5.816  1.00 57.78 ? 105 ARG A CG  1 
ATOM   371  C  CD  . ARG A 1 106 ? -9.761  -15.925 -5.024  1.00 62.21 ? 105 ARG A CD  1 
ATOM   372  N  NE  . ARG A 1 106 ? -8.463  -16.026 -4.347  1.00 68.45 ? 105 ARG A NE  1 
ATOM   373  C  CZ  . ARG A 1 106 ? -8.188  -15.636 -3.097  1.00 71.21 ? 105 ARG A CZ  1 
ATOM   374  N  NH1 . ARG A 1 106 ? -9.109  -15.078 -2.308  1.00 74.24 ? 105 ARG A NH1 1 
ATOM   375  N  NH2 . ARG A 1 106 ? -6.959  -15.808 -2.624  1.00 68.82 ? 105 ARG A NH2 1 
ATOM   376  N  N   . GLY A 1 107 ? -11.956 -10.080 -5.648  1.00 42.01 ? 106 GLY A N   1 
ATOM   377  C  CA  . GLY A 1 107 ? -12.658 -8.971  -5.022  1.00 40.73 ? 106 GLY A CA  1 
ATOM   378  C  C   . GLY A 1 107 ? -11.879 -8.005  -4.163  1.00 39.16 ? 106 GLY A C   1 
ATOM   379  O  O   . GLY A 1 107 ? -12.472 -7.250  -3.404  1.00 39.38 ? 106 GLY A O   1 
ATOM   380  N  N   . GLU A 1 108 ? -10.559 -8.015  -4.275  1.00 39.08 ? 107 GLU A N   1 
ATOM   381  C  CA  . GLU A 1 108 ? -9.715  -7.115  -3.495  1.00 37.37 ? 107 GLU A CA  1 
ATOM   382  C  C   . GLU A 1 108 ? -8.832  -6.330  -4.445  1.00 35.56 ? 107 GLU A C   1 
ATOM   383  O  O   . GLU A 1 108 ? -8.377  -6.879  -5.448  1.00 35.75 ? 107 GLU A O   1 
ATOM   384  C  CB  . GLU A 1 108 ? -8.860  -7.903  -2.513  1.00 37.69 ? 107 GLU A CB  1 
ATOM   385  C  CG  . GLU A 1 108 ? -9.653  -8.733  -1.499  1.00 39.37 ? 107 GLU A CG  1 
ATOM   386  C  CD  . GLU A 1 108 ? -8.756  -9.501  -0.535  1.00 39.83 ? 107 GLU A CD  1 
ATOM   387  O  OE1 . GLU A 1 108 ? -7.518  -9.471  -0.691  1.00 40.06 ? 107 GLU A OE1 1 
ATOM   388  O  OE2 . GLU A 1 108 ? -9.287  -10.149 0.383   1.00 48.16 ? 107 GLU A OE2 1 
ATOM   389  N  N   . ILE A 1 109 ? -8.621  -5.048  -4.141  1.00 33.24 ? 108 ILE A N   1 
ATOM   390  C  CA  . ILE A 1 109 ? -7.776  -4.178  -4.949  1.00 31.81 ? 108 ILE A CA  1 
ATOM   391  C  C   . ILE A 1 109 ? -6.457  -3.972  -4.220  1.00 31.54 ? 108 ILE A C   1 
ATOM   392  O  O   . ILE A 1 109 ? -6.437  -3.828  -2.992  1.00 32.19 ? 108 ILE A O   1 
ATOM   393  C  CB  . ILE A 1 109 ? -8.456  -2.802  -5.271  1.00 32.98 ? 108 ILE A CB  1 
ATOM   394  C  CG1 . ILE A 1 109 ? -7.716  -2.088  -6.418  1.00 34.11 ? 108 ILE A CG1 1 
ATOM   395  C  CG2 . ILE A 1 109 ? -8.562  -1.896  -4.030  1.00 27.43 ? 108 ILE A CG2 1 
ATOM   396  C  CD1 . ILE A 1 109 ? -8.408  -0.821  -6.911  1.00 32.01 ? 108 ILE A CD1 1 
ATOM   397  N  N   . THR A 1 110 ? -5.363  -3.976  -4.980  1.00 30.82 ? 109 THR A N   1 
ATOM   398  C  CA  . THR A 1 110 ? -4.019  -3.796  -4.444  1.00 29.57 ? 109 THR A CA  1 
ATOM   399  C  C   . THR A 1 110 ? -3.276  -2.760  -5.265  1.00 30.22 ? 109 THR A C   1 
ATOM   400  O  O   . THR A 1 110 ? -3.117  -2.933  -6.470  1.00 30.71 ? 109 THR A O   1 
ATOM   401  C  CB  . THR A 1 110 ? -3.205  -5.096  -4.518  1.00 28.91 ? 109 THR A CB  1 
ATOM   402  O  OG1 . THR A 1 110 ? -3.794  -6.082  -3.677  1.00 31.78 ? 109 THR A OG1 1 
ATOM   403  C  CG2 . THR A 1 110 ? -1.773  -4.871  -4.070  1.00 28.78 ? 109 THR A CG2 1 
ATOM   404  N  N   . PHE A 1 111 ? -2.832  -1.690  -4.619  1.00 29.52 ? 110 PHE A N   1 
ATOM   405  C  CA  . PHE A 1 111 ? -2.060  -0.667  -5.278  1.00 31.32 ? 110 PHE A CA  1 
ATOM   406  C  C   . PHE A 1 111 ? -0.586  -0.954  -5.026  1.00 32.99 ? 110 PHE A C   1 
ATOM   407  O  O   . PHE A 1 111 ? -0.139  -0.860  -3.881  1.00 35.14 ? 110 PHE A O   1 
ATOM   408  C  CB  . PHE A 1 111 ? -2.400  0.709   -4.711  1.00 31.46 ? 110 PHE A CB  1 
ATOM   409  C  CG  . PHE A 1 111 ? -3.810  1.158   -4.978  1.00 32.88 ? 110 PHE A CG  1 
ATOM   410  C  CD1 . PHE A 1 111 ? -4.853  0.734   -4.175  1.00 32.94 ? 110 PHE A CD1 1 
ATOM   411  C  CD2 . PHE A 1 111 ? -4.087  2.037   -6.016  1.00 34.32 ? 110 PHE A CD2 1 
ATOM   412  C  CE1 . PHE A 1 111 ? -6.150  1.160   -4.404  1.00 34.36 ? 110 PHE A CE1 1 
ATOM   413  C  CE2 . PHE A 1 111 ? -5.378  2.467   -6.254  1.00 34.64 ? 110 PHE A CE2 1 
ATOM   414  C  CZ  . PHE A 1 111 ? -6.414  2.026   -5.448  1.00 34.96 ? 110 PHE A CZ  1 
ATOM   415  N  N   . HIS A 1 112 ? 0.172   -1.307  -6.066  1.00 31.55 ? 111 HIS A N   1 
ATOM   416  C  CA  . HIS A 1 112 ? 1.597   -1.564  -5.894  1.00 30.48 ? 111 HIS A CA  1 
ATOM   417  C  C   . HIS A 1 112 ? 2.299   -0.230  -5.843  1.00 31.50 ? 111 HIS A C   1 
ATOM   418  O  O   . HIS A 1 112 ? 2.446   0.439   -6.863  1.00 33.32 ? 111 HIS A O   1 
ATOM   419  C  CB  . HIS A 1 112 ? 2.171   -2.439  -7.009  1.00 30.54 ? 111 HIS A CB  1 
ATOM   420  C  CG  . HIS A 1 112 ? 1.831   -3.889  -6.869  1.00 31.23 ? 111 HIS A CG  1 
ATOM   421  N  ND1 . HIS A 1 112 ? 0.563   -4.383  -7.078  1.00 35.04 ? 111 HIS A ND1 1 
ATOM   422  C  CD2 . HIS A 1 112 ? 2.596   -4.954  -6.535  1.00 36.49 ? 111 HIS A CD2 1 
ATOM   423  C  CE1 . HIS A 1 112 ? 0.558   -5.688  -6.877  1.00 36.73 ? 111 HIS A CE1 1 
ATOM   424  N  NE2 . HIS A 1 112 ? 1.779   -6.059  -6.545  1.00 40.46 ? 111 HIS A NE2 1 
ATOM   425  N  N   . VAL A 1 113 ? 2.723   0.142   -4.639  1.00 32.06 ? 112 VAL A N   1 
ATOM   426  C  CA  . VAL A 1 113 ? 3.384   1.409   -4.371  1.00 31.90 ? 112 VAL A CA  1 
ATOM   427  C  C   . VAL A 1 113 ? 4.910   1.295   -4.341  1.00 34.79 ? 112 VAL A C   1 
ATOM   428  O  O   . VAL A 1 113 ? 5.469   0.319   -3.810  1.00 35.01 ? 112 VAL A O   1 
ATOM   429  C  CB  . VAL A 1 113 ? 2.940   1.932   -2.988  1.00 31.45 ? 112 VAL A CB  1 
ATOM   430  C  CG1 . VAL A 1 113 ? 3.621   3.268   -2.649  1.00 28.42 ? 112 VAL A CG1 1 
ATOM   431  C  CG2 . VAL A 1 113 ? 1.434   2.054   -2.939  1.00 27.60 ? 112 VAL A CG2 1 
ATOM   432  N  N   . GLN A 1 114 ? 5.577   2.302   -4.901  1.00 36.88 ? 113 GLN A N   1 
ATOM   433  C  CA  . GLN A 1 114 ? 7.033   2.389   -4.877  1.00 38.78 ? 113 GLN A CA  1 
ATOM   434  C  C   . GLN A 1 114 ? 7.455   2.824   -3.475  1.00 39.99 ? 113 GLN A C   1 
ATOM   435  O  O   . GLN A 1 114 ? 6.902   3.790   -2.938  1.00 39.37 ? 113 GLN A O   1 
ATOM   436  C  CB  . GLN A 1 114 ? 7.525   3.413   -5.899  1.00 40.02 ? 113 GLN A CB  1 
ATOM   437  C  CG  . GLN A 1 114 ? 7.226   3.069   -7.356  1.00 41.54 ? 113 GLN A CG  1 
ATOM   438  C  CD  . GLN A 1 114 ? 8.119   1.979   -7.889  1.00 44.46 ? 113 GLN A CD  1 
ATOM   439  O  OE1 . GLN A 1 114 ? 7.649   0.923   -8.299  1.00 50.56 ? 113 GLN A OE1 1 
ATOM   440  N  NE2 . GLN A 1 114 ? 9.421   2.218   -7.854  1.00 48.49 ? 113 GLN A NE2 1 
ATOM   441  N  N   . ARG A 1 115 ? 8.409   2.106   -2.876  1.00 41.18 ? 114 ARG A N   1 
ATOM   442  C  CA  . ARG A 1 115 ? 8.881   2.409   -1.510  1.00 42.42 ? 114 ARG A CA  1 
ATOM   443  C  C   . ARG A 1 115 ? 9.249   3.873   -1.303  1.00 43.43 ? 114 ARG A C   1 
ATOM   444  O  O   . ARG A 1 115 ? 8.940   4.467   -0.268  1.00 44.37 ? 114 ARG A O   1 
ATOM   445  C  CB  . ARG A 1 115 ? 10.067  1.513   -1.127  1.00 42.40 ? 114 ARG A CB  1 
ATOM   446  C  CG  . ARG A 1 115 ? 11.263  1.546   -2.069  1.00 44.79 ? 114 ARG A CG  1 
ATOM   447  C  CD  . ARG A 1 115 ? 12.391  0.687   -1.523  1.00 45.42 ? 114 ARG A CD  1 
ATOM   448  N  NE  . ARG A 1 115 ? 13.527  0.624   -2.434  1.00 47.40 ? 114 ARG A NE  1 
ATOM   449  C  CZ  . ARG A 1 115 ? 14.650  -0.050  -2.201  1.00 47.05 ? 114 ARG A CZ  1 
ATOM   450  N  NH1 . ARG A 1 115 ? 14.812  -0.732  -1.071  1.00 44.84 ? 114 ARG A NH1 1 
ATOM   451  N  NH2 . ARG A 1 115 ? 15.623  -0.036  -3.104  1.00 47.08 ? 114 ARG A NH2 1 
ATOM   452  N  N   . GLU A 1 116 ? 9.909   4.430   -2.316  1.00 44.08 ? 115 GLU A N   1 
ATOM   453  C  CA  A GLU A 1 116 ? 10.332  5.832   -2.326  0.50 44.01 ? 115 GLU A CA  1 
ATOM   454  C  CA  B GLU A 1 116 ? 10.336  5.833   -2.336  0.50 44.03 ? 115 GLU A CA  1 
ATOM   455  C  C   . GLU A 1 116 ? 9.199   6.781   -1.921  1.00 43.98 ? 115 GLU A C   1 
ATOM   456  O  O   . GLU A 1 116 ? 9.442   7.802   -1.297  1.00 44.44 ? 115 GLU A O   1 
ATOM   457  C  CB  A GLU A 1 116 ? 10.911  6.221   -3.711  0.50 44.17 ? 115 GLU A CB  1 
ATOM   458  C  CB  B GLU A 1 116 ? 10.812  6.272   -3.740  0.50 44.22 ? 115 GLU A CB  1 
ATOM   459  C  CG  A GLU A 1 116 ? 10.164  5.626   -4.938  0.50 44.55 ? 115 GLU A CG  1 
ATOM   460  C  CG  B GLU A 1 116 ? 11.551  5.237   -4.625  0.50 44.58 ? 115 GLU A CG  1 
ATOM   461  C  CD  A GLU A 1 116 ? 10.581  6.226   -6.275  0.50 44.54 ? 115 GLU A CD  1 
ATOM   462  C  CD  B GLU A 1 116 ? 12.777  4.640   -3.977  0.50 44.57 ? 115 GLU A CD  1 
ATOM   463  O  OE1 A GLU A 1 116 ? 11.236  7.291   -6.291  0.50 45.58 ? 115 GLU A OE1 1 
ATOM   464  O  OE1 B GLU A 1 116 ? 13.386  5.322   -3.126  0.50 44.11 ? 115 GLU A OE1 1 
ATOM   465  O  OE2 A GLU A 1 116 ? 10.237  5.626   -7.318  0.50 40.64 ? 115 GLU A OE2 1 
ATOM   466  O  OE2 B GLU A 1 116 ? 13.137  3.495   -4.336  0.50 41.16 ? 115 GLU A OE2 1 
ATOM   467  N  N   . HIS A 1 117 ? 7.957   6.433   -2.279  1.00 44.20 ? 116 HIS A N   1 
ATOM   468  C  CA  . HIS A 1 117 ? 6.766   7.253   -2.001  1.00 43.79 ? 116 HIS A CA  1 
ATOM   469  C  C   . HIS A 1 117 ? 5.740   6.664   -1.022  1.00 42.82 ? 116 HIS A C   1 
ATOM   470  O  O   . HIS A 1 117 ? 4.644   7.213   -0.904  1.00 43.85 ? 116 HIS A O   1 
ATOM   471  C  CB  . HIS A 1 117 ? 6.025   7.512   -3.328  1.00 43.87 ? 116 HIS A CB  1 
ATOM   472  C  CG  . HIS A 1 117 ? 6.798   8.326   -4.321  1.00 47.25 ? 116 HIS A CG  1 
ATOM   473  N  ND1 . HIS A 1 117 ? 7.758   7.783   -5.150  1.00 48.74 ? 116 HIS A ND1 1 
ATOM   474  C  CD2 . HIS A 1 117 ? 6.723   9.639   -4.646  1.00 48.44 ? 116 HIS A CD2 1 
ATOM   475  C  CE1 . HIS A 1 117 ? 8.259   8.730   -5.922  1.00 49.21 ? 116 HIS A CE1 1 
ATOM   476  N  NE2 . HIS A 1 117 ? 7.643   9.864   -5.642  1.00 50.61 ? 116 HIS A NE2 1 
ATOM   477  N  N   . LEU A 1 118 ? 6.061   5.572   -0.329  1.00 41.28 ? 117 LEU A N   1 
ATOM   478  C  CA  . LEU A 1 118 ? 5.084   4.932   0.574   1.00 40.06 ? 117 LEU A CA  1 
ATOM   479  C  C   . LEU A 1 118 ? 4.574   5.833   1.696   1.00 41.40 ? 117 LEU A C   1 
ATOM   480  O  O   . LEU A 1 118 ? 3.383   5.830   2.019   1.00 42.03 ? 117 LEU A O   1 
ATOM   481  C  CB  . LEU A 1 118 ? 5.667   3.659   1.213   1.00 38.68 ? 117 LEU A CB  1 
ATOM   482  C  CG  . LEU A 1 118 ? 4.787   2.957   2.276   1.00 34.91 ? 117 LEU A CG  1 
ATOM   483  C  CD1 . LEU A 1 118 ? 3.455   2.547   1.681   1.00 25.83 ? 117 LEU A CD1 1 
ATOM   484  C  CD2 . LEU A 1 118 ? 5.480   1.744   2.915   1.00 29.77 ? 117 LEU A CD2 1 
ATOM   485  N  N   . LEU A 1 119 ? 5.480   6.589   2.300   1.00 42.12 ? 118 LEU A N   1 
ATOM   486  C  CA  . LEU A 1 119 ? 5.118   7.417   3.442   1.00 42.35 ? 118 LEU A CA  1 
ATOM   487  C  C   . LEU A 1 119 ? 4.101   8.495   3.026   1.00 42.74 ? 118 LEU A C   1 
ATOM   488  O  O   . LEU A 1 119 ? 3.110   8.719   3.729   1.00 43.32 ? 118 LEU A O   1 
ATOM   489  C  CB  . LEU A 1 119 ? 6.393   7.984   4.088   1.00 42.13 ? 118 LEU A CB  1 
ATOM   490  C  CG  . LEU A 1 119 ? 6.374   8.574   5.505   1.00 41.67 ? 118 LEU A CG  1 
ATOM   491  C  CD1 . LEU A 1 119 ? 5.603   7.733   6.495   1.00 37.88 ? 118 LEU A CD1 1 
ATOM   492  C  CD2 . LEU A 1 119 ? 7.810   8.747   5.985   1.00 40.11 ? 118 LEU A CD2 1 
ATOM   493  N  N   . ASP A 1 120 ? 4.309   9.123   1.871   1.00 42.28 ? 119 ASP A N   1 
ATOM   494  C  CA  . ASP A 1 120 ? 3.361   10.132  1.386   1.00 42.89 ? 119 ASP A CA  1 
ATOM   495  C  C   . ASP A 1 120 ? 1.989   9.512   1.083   1.00 42.25 ? 119 ASP A C   1 
ATOM   496  O  O   . ASP A 1 120 ? 0.963   10.034  1.516   1.00 42.19 ? 119 ASP A O   1 
ATOM   497  C  CB  . ASP A 1 120 ? 3.897   10.854  0.140   1.00 43.58 ? 119 ASP A CB  1 
ATOM   498  C  CG  . ASP A 1 120 ? 5.123   11.720  0.428   1.00 44.10 ? 119 ASP A CG  1 
ATOM   499  O  OD1 . ASP A 1 120 ? 5.239   12.282  1.543   1.00 40.42 ? 119 ASP A OD1 1 
ATOM   500  O  OD2 . ASP A 1 120 ? 5.961   11.854  -0.488  1.00 43.46 ? 119 ASP A OD2 1 
ATOM   501  N  N   . VAL A 1 121 ? 1.980   8.397   0.352   1.00 41.21 ? 120 VAL A N   1 
ATOM   502  C  CA  . VAL A 1 121 ? 0.734   7.707   0.000   1.00 39.88 ? 120 VAL A CA  1 
ATOM   503  C  C   . VAL A 1 121 ? -0.076  7.363   1.236   1.00 38.80 ? 120 VAL A C   1 
ATOM   504  O  O   . VAL A 1 121 ? -1.284  7.609   1.286   1.00 38.64 ? 120 VAL A O   1 
ATOM   505  C  CB  . VAL A 1 121 ? 0.996   6.412   -0.801  1.00 40.23 ? 120 VAL A CB  1 
ATOM   506  C  CG1 . VAL A 1 121 ? -0.278  5.582   -0.947  1.00 37.74 ? 120 VAL A CG1 1 
ATOM   507  C  CG2 . VAL A 1 121 ? 1.564   6.749   -2.170  1.00 40.89 ? 120 VAL A CG2 1 
ATOM   508  N  N   . ALA A 1 122 ? 0.605   6.796   2.227   1.00 38.33 ? 121 ALA A N   1 
ATOM   509  C  CA  . ALA A 1 122 ? -0.013  6.418   3.495   1.00 37.32 ? 121 ALA A CA  1 
ATOM   510  C  C   . ALA A 1 122 ? -0.616  7.648   4.170   1.00 37.76 ? 121 ALA A C   1 
ATOM   511  O  O   . ALA A 1 122 ? -1.793  7.640   4.548   1.00 38.36 ? 121 ALA A O   1 
ATOM   512  C  CB  . ALA A 1 122 ? 1.009   5.751   4.388   1.00 35.52 ? 121 ALA A CB  1 
ATOM   513  N  N   . THR A 1 123 ? 0.181   8.709   4.283   1.00 38.21 ? 122 THR A N   1 
ATOM   514  C  CA  . THR A 1 123 ? -0.283  9.966   4.871   1.00 39.19 ? 122 THR A CA  1 
ATOM   515  C  C   . THR A 1 123 ? -1.530  10.484  4.147   1.00 40.11 ? 122 THR A C   1 
ATOM   516  O  O   . THR A 1 123 ? -2.529  10.811  4.790   1.00 40.27 ? 122 THR A O   1 
ATOM   517  C  CB  . THR A 1 123 ? 0.817   11.060  4.837   1.00 38.78 ? 122 THR A CB  1 
ATOM   518  O  OG1 . THR A 1 123 ? 2.002   10.575  5.474   1.00 38.69 ? 122 THR A OG1 1 
ATOM   519  C  CG2 . THR A 1 123 ? 0.359   12.316  5.551   1.00 37.47 ? 122 THR A CG2 1 
ATOM   520  N  N   . ARG A 1 124 ? -1.474  10.531  2.816   1.00 41.56 ? 123 ARG A N   1 
ATOM   521  C  CA  . ARG A 1 124 ? -2.604  11.013  2.002   1.00 42.61 ? 123 ARG A CA  1 
ATOM   522  C  C   . ARG A 1 124 ? -3.833  10.109  2.159   1.00 41.53 ? 123 ARG A C   1 
ATOM   523  O  O   . ARG A 1 124 ? -4.959  10.592  2.194   1.00 39.67 ? 123 ARG A O   1 
ATOM   524  C  CB  . ARG A 1 124 ? -2.215  11.118  0.520   1.00 43.19 ? 123 ARG A CB  1 
ATOM   525  C  CG  . ARG A 1 124 ? -1.070  12.097  0.189   1.00 46.01 ? 123 ARG A CG  1 
ATOM   526  C  CD  . ARG A 1 124 ? -1.461  13.577  0.056   1.00 49.51 ? 123 ARG A CD  1 
ATOM   527  N  NE  . ARG A 1 124 ? -1.934  14.201  1.300   1.00 52.59 ? 123 ARG A NE  1 
ATOM   528  C  CZ  . ARG A 1 124 ? -3.145  14.730  1.517   1.00 54.60 ? 123 ARG A CZ  1 
ATOM   529  N  NH1 . ARG A 1 124 ? -4.091  14.773  0.576   1.00 53.91 ? 123 ARG A NH1 1 
ATOM   530  N  NH2 . ARG A 1 124 ? -3.408  15.260  2.708   1.00 56.32 ? 123 ARG A NH2 1 
ATOM   531  N  N   . LEU A 1 125 ? -3.603  8.802   2.254   1.00 42.78 ? 124 LEU A N   1 
ATOM   532  C  CA  . LEU A 1 125 ? -4.686  7.827   2.441   1.00 43.06 ? 124 LEU A CA  1 
ATOM   533  C  C   . LEU A 1 125 ? -5.390  8.027   3.772   1.00 43.52 ? 124 LEU A C   1 
ATOM   534  O  O   . LEU A 1 125 ? -6.604  7.847   3.856   1.00 43.89 ? 124 LEU A O   1 
ATOM   535  C  CB  . LEU A 1 125 ? -4.166  6.384   2.334   1.00 43.25 ? 124 LEU A CB  1 
ATOM   536  C  CG  . LEU A 1 125 ? -3.924  5.830   0.923   1.00 41.75 ? 124 LEU A CG  1 
ATOM   537  C  CD1 . LEU A 1 125 ? -2.997  4.629   0.954   1.00 41.54 ? 124 LEU A CD1 1 
ATOM   538  C  CD2 . LEU A 1 125 ? -5.246  5.478   0.254   1.00 34.93 ? 124 LEU A CD2 1 
ATOM   539  N  N   . ARG A 1 126 ? -4.633  8.400   4.804   1.00 43.95 ? 125 ARG A N   1 
ATOM   540  C  CA  . ARG A 1 126 ? -5.217  8.661   6.123   1.00 44.41 ? 125 ARG A CA  1 
ATOM   541  C  C   . ARG A 1 126 ? -5.871  10.050  6.239   1.00 44.65 ? 125 ARG A C   1 
ATOM   542  O  O   . ARG A 1 126 ? -6.995  10.155  6.717   1.00 44.50 ? 125 ARG A O   1 
ATOM   543  C  CB  . ARG A 1 126 ? -4.164  8.539   7.228   1.00 44.11 ? 125 ARG A CB  1 
ATOM   544  C  CG  . ARG A 1 126 ? -4.751  8.622   8.654   1.00 42.64 ? 125 ARG A CG  1 
ATOM   545  C  CD  . ARG A 1 126 ? -3.687  8.897   9.683   1.00 39.62 ? 125 ARG A CD  1 
ATOM   546  N  NE  . ARG A 1 126 ? -3.082  10.205  9.464   1.00 37.86 ? 125 ARG A NE  1 
ATOM   547  C  CZ  . ARG A 1 126 ? -2.014  10.666  10.105  1.00 40.14 ? 125 ARG A CZ  1 
ATOM   548  N  NH1 . ARG A 1 126 ? -1.397  9.929   11.024  1.00 41.93 ? 125 ARG A NH1 1 
ATOM   549  N  NH2 . ARG A 1 126 ? -1.543  11.873  9.815   1.00 39.81 ? 125 ARG A NH2 1 
ATOM   550  N  N   . ASP A 1 127 ? -5.174  11.101  5.811   1.00 45.36 ? 126 ASP A N   1 
ATOM   551  C  CA  . ASP A 1 127 ? -5.661  12.491  5.999   1.00 47.12 ? 126 ASP A CA  1 
ATOM   552  C  C   . ASP A 1 127 ? -6.649  13.079  4.990   1.00 48.02 ? 126 ASP A C   1 
ATOM   553  O  O   . ASP A 1 127 ? -7.441  13.935  5.368   1.00 48.75 ? 126 ASP A O   1 
ATOM   554  C  CB  . ASP A 1 127 ? -4.469  13.456  6.087   1.00 47.24 ? 126 ASP A CB  1 
ATOM   555  C  CG  . ASP A 1 127 ? -3.628  13.231  7.322   1.00 48.26 ? 126 ASP A CG  1 
ATOM   556  O  OD1 . ASP A 1 127 ? -4.144  12.669  8.316   1.00 39.82 ? 126 ASP A OD1 1 
ATOM   557  O  OD2 . ASP A 1 127 ? -2.444  13.626  7.302   1.00 53.63 ? 126 ASP A OD2 1 
ATOM   558  N  N   . ASP A 1 128 ? -6.587  12.682  3.722   1.00 49.35 ? 127 ASP A N   1 
ATOM   559  C  CA  . ASP A 1 128 ? -7.500  13.245  2.721   1.00 50.28 ? 127 ASP A CA  1 
ATOM   560  C  C   . ASP A 1 128 ? -8.949  12.893  3.099   1.00 49.36 ? 127 ASP A C   1 
ATOM   561  O  O   . ASP A 1 128 ? -9.237  11.746  3.448   1.00 48.90 ? 127 ASP A O   1 
ATOM   562  C  CB  . ASP A 1 128 ? -7.137  12.752  1.313   1.00 51.53 ? 127 ASP A CB  1 
ATOM   563  C  CG  . ASP A 1 128 ? -7.966  13.411  0.213   1.00 55.92 ? 127 ASP A CG  1 
ATOM   564  O  OD1 . ASP A 1 128 ? -9.200  13.221  0.171   1.00 63.48 ? 127 ASP A OD1 1 
ATOM   565  O  OD2 . ASP A 1 128 ? -7.369  14.083  -0.654  1.00 60.75 ? 127 ASP A OD2 1 
ATOM   566  N  N   . PRO A 1 129 ? -9.858  13.890  3.074   1.00 48.98 ? 128 PRO A N   1 
ATOM   567  C  CA  . PRO A 1 129 ? -11.260 13.585  3.412   1.00 48.26 ? 128 PRO A CA  1 
ATOM   568  C  C   . PRO A 1 129 ? -11.948 12.609  2.454   1.00 46.33 ? 128 PRO A C   1 
ATOM   569  O  O   . PRO A 1 129 ? -12.911 11.957  2.848   1.00 45.43 ? 128 PRO A O   1 
ATOM   570  C  CB  . PRO A 1 129 ? -11.952 14.958  3.351   1.00 48.33 ? 128 PRO A CB  1 
ATOM   571  C  CG  . PRO A 1 129 ? -10.865 15.960  3.500   1.00 48.17 ? 128 PRO A CG  1 
ATOM   572  C  CD  . PRO A 1 129 ? -9.635  15.343  2.912   1.00 49.01 ? 128 PRO A CD  1 
ATOM   573  N  N   . ALA A 1 130 ? -11.460 12.526  1.216   1.00 45.77 ? 129 ALA A N   1 
ATOM   574  C  CA  . ALA A 1 130 ? -12.017 11.623  0.199   1.00 45.99 ? 129 ALA A CA  1 
ATOM   575  C  C   . ALA A 1 130 ? -11.494 10.174  0.296   1.00 45.77 ? 129 ALA A C   1 
ATOM   576  O  O   . ALA A 1 130 ? -11.981 9.294   -0.414  1.00 46.86 ? 129 ALA A O   1 
ATOM   577  C  CB  . ALA A 1 130 ? -11.757 12.185  -1.198  1.00 44.60 ? 129 ALA A CB  1 
ATOM   578  N  N   . LEU A 1 131 ? -10.511 9.938   1.165   1.00 45.36 ? 130 LEU A N   1 
ATOM   579  C  CA  . LEU A 1 131 ? -9.929  8.604   1.375   1.00 44.20 ? 130 LEU A CA  1 
ATOM   580  C  C   . LEU A 1 131 ? -10.197 8.137   2.816   1.00 44.32 ? 130 LEU A C   1 
ATOM   581  O  O   . LEU A 1 131 ? -10.881 7.134   3.030   1.00 45.46 ? 130 LEU A O   1 
ATOM   582  C  CB  . LEU A 1 131 ? -8.432  8.634   1.058   1.00 43.12 ? 130 LEU A CB  1 
ATOM   583  C  CG  . LEU A 1 131 ? -8.081  9.041   -0.382  1.00 37.64 ? 130 LEU A CG  1 
ATOM   584  C  CD1 . LEU A 1 131 ? -6.587  9.299   -0.527  1.00 36.82 ? 130 LEU A CD1 1 
ATOM   585  C  CD2 . LEU A 1 131 ? -8.544  7.997   -1.382  1.00 26.47 ? 130 LEU A CD2 1 
ATOM   586  N  N   . ARG A 1 132 ? -9.670  8.879   3.790   1.00 43.46 ? 131 ARG A N   1 
ATOM   587  C  CA  . ARG A 1 132 ? -9.889  8.625   5.232   1.00 43.05 ? 131 ARG A CA  1 
ATOM   588  C  C   . ARG A 1 132 ? -9.784  7.163   5.700   1.00 41.59 ? 131 ARG A C   1 
ATOM   589  O  O   . ARG A 1 132 ? -10.723 6.625   6.299   1.00 40.83 ? 131 ARG A O   1 
ATOM   590  C  CB  . ARG A 1 132 ? -11.249 9.211   5.675   1.00 42.94 ? 131 ARG A CB  1 
ATOM   591  N  N   . PHE A 1 133 ? -8.644  6.532   5.434   1.00 40.98 ? 132 PHE A N   1 
ATOM   592  C  CA  . PHE A 1 133 ? -8.391  5.160   5.904   1.00 41.06 ? 132 PHE A CA  1 
ATOM   593  C  C   . PHE A 1 133 ? -7.815  5.229   7.305   1.00 40.87 ? 132 PHE A C   1 
ATOM   594  O  O   . PHE A 1 133 ? -6.612  5.427   7.473   1.00 40.72 ? 132 PHE A O   1 
ATOM   595  C  CB  . PHE A 1 133 ? -7.441  4.415   4.971   1.00 40.72 ? 132 PHE A CB  1 
ATOM   596  C  CG  . PHE A 1 133 ? -8.065  4.051   3.662   1.00 40.35 ? 132 PHE A CG  1 
ATOM   597  C  CD1 . PHE A 1 133 ? -8.107  4.958   2.622   1.00 39.07 ? 132 PHE A CD1 1 
ATOM   598  C  CD2 . PHE A 1 133 ? -8.635  2.806   3.482   1.00 41.59 ? 132 PHE A CD2 1 
ATOM   599  C  CE1 . PHE A 1 133 ? -8.700  4.629   1.428   1.00 40.53 ? 132 PHE A CE1 1 
ATOM   600  C  CE2 . PHE A 1 133 ? -9.221  2.463   2.282   1.00 44.54 ? 132 PHE A CE2 1 
ATOM   601  C  CZ  . PHE A 1 133 ? -9.259  3.377   1.255   1.00 43.38 ? 132 PHE A CZ  1 
ATOM   602  N  N   . GLU A 1 134 ? -8.682  5.059   8.302   1.00 40.75 ? 133 GLU A N   1 
ATOM   603  C  CA  . GLU A 1 134 ? -8.286  5.168   9.709   1.00 41.26 ? 133 GLU A CA  1 
ATOM   604  C  C   . GLU A 1 134 ? -7.591  3.895   10.191  1.00 40.37 ? 133 GLU A C   1 
ATOM   605  O  O   . GLU A 1 134 ? -6.606  3.966   10.918  1.00 39.00 ? 133 GLU A O   1 
ATOM   606  C  CB  . GLU A 1 134 ? -9.492  5.436   10.635  1.00 41.86 ? 133 GLU A CB  1 
ATOM   607  C  CG  . GLU A 1 134 ? -10.568 6.444   10.134  1.00 46.15 ? 133 GLU A CG  1 
ATOM   608  C  CD  . GLU A 1 134 ? -11.652 5.820   9.229   1.00 50.63 ? 133 GLU A CD  1 
ATOM   609  O  OE1 . GLU A 1 134 ? -11.608 4.594   8.958   1.00 49.52 ? 133 GLU A OE1 1 
ATOM   610  O  OE2 . GLU A 1 134 ? -12.558 6.565   8.793   1.00 49.86 ? 133 GLU A OE2 1 
ATOM   611  N  N   . LEU A 1 135 ? -8.113  2.742   9.769   1.00 40.21 ? 134 LEU A N   1 
ATOM   612  C  CA  . LEU A 1 135 ? -7.613  1.427   10.190  1.00 40.82 ? 134 LEU A CA  1 
ATOM   613  C  C   . LEU A 1 135 ? -6.496  0.839   9.320   1.00 39.64 ? 134 LEU A C   1 
ATOM   614  O  O   . LEU A 1 135 ? -6.632  0.737   8.106   1.00 40.47 ? 134 LEU A O   1 
ATOM   615  C  CB  . LEU A 1 135 ? -8.765  0.405   10.238  1.00 41.46 ? 134 LEU A CB  1 
ATOM   616  C  CG  . LEU A 1 135 ? -9.828  0.519   11.343  1.00 46.19 ? 134 LEU A CG  1 
ATOM   617  C  CD1 . LEU A 1 135 ? -10.562 1.845   11.303  1.00 51.04 ? 134 LEU A CD1 1 
ATOM   618  C  CD2 . LEU A 1 135 ? -10.831 -0.629  11.230  1.00 49.38 ? 134 LEU A CD2 1 
ATOM   619  N  N   . CYS A 1 136 ? -5.407  0.440   9.970   1.00 37.90 ? 135 CYS A N   1 
ATOM   620  C  CA  . CYS A 1 136 ? -4.288  -0.236  9.334   1.00 36.34 ? 135 CYS A CA  1 
ATOM   621  C  C   . CYS A 1 136 ? -4.265  -1.633  9.946   1.00 36.40 ? 135 CYS A C   1 
ATOM   622  O  O   . CYS A 1 136 ? -3.765  -1.816  11.060  1.00 36.89 ? 135 CYS A O   1 
ATOM   623  C  CB  . CYS A 1 136 ? -2.989  0.508   9.610   1.00 35.36 ? 135 CYS A CB  1 
ATOM   624  S  SG  . CYS A 1 136 ? -1.490  -0.379  9.127   1.00 37.66 ? 135 CYS A SG  1 
ATOM   625  N  N   . LEU A 1 137 ? -4.829  -2.615  9.240   1.00 36.35 ? 136 LEU A N   1 
ATOM   626  C  CA  . LEU A 1 137 ? -4.913  -3.997  9.759   1.00 35.24 ? 136 LEU A CA  1 
ATOM   627  C  C   . LEU A 1 137 ? -3.559  -4.586  10.169  1.00 34.44 ? 136 LEU A C   1 
ATOM   628  O  O   . LEU A 1 137 ? -3.492  -5.368  11.119  1.00 35.23 ? 136 LEU A O   1 
ATOM   629  C  CB  . LEU A 1 137 ? -5.649  -4.923  8.782   1.00 35.11 ? 136 LEU A CB  1 
ATOM   630  C  CG  . LEU A 1 137 ? -7.193  -4.861  8.854   1.00 38.28 ? 136 LEU A CG  1 
ATOM   631  C  CD1 . LEU A 1 137 ? -7.741  -3.438  8.863   1.00 32.96 ? 136 LEU A CD1 1 
ATOM   632  C  CD2 . LEU A 1 137 ? -7.831  -5.664  7.713   1.00 38.25 ? 136 LEU A CD2 1 
ATOM   633  N  N   . GLY A 1 138 ? -2.487  -4.193  9.487   1.00 33.38 ? 137 GLY A N   1 
ATOM   634  C  CA  . GLY A 1 138 ? -1.145  -4.644  9.846   1.00 33.24 ? 137 GLY A CA  1 
ATOM   635  C  C   . GLY A 1 138 ? -0.414  -5.229  8.666   1.00 32.60 ? 137 GLY A C   1 
ATOM   636  O  O   . GLY A 1 138 ? -0.946  -6.085  7.960   1.00 35.19 ? 137 GLY A O   1 
ATOM   637  N  N   . VAL A 1 139 ? 0.811   -4.778  8.453   1.00 31.03 ? 138 VAL A N   1 
ATOM   638  C  CA  . VAL A 1 139 ? 1.595   -5.239  7.321   1.00 31.42 ? 138 VAL A CA  1 
ATOM   639  C  C   . VAL A 1 139 ? 1.955   -6.713  7.474   1.00 33.65 ? 138 VAL A C   1 
ATOM   640  O  O   . VAL A 1 139 ? 2.110   -7.208  8.598   1.00 34.66 ? 138 VAL A O   1 
ATOM   641  C  CB  . VAL A 1 139 ? 2.879   -4.390  7.143   1.00 30.59 ? 138 VAL A CB  1 
ATOM   642  C  CG1 . VAL A 1 139 ? 3.772   -4.496  8.360   1.00 29.42 ? 138 VAL A CG1 1 
ATOM   643  C  CG2 . VAL A 1 139 ? 3.637   -4.807  5.897   1.00 34.62 ? 138 VAL A CG2 1 
ATOM   644  N  N   . THR A 1 140 ? 2.066   -7.404  6.335   1.00 33.34 ? 139 THR A N   1 
ATOM   645  C  CA  . THR A 1 140 ? 2.471   -8.804  6.271   1.00 32.42 ? 139 THR A CA  1 
ATOM   646  C  C   . THR A 1 140 ? 3.595   -8.908  5.268   1.00 31.39 ? 139 THR A C   1 
ATOM   647  O  O   . THR A 1 140 ? 3.561   -8.223  4.269   1.00 31.73 ? 139 THR A O   1 
ATOM   648  C  CB  . THR A 1 140 ? 1.321   -9.666  5.799   1.00 33.40 ? 139 THR A CB  1 
ATOM   649  O  OG1 . THR A 1 140 ? 0.310   -9.660  6.811   1.00 34.74 ? 139 THR A OG1 1 
ATOM   650  C  CG2 . THR A 1 140 ? 1.778   -11.102 5.522   1.00 34.11 ? 139 THR A CG2 1 
ATOM   651  N  N   . GLY A 1 141 ? 4.595   -9.744  5.533   1.00 30.09 ? 140 GLY A N   1 
ATOM   652  C  CA  . GLY A 1 141 ? 5.696   -9.923  4.602   1.00 28.77 ? 140 GLY A CA  1 
ATOM   653  C  C   . GLY A 1 141 ? 5.467   -11.130 3.718   1.00 29.35 ? 140 GLY A C   1 
ATOM   654  O  O   . GLY A 1 141 ? 4.777   -12.066 4.106   1.00 29.49 ? 140 GLY A O   1 
ATOM   655  N  N   . VAL A 1 142 ? 6.003   -11.085 2.503   1.00 29.58 ? 141 VAL A N   1 
ATOM   656  C  CA  . VAL A 1 142 ? 5.943   -12.206 1.567   1.00 31.50 ? 141 VAL A CA  1 
ATOM   657  C  C   . VAL A 1 142 ? 7.247   -12.158 0.797   1.00 31.89 ? 141 VAL A C   1 
ATOM   658  O  O   . VAL A 1 142 ? 7.689   -11.073 0.429   1.00 33.32 ? 141 VAL A O   1 
ATOM   659  C  CB  . VAL A 1 142 ? 4.793   -12.111 0.545   1.00 32.23 ? 141 VAL A CB  1 
ATOM   660  C  CG1 . VAL A 1 142 ? 4.671   -13.423 -0.196  1.00 31.01 ? 141 VAL A CG1 1 
ATOM   661  C  CG2 . VAL A 1 142 ? 3.475   -11.784 1.215   1.00 36.87 ? 141 VAL A CG2 1 
ATOM   662  N  N   . HIS A 1 143 ? 7.858   -13.313 0.549   1.00 31.79 ? 142 HIS A N   1 
ATOM   663  C  CA  . HIS A 1 143 ? 9.128   -13.376 -0.161  1.00 32.93 ? 142 HIS A CA  1 
ATOM   664  C  C   . HIS A 1 143 ? 9.020   -14.239 -1.423  1.00 34.80 ? 142 HIS A C   1 
ATOM   665  O  O   . HIS A 1 143 ? 8.509   -15.357 -1.369  1.00 36.49 ? 142 HIS A O   1 
ATOM   666  C  CB  . HIS A 1 143 ? 10.208  -13.911 0.782   1.00 33.34 ? 142 HIS A CB  1 
ATOM   667  C  CG  . HIS A 1 143 ? 11.500  -14.251 0.106   1.00 29.30 ? 142 HIS A CG  1 
ATOM   668  N  ND1 . HIS A 1 143 ? 11.814  -15.534 -0.282  1.00 26.87 ? 142 HIS A ND1 1 
ATOM   669  C  CD2 . HIS A 1 143 ? 12.556  -13.479 -0.249  1.00 27.09 ? 142 HIS A CD2 1 
ATOM   670  C  CE1 . HIS A 1 143 ? 13.012  -15.541 -0.843  1.00 31.08 ? 142 HIS A CE1 1 
ATOM   671  N  NE2 . HIS A 1 143 ? 13.482  -14.305 -0.841  1.00 27.11 ? 142 HIS A NE2 1 
ATOM   672  N  N   . TYR A 1 144 ? 9.502   -13.706 -2.548  1.00 35.25 ? 143 TYR A N   1 
ATOM   673  C  CA  . TYR A 1 144 ? 9.470   -14.397 -3.842  1.00 35.84 ? 143 TYR A CA  1 
ATOM   674  C  C   . TYR A 1 144 ? 10.898  -14.577 -4.336  1.00 36.33 ? 143 TYR A C   1 
ATOM   675  O  O   . TYR A 1 144 ? 11.476  -13.636 -4.866  1.00 36.28 ? 143 TYR A O   1 
ATOM   676  C  CB  . TYR A 1 144 ? 8.653   -13.602 -4.880  1.00 36.12 ? 143 TYR A CB  1 
ATOM   677  C  CG  . TYR A 1 144 ? 7.194   -13.409 -4.490  1.00 33.99 ? 143 TYR A CG  1 
ATOM   678  C  CD1 . TYR A 1 144 ? 6.247   -14.392 -4.751  1.00 31.61 ? 143 TYR A CD1 1 
ATOM   679  C  CD2 . TYR A 1 144 ? 6.772   -12.250 -3.858  1.00 33.88 ? 143 TYR A CD2 1 
ATOM   680  C  CE1 . TYR A 1 144 ? 4.930   -14.233 -4.386  1.00 29.85 ? 143 TYR A CE1 1 
ATOM   681  C  CE2 . TYR A 1 144 ? 5.447   -12.075 -3.489  1.00 36.82 ? 143 TYR A CE2 1 
ATOM   682  C  CZ  . TYR A 1 144 ? 4.533   -13.074 -3.757  1.00 34.59 ? 143 TYR A CZ  1 
ATOM   683  O  OH  . TYR A 1 144 ? 3.218   -12.917 -3.402  1.00 32.37 ? 143 TYR A OH  1 
ATOM   684  N  N   . PRO A 1 145 ? 11.470  -15.785 -4.187  1.00 36.48 ? 144 PRO A N   1 
ATOM   685  C  CA  . PRO A 1 145 ? 12.850  -15.982 -4.605  1.00 38.36 ? 144 PRO A CA  1 
ATOM   686  C  C   . PRO A 1 145 ? 13.098  -15.810 -6.105  1.00 40.98 ? 144 PRO A C   1 
ATOM   687  O  O   . PRO A 1 145 ? 14.199  -15.452 -6.500  1.00 42.32 ? 144 PRO A O   1 
ATOM   688  C  CB  . PRO A 1 145 ? 13.120  -17.432 -4.203  1.00 39.04 ? 144 PRO A CB  1 
ATOM   689  C  CG  . PRO A 1 145 ? 11.797  -18.074 -4.198  1.00 35.48 ? 144 PRO A CG  1 
ATOM   690  C  CD  . PRO A 1 145 ? 10.869  -17.041 -3.711  1.00 36.58 ? 144 PRO A CD  1 
ATOM   691  N  N   . GLU A 1 146 ? 12.089  -16.070 -6.925  1.00 43.47 ? 145 GLU A N   1 
ATOM   692  C  CA  . GLU A 1 146 ? 12.226  -15.967 -8.382  1.00 45.01 ? 145 GLU A CA  1 
ATOM   693  C  C   . GLU A 1 146 ? 12.031  -14.530 -8.909  1.00 44.75 ? 145 GLU A C   1 
ATOM   694  O  O   . GLU A 1 146 ? 12.417  -14.241 -10.040 1.00 45.54 ? 145 GLU A O   1 
ATOM   695  C  CB  . GLU A 1 146 ? 11.281  -16.971 -9.089  1.00 44.92 ? 145 GLU A CB  1 
ATOM   696  C  CG  . GLU A 1 146 ? 9.779   -16.609 -9.195  1.00 51.10 ? 145 GLU A CG  1 
ATOM   697  C  CD  . GLU A 1 146 ? 9.021   -16.463 -7.864  1.00 58.26 ? 145 GLU A CD  1 
ATOM   698  O  OE1 . GLU A 1 146 ? 9.556   -16.835 -6.791  1.00 56.80 ? 145 GLU A OE1 1 
ATOM   699  O  OE2 . GLU A 1 146 ? 7.861   -15.973 -7.910  1.00 62.15 ? 145 GLU A OE2 1 
ATOM   700  N  N   . ASP A 1 147 ? 11.456  -13.641 -8.097  1.00 44.61 ? 146 ASP A N   1 
ATOM   701  C  CA  . ASP A 1 147 ? 11.207  -12.242 -8.490  1.00 44.57 ? 146 ASP A CA  1 
ATOM   702  C  C   . ASP A 1 147 ? 12.481  -11.413 -8.268  1.00 44.55 ? 146 ASP A C   1 
ATOM   703  O  O   . ASP A 1 147 ? 12.571  -10.616 -7.332  1.00 42.68 ? 146 ASP A O   1 
ATOM   704  C  CB  . ASP A 1 147 ? 10.005  -11.672 -7.706  1.00 44.08 ? 146 ASP A CB  1 
ATOM   705  C  CG  . ASP A 1 147 ? 9.559   -10.295 -8.200  1.00 44.48 ? 146 ASP A CG  1 
ATOM   706  O  OD1 . ASP A 1 147 ? 9.999   -9.868  -9.284  1.00 49.09 ? 146 ASP A OD1 1 
ATOM   707  O  OD2 . ASP A 1 147 ? 8.752   -9.637  -7.504  1.00 43.74 ? 146 ASP A OD2 1 
ATOM   708  N  N   . GLU A 1 148 ? 13.440  -11.587 -9.179  1.00 45.28 ? 147 GLU A N   1 
ATOM   709  C  CA  . GLU A 1 148 ? 14.771  -10.968 -9.080  1.00 45.97 ? 147 GLU A CA  1 
ATOM   710  C  C   . GLU A 1 148 ? 14.729  -9.455  -9.005  1.00 45.16 ? 147 GLU A C   1 
ATOM   711  O  O   . GLU A 1 148 ? 14.123  -8.815  -9.853  1.00 44.97 ? 147 GLU A O   1 
ATOM   712  C  CB  . GLU A 1 148 ? 15.658  -11.389 -10.255 1.00 46.95 ? 147 GLU A CB  1 
ATOM   713  C  CG  . GLU A 1 148 ? 15.810  -12.905 -10.406 1.00 51.23 ? 147 GLU A CG  1 
ATOM   714  C  CD  . GLU A 1 148 ? 16.961  -13.287 -11.305 1.00 54.60 ? 147 GLU A CD  1 
ATOM   715  O  OE1 . GLU A 1 148 ? 18.122  -13.144 -10.861 1.00 55.82 ? 147 GLU A OE1 1 
ATOM   716  O  OE2 . GLU A 1 148 ? 16.699  -13.761 -12.432 1.00 55.08 ? 147 GLU A OE2 1 
ATOM   717  N  N   . GLY A 1 149 ? 15.376  -8.899  -7.978  1.00 44.85 ? 148 GLY A N   1 
ATOM   718  C  CA  . GLY A 1 149 ? 15.423  -7.456  -7.756  1.00 45.00 ? 148 GLY A CA  1 
ATOM   719  C  C   . GLY A 1 149 ? 14.275  -6.902  -6.927  1.00 45.99 ? 148 GLY A C   1 
ATOM   720  O  O   . GLY A 1 149 ? 14.336  -5.754  -6.495  1.00 47.34 ? 148 GLY A O   1 
ATOM   721  N  N   . ASN A 1 150 ? 13.223  -7.699  -6.726  1.00 46.16 ? 149 ASN A N   1 
ATOM   722  C  CA  . ASN A 1 150 ? 12.045  -7.321  -5.932  1.00 46.38 ? 149 ASN A CA  1 
ATOM   723  C  C   . ASN A 1 150 ? 11.555  -8.529  -5.147  1.00 44.72 ? 149 ASN A C   1 
ATOM   724  O  O   . ASN A 1 150 ? 10.351  -8.806  -5.089  1.00 44.53 ? 149 ASN A O   1 
ATOM   725  C  CB  . ASN A 1 150 ? 10.923  -6.823  -6.846  1.00 46.82 ? 149 ASN A CB  1 
ATOM   726  C  CG  . ASN A 1 150 ? 11.287  -5.556  -7.546  1.00 50.34 ? 149 ASN A CG  1 
ATOM   727  O  OD1 . ASN A 1 150 ? 11.689  -4.583  -6.904  1.00 57.11 ? 149 ASN A OD1 1 
ATOM   728  N  ND2 . ASN A 1 150 ? 11.158  -5.544  -8.868  1.00 51.67 ? 149 ASN A ND2 1 
ATOM   729  N  N   . GLU A 1 151 ? 12.488  -9.231  -4.511  1.00 41.55 ? 150 GLU A N   1 
ATOM   730  C  CA  . GLU A 1 151 ? 12.132  -10.495 -3.877  1.00 38.64 ? 150 GLU A CA  1 
ATOM   731  C  C   . GLU A 1 151 ? 11.441  -10.357 -2.520  1.00 36.89 ? 150 GLU A C   1 
ATOM   732  O  O   . GLU A 1 151 ? 10.774  -11.302 -2.104  1.00 37.28 ? 150 GLU A O   1 
ATOM   733  C  CB  . GLU A 1 151 ? 13.310  -11.489 -3.858  1.00 37.73 ? 150 GLU A CB  1 
ATOM   734  C  CG  . GLU A 1 151 ? 14.682  -10.951 -3.547  1.00 41.61 ? 150 GLU A CG  1 
ATOM   735  C  CD  . GLU A 1 151 ? 15.486  -10.463 -4.748  1.00 37.88 ? 150 GLU A CD  1 
ATOM   736  O  OE1 . GLU A 1 151 ? 15.588  -11.187 -5.752  1.00 33.71 ? 150 GLU A OE1 1 
ATOM   737  O  OE2 . GLU A 1 151 ? 16.079  -9.369  -4.653  1.00 45.36 ? 150 GLU A OE2 1 
ATOM   738  N  N   . LEU A 1 152 ? 11.532  -9.200  -1.867  1.00 34.83 ? 151 LEU A N   1 
ATOM   739  C  CA  . LEU A 1 152 ? 10.824  -8.989  -0.587  1.00 33.48 ? 151 LEU A CA  1 
ATOM   740  C  C   . LEU A 1 152 ? 9.660   -8.040  -0.753  1.00 33.02 ? 151 LEU A C   1 
ATOM   741  O  O   . LEU A 1 152 ? 9.871   -6.887  -1.093  1.00 33.94 ? 151 LEU A O   1 
ATOM   742  C  CB  . LEU A 1 152 ? 11.758  -8.433  0.487   1.00 33.01 ? 151 LEU A CB  1 
ATOM   743  C  CG  . LEU A 1 152 ? 12.768  -9.441  1.017   1.00 29.45 ? 151 LEU A CG  1 
ATOM   744  C  CD1 . LEU A 1 152 ? 13.864  -8.733  1.815   1.00 26.26 ? 151 LEU A CD1 1 
ATOM   745  C  CD2 . LEU A 1 152 ? 12.080  -10.521 1.835   1.00 25.28 ? 151 LEU A CD2 1 
ATOM   746  N  N   . HIS A 1 153 ? 8.445   -8.525  -0.488  1.00 32.31 ? 152 HIS A N   1 
ATOM   747  C  CA  . HIS A 1 153 ? 7.217   -7.740  -0.613  1.00 31.73 ? 152 HIS A CA  1 
ATOM   748  C  C   . HIS A 1 153 ? 6.573   -7.573  0.747   1.00 30.17 ? 152 HIS A C   1 
ATOM   749  O  O   . HIS A 1 153 ? 6.697   -8.459  1.596   1.00 29.93 ? 152 HIS A O   1 
ATOM   750  C  CB  . HIS A 1 153 ? 6.194   -8.457  -1.501  1.00 33.03 ? 152 HIS A CB  1 
ATOM   751  C  CG  . HIS A 1 153 ? 6.576   -8.573  -2.953  1.00 38.46 ? 152 HIS A CG  1 
ATOM   752  N  ND1 . HIS A 1 153 ? 5.689   -8.299  -3.977  1.00 35.64 ? 152 HIS A ND1 1 
ATOM   753  C  CD2 . HIS A 1 153 ? 7.732   -8.950  -3.551  1.00 39.28 ? 152 HIS A CD2 1 
ATOM   754  C  CE1 . HIS A 1 153 ? 6.283   -8.512  -5.138  1.00 38.51 ? 152 HIS A CE1 1 
ATOM   755  N  NE2 . HIS A 1 153 ? 7.522   -8.908  -4.909  1.00 36.95 ? 152 HIS A NE2 1 
ATOM   756  N  N   . ALA A 1 154 ? 5.860   -6.459  0.934   1.00 28.38 ? 153 ALA A N   1 
ATOM   757  C  CA  . ALA A 1 154 ? 5.120   -6.159  2.167   1.00 26.55 ? 153 ALA A CA  1 
ATOM   758  C  C   . ALA A 1 154 ? 3.693   -5.775  1.785   1.00 26.83 ? 153 ALA A C   1 
ATOM   759  O  O   . ALA A 1 154 ? 3.509   -4.872  0.979   1.00 27.82 ? 153 ALA A O   1 
ATOM   760  C  CB  . ALA A 1 154 ? 5.778   -5.032  2.921   1.00 24.08 ? 153 ALA A CB  1 
ATOM   761  N  N   . VAL A 1 155 ? 2.694   -6.444  2.358   1.00 26.47 ? 154 VAL A N   1 
ATOM   762  C  CA  . VAL A 1 155 ? 1.296   -6.188  2.031   1.00 26.91 ? 154 VAL A CA  1 
ATOM   763  C  C   . VAL A 1 155 ? 0.530   -5.525  3.185   1.00 29.86 ? 154 VAL A C   1 
ATOM   764  O  O   . VAL A 1 155 ? 0.388   -6.100  4.265   1.00 32.13 ? 154 VAL A O   1 
ATOM   765  C  CB  . VAL A 1 155 ? 0.593   -7.482  1.650   1.00 27.17 ? 154 VAL A CB  1 
ATOM   766  C  CG1 . VAL A 1 155 ? -0.846  -7.211  1.244   1.00 19.78 ? 154 VAL A CG1 1 
ATOM   767  C  CG2 . VAL A 1 155 ? 1.361   -8.168  0.514   1.00 29.69 ? 154 VAL A CG2 1 
ATOM   768  N  N   . TYR A 1 156 ? -0.010  -4.335  2.916   1.00 29.67 ? 155 TYR A N   1 
ATOM   769  C  CA  . TYR A 1 156 ? -0.709  -3.553  3.906   1.00 28.09 ? 155 TYR A CA  1 
ATOM   770  C  C   . TYR A 1 156 ? -2.204  -3.484  3.632   1.00 27.68 ? 155 TYR A C   1 
ATOM   771  O  O   . TYR A 1 156 ? -2.622  -2.784  2.739   1.00 29.48 ? 155 TYR A O   1 
ATOM   772  C  CB  . TYR A 1 156 ? -0.184  -2.112  3.890   1.00 26.82 ? 155 TYR A CB  1 
ATOM   773  C  CG  . TYR A 1 156 ? 1.313   -1.927  4.025   1.00 31.79 ? 155 TYR A CG  1 
ATOM   774  C  CD1 . TYR A 1 156 ? 2.165   -2.163  2.952   1.00 37.76 ? 155 TYR A CD1 1 
ATOM   775  C  CD2 . TYR A 1 156 ? 1.872   -1.436  5.196   1.00 29.82 ? 155 TYR A CD2 1 
ATOM   776  C  CE1 . TYR A 1 156 ? 3.537   -1.962  3.061   1.00 35.09 ? 155 TYR A CE1 1 
ATOM   777  C  CE2 . TYR A 1 156 ? 3.238   -1.244  5.310   1.00 32.29 ? 155 TYR A CE2 1 
ATOM   778  C  CZ  . TYR A 1 156 ? 4.065   -1.507  4.238   1.00 32.47 ? 155 TYR A CZ  1 
ATOM   779  O  OH  . TYR A 1 156 ? 5.428   -1.315  4.343   1.00 36.53 ? 155 TYR A OH  1 
ATOM   780  N  N   . ALA A 1 157 ? -3.023  -4.166  4.419   1.00 28.58 ? 156 ALA A N   1 
ATOM   781  C  CA  . ALA A 1 157 ? -4.469  -4.038  4.279   1.00 28.29 ? 156 ALA A CA  1 
ATOM   782  C  C   . ALA A 1 157 ? -4.906  -2.797  5.057   1.00 29.43 ? 156 ALA A C   1 
ATOM   783  O  O   . ALA A 1 157 ? -4.546  -2.659  6.229   1.00 28.38 ? 156 ALA A O   1 
ATOM   784  C  CB  . ALA A 1 157 ? -5.166  -5.269  4.803   1.00 27.29 ? 156 ALA A CB  1 
ATOM   785  N  N   . LEU A 1 158 ? -5.656  -1.900  4.400   1.00 30.86 ? 157 LEU A N   1 
ATOM   786  C  CA  . LEU A 1 158 ? -6.192  -0.668  5.013   1.00 30.81 ? 157 LEU A CA  1 
ATOM   787  C  C   . LEU A 1 158 ? -7.700  -0.635  4.849   1.00 33.12 ? 157 LEU A C   1 
ATOM   788  O  O   . LEU A 1 158 ? -8.227  -1.163  3.881   1.00 33.62 ? 157 LEU A O   1 
ATOM   789  C  CB  . LEU A 1 158 ? -5.610  0.577   4.361   1.00 29.52 ? 157 LEU A CB  1 
ATOM   790  C  CG  . LEU A 1 158 ? -4.089  0.745   4.414   1.00 34.39 ? 157 LEU A CG  1 
ATOM   791  C  CD1 . LEU A 1 158 ? -3.694  1.971   3.621   1.00 31.44 ? 157 LEU A CD1 1 
ATOM   792  C  CD2 . LEU A 1 158 ? -3.554  0.834   5.853   1.00 29.96 ? 157 LEU A CD2 1 
ATOM   793  N  N   . ARG A 1 159 ? -8.400  -0.001  5.782   1.00 36.24 ? 158 ARG A N   1 
ATOM   794  C  CA  . ARG A 1 159 ? -9.853  0.058   5.721   1.00 38.93 ? 158 ARG A CA  1 
ATOM   795  C  C   . ARG A 1 159 ? -10.333 1.452   6.139   1.00 38.92 ? 158 ARG A C   1 
ATOM   796  O  O   . ARG A 1 159 ? -9.751  2.056   7.029   1.00 38.00 ? 158 ARG A O   1 
ATOM   797  C  CB  . ARG A 1 159 ? -10.426 -1.046  6.615   1.00 40.26 ? 158 ARG A CB  1 
ATOM   798  C  CG  . ARG A 1 159 ? -11.892 -1.431  6.358   1.00 50.60 ? 158 ARG A CG  1 
ATOM   799  C  CD  . ARG A 1 159 ? -12.322 -2.676  7.187   1.00 59.51 ? 158 ARG A CD  1 
ATOM   800  N  NE  . ARG A 1 159 ? -11.542 -3.889  6.875   1.00 66.06 ? 158 ARG A NE  1 
ATOM   801  C  CZ  . ARG A 1 159 ? -11.737 -5.096  7.422   1.00 70.12 ? 158 ARG A CZ  1 
ATOM   802  N  NH1 . ARG A 1 159 ? -12.696 -5.302  8.325   1.00 69.74 ? 158 ARG A NH1 1 
ATOM   803  N  NH2 . ARG A 1 159 ? -10.968 -6.119  7.058   1.00 71.44 ? 158 ARG A NH2 1 
ATOM   804  N  N   . SER A 1 160 ? -11.338 1.982   5.435   1.00 40.65 ? 159 SER A N   1 
ATOM   805  C  CA  . SER A 1 160 ? -11.947 3.281   5.762   1.00 41.02 ? 159 SER A CA  1 
ATOM   806  C  C   . SER A 1 160 ? -13.383 3.074   6.235   1.00 41.87 ? 159 SER A C   1 
ATOM   807  O  O   . SER A 1 160 ? -14.242 2.660   5.457   1.00 39.01 ? 159 SER A O   1 
ATOM   808  C  CB  . SER A 1 160 ? -11.952 4.225   4.565   1.00 41.29 ? 159 SER A CB  1 
ATOM   809  O  OG  . SER A 1 160 ? -12.743 5.376   4.840   1.00 39.93 ? 159 SER A OG  1 
ATOM   810  N  N   . ILE A 1 161 ? -13.630 3.350   7.515   1.00 43.61 ? 160 ILE A N   1 
ATOM   811  C  CA  . ILE A 1 161 ? -14.967 3.218   8.082   1.00 44.92 ? 160 ILE A CA  1 
ATOM   812  C  C   . ILE A 1 161 ? -15.867 4.326   7.545   1.00 45.42 ? 160 ILE A C   1 
ATOM   813  O  O   . ILE A 1 161 ? -17.015 4.061   7.190   1.00 45.88 ? 160 ILE A O   1 
ATOM   814  C  CB  . ILE A 1 161 ? -14.945 3.255   9.628   1.00 45.82 ? 160 ILE A CB  1 
ATOM   815  C  CG1 . ILE A 1 161 ? -14.086 2.111   10.192  1.00 48.04 ? 160 ILE A CG1 1 
ATOM   816  C  CG2 . ILE A 1 161 ? -16.361 3.178   10.187  1.00 44.48 ? 160 ILE A CG2 1 
ATOM   817  C  CD1 . ILE A 1 161 ? -14.501 0.707   9.716   1.00 51.32 ? 160 ILE A CD1 1 
ATOM   818  N  N   . THR A 1 162 ? -15.335 5.551   7.470   1.00 45.95 ? 161 THR A N   1 
ATOM   819  C  CA  . THR A 1 162 ? -16.074 6.712   6.967   1.00 46.56 ? 161 THR A CA  1 
ATOM   820  C  C   . THR A 1 162 ? -16.740 6.413   5.632   1.00 46.92 ? 161 THR A C   1 
ATOM   821  O  O   . THR A 1 162 ? -17.968 6.439   5.531   1.00 47.50 ? 161 THR A O   1 
ATOM   822  C  CB  . THR A 1 162 ? -15.150 7.948   6.778   1.00 46.94 ? 161 THR A CB  1 
ATOM   823  O  OG1 . THR A 1 162 ? -14.479 8.245   8.006   1.00 50.64 ? 161 THR A OG1 1 
ATOM   824  C  CG2 . THR A 1 162 ? -15.950 9.172   6.330   1.00 44.69 ? 161 THR A CG2 1 
ATOM   825  N  N   . HIS A 1 163 ? -15.922 6.090   4.630   1.00 46.67 ? 162 HIS A N   1 
ATOM   826  C  CA  . HIS A 1 163 ? -16.400 5.840   3.274   1.00 45.95 ? 162 HIS A CA  1 
ATOM   827  C  C   . HIS A 1 163 ? -16.694 4.365   2.951   1.00 45.92 ? 162 HIS A C   1 
ATOM   828  O  O   . HIS A 1 163 ? -17.101 4.059   1.836   1.00 45.95 ? 162 HIS A O   1 
ATOM   829  C  CB  . HIS A 1 163 ? -15.376 6.369   2.266   1.00 45.41 ? 162 HIS A CB  1 
ATOM   830  C  CG  . HIS A 1 163 ? -15.091 7.836   2.385   1.00 44.76 ? 162 HIS A CG  1 
ATOM   831  N  ND1 . HIS A 1 163 ? -16.071 8.799   2.269   1.00 46.77 ? 162 HIS A ND1 1 
ATOM   832  C  CD2 . HIS A 1 163 ? -13.925 8.508   2.533   1.00 45.47 ? 162 HIS A CD2 1 
ATOM   833  C  CE1 . HIS A 1 163 ? -15.527 9.999   2.386   1.00 44.75 ? 162 HIS A CE1 1 
ATOM   834  N  NE2 . HIS A 1 163 ? -14.223 9.850   2.539   1.00 43.40 ? 162 HIS A NE2 1 
ATOM   835  N  N   . ASN A 1 164 ? -16.508 3.465   3.917   1.00 46.54 ? 163 ASN A N   1 
ATOM   836  C  CA  . ASN A 1 164 ? -16.715 2.016   3.710   1.00 47.25 ? 163 ASN A CA  1 
ATOM   837  C  C   . ASN A 1 164 ? -15.886 1.420   2.549   1.00 47.67 ? 163 ASN A C   1 
ATOM   838  O  O   . ASN A 1 164 ? -16.421 0.767   1.652   1.00 48.59 ? 163 ASN A O   1 
ATOM   839  C  CB  . ASN A 1 164 ? -18.196 1.692   3.516   1.00 47.35 ? 163 ASN A CB  1 
ATOM   840  C  CG  . ASN A 1 164 ? -18.472 0.199   3.525   1.00 47.23 ? 163 ASN A CG  1 
ATOM   841  O  OD1 . ASN A 1 164 ? -17.672 -0.593  4.014   1.00 41.41 ? 163 ASN A OD1 1 
ATOM   842  N  ND2 . ASN A 1 164 ? -19.615 -0.189  2.984   1.00 50.36 ? 163 ASN A ND2 1 
ATOM   843  N  N   . TYR A 1 165 ? -14.579 1.667   2.580   1.00 47.54 ? 164 TYR A N   1 
ATOM   844  C  CA  . TYR A 1 165 ? -13.649 1.161   1.587   1.00 46.67 ? 164 TYR A CA  1 
ATOM   845  C  C   . TYR A 1 165 ? -12.675 0.155   2.201   1.00 46.88 ? 164 TYR A C   1 
ATOM   846  O  O   . TYR A 1 165 ? -12.446 0.158   3.410   1.00 47.39 ? 164 TYR A O   1 
ATOM   847  C  CB  . TYR A 1 165 ? -12.781 2.284   1.019   1.00 46.04 ? 164 TYR A CB  1 
ATOM   848  C  CG  . TYR A 1 165 ? -13.456 3.460   0.336   1.00 46.62 ? 164 TYR A CG  1 
ATOM   849  C  CD1 . TYR A 1 165 ? -14.638 3.318   -0.398  1.00 47.56 ? 164 TYR A CD1 1 
ATOM   850  C  CD2 . TYR A 1 165 ? -12.820 4.699   0.310   1.00 45.69 ? 164 TYR A CD2 1 
ATOM   851  C  CE1 . TYR A 1 165 ? -15.204 4.413   -1.059  1.00 44.94 ? 164 TYR A CE1 1 
ATOM   852  C  CE2 . TYR A 1 165 ? -13.367 5.788   -0.353  1.00 44.73 ? 164 TYR A CE2 1 
ATOM   853  C  CZ  . TYR A 1 165 ? -14.553 5.647   -1.039  1.00 46.72 ? 164 TYR A CZ  1 
ATOM   854  O  OH  . TYR A 1 165 ? -15.079 6.746   -1.693  1.00 42.44 ? 164 TYR A OH  1 
ATOM   855  N  N   . GLU A 1 166 ? -12.094 -0.685  1.346   1.00 46.58 ? 165 GLU A N   1 
ATOM   856  C  CA  . GLU A 1 166 ? -11.026 -1.615  1.727   1.00 45.73 ? 165 GLU A CA  1 
ATOM   857  C  C   . GLU A 1 166 ? -10.036 -1.738  0.567   1.00 43.69 ? 165 GLU A C   1 
ATOM   858  O  O   . GLU A 1 166 ? -10.430 -1.926  -0.578  1.00 44.11 ? 165 GLU A O   1 
ATOM   859  C  CB  . GLU A 1 166 ? -11.552 -2.994  2.148   1.00 46.06 ? 165 GLU A CB  1 
ATOM   860  C  CG  . GLU A 1 166 ? -10.410 -3.977  2.524   1.00 52.05 ? 165 GLU A CG  1 
ATOM   861  C  CD  . GLU A 1 166 ? -10.843 -5.155  3.410   1.00 57.74 ? 165 GLU A CD  1 
ATOM   862  O  OE1 . GLU A 1 166 ? -12.064 -5.409  3.525   1.00 63.01 ? 165 GLU A OE1 1 
ATOM   863  O  OE2 . GLU A 1 166 ? -9.951  -5.820  3.998   1.00 53.28 ? 165 GLU A OE2 1 
ATOM   864  N  N   . ILE A 1 167 ? -8.749  -1.599  0.864   1.00 42.05 ? 166 ILE A N   1 
ATOM   865  C  CA  . ILE A 1 167 ? -7.712  -1.714  -0.148  1.00 40.32 ? 166 ILE A CA  1 
ATOM   866  C  C   . ILE A 1 167 ? -6.471  -2.314  0.469   1.00 40.20 ? 166 ILE A C   1 
ATOM   867  O  O   . ILE A 1 167 ? -6.374  -2.451  1.692   1.00 40.45 ? 166 ILE A O   1 
ATOM   868  C  CB  . ILE A 1 167 ? -7.324  -0.341  -0.750  1.00 39.48 ? 166 ILE A CB  1 
ATOM   869  C  CG1 . ILE A 1 167 ? -6.506  0.487   0.233   1.00 35.54 ? 166 ILE A CG1 1 
ATOM   870  C  CG2 . ILE A 1 167 ? -8.556  0.446   -1.172  1.00 39.71 ? 166 ILE A CG2 1 
ATOM   871  C  CD1 . ILE A 1 167 ? -6.220  1.865   -0.276  1.00 33.82 ? 166 ILE A CD1 1 
ATOM   872  N  N   . ARG A 1 168 ? -5.518  -2.657  -0.392  1.00 38.93 ? 167 ARG A N   1 
ATOM   873  C  CA  . ARG A 1 168 ? -4.224  -3.158  0.044   1.00 37.23 ? 167 ARG A CA  1 
ATOM   874  C  C   . ARG A 1 168 ? -3.134  -2.378  -0.653  1.00 36.03 ? 167 ARG A C   1 
ATOM   875  O  O   . ARG A 1 168 ? -3.298  -1.993  -1.804  1.00 38.27 ? 167 ARG A O   1 
ATOM   876  C  CB  . ARG A 1 168 ? -4.072  -4.641  -0.270  1.00 37.45 ? 167 ARG A CB  1 
ATOM   877  C  CG  . ARG A 1 168 ? -4.964  -5.488  0.585   1.00 39.46 ? 167 ARG A CG  1 
ATOM   878  C  CD  . ARG A 1 168 ? -4.954  -6.947  0.239   1.00 44.73 ? 167 ARG A CD  1 
ATOM   879  N  NE  . ARG A 1 168 ? -6.065  -7.579  0.951   1.00 54.11 ? 167 ARG A NE  1 
ATOM   880  C  CZ  . ARG A 1 168 ? -6.028  -8.037  2.205   1.00 58.17 ? 167 ARG A CZ  1 
ATOM   881  N  NH1 . ARG A 1 168 ? -4.914  -7.981  2.936   1.00 67.35 ? 167 ARG A NH1 1 
ATOM   882  N  NH2 . ARG A 1 168 ? -7.120  -8.570  2.740   1.00 53.58 ? 167 ARG A NH2 1 
ATOM   883  N  N   . LEU A 1 169 ? -2.058  -2.082  0.063   1.00 32.12 ? 168 LEU A N   1 
ATOM   884  C  CA  . LEU A 1 169 ? -0.892  -1.490  -0.545  1.00 30.20 ? 168 LEU A CA  1 
ATOM   885  C  C   . LEU A 1 169 ? 0.063   -2.671  -0.634  1.00 30.35 ? 168 LEU A C   1 
ATOM   886  O  O   . LEU A 1 169 ? -0.078  -3.632  0.130   1.00 30.41 ? 168 LEU A O   1 
ATOM   887  C  CB  . LEU A 1 169 ? -0.293  -0.369  0.299   1.00 28.62 ? 168 LEU A CB  1 
ATOM   888  C  CG  . LEU A 1 169 ? -1.147  0.851   0.652   1.00 31.36 ? 168 LEU A CG  1 
ATOM   889  C  CD1 . LEU A 1 169 ? -0.297  1.920   1.394   1.00 21.51 ? 168 LEU A CD1 1 
ATOM   890  C  CD2 . LEU A 1 169 ? -1.813  1.456   -0.597  1.00 26.98 ? 168 LEU A CD2 1 
ATOM   891  N  N   . GLU A 1 170 ? 0.993   -2.639  -1.581  1.00 29.64 ? 169 GLU A N   1 
ATOM   892  C  CA  . GLU A 1 170 ? 1.995   -3.693  -1.696  1.00 30.16 ? 169 GLU A CA  1 
ATOM   893  C  C   . GLU A 1 170 ? 3.298   -3.078  -2.172  1.00 30.85 ? 169 GLU A C   1 
ATOM   894  O  O   . GLU A 1 170 ? 3.401   -2.664  -3.313  1.00 32.00 ? 169 GLU A O   1 
ATOM   895  C  CB  . GLU A 1 170 ? 1.543   -4.822  -2.619  1.00 29.64 ? 169 GLU A CB  1 
ATOM   896  C  CG  . GLU A 1 170 ? 2.608   -5.911  -2.764  1.00 32.07 ? 169 GLU A CG  1 
ATOM   897  C  CD  . GLU A 1 170 ? 2.074   -7.289  -3.156  1.00 34.65 ? 169 GLU A CD  1 
ATOM   898  O  OE1 . GLU A 1 170 ? 0.842   -7.509  -3.160  1.00 41.99 ? 169 GLU A OE1 1 
ATOM   899  O  OE2 . GLU A 1 170 ? 2.908   -8.175  -3.439  1.00 32.33 ? 169 GLU A OE2 1 
ATOM   900  N  N   . VAL A 1 171 ? 4.275   -2.997  -1.273  1.00 31.43 ? 170 VAL A N   1 
ATOM   901  C  CA  . VAL A 1 171 ? 5.568   -2.388  -1.564  1.00 30.33 ? 170 VAL A CA  1 
ATOM   902  C  C   . VAL A 1 171 ? 6.607   -3.487  -1.609  1.00 31.44 ? 170 VAL A C   1 
ATOM   903  O  O   . VAL A 1 171 ? 6.533   -4.418  -0.827  1.00 33.59 ? 170 VAL A O   1 
ATOM   904  C  CB  . VAL A 1 171 ? 5.960   -1.371  -0.481  1.00 29.38 ? 170 VAL A CB  1 
ATOM   905  C  CG1 . VAL A 1 171 ? 7.221   -0.635  -0.883  1.00 24.06 ? 170 VAL A CG1 1 
ATOM   906  C  CG2 . VAL A 1 171 ? 4.821   -0.373  -0.227  1.00 27.58 ? 170 VAL A CG2 1 
ATOM   907  N  N   . SER A 1 172 ? 7.560   -3.398  -2.527  1.00 32.66 ? 171 SER A N   1 
ATOM   908  C  CA  . SER A 1 172 ? 8.608   -4.400  -2.613  1.00 34.83 ? 171 SER A CA  1 
ATOM   909  C  C   . SER A 1 172 ? 9.990   -3.759  -2.553  1.00 35.17 ? 171 SER A C   1 
ATOM   910  O  O   . SER A 1 172 ? 10.136  -2.549  -2.695  1.00 35.92 ? 171 SER A O   1 
ATOM   911  C  CB  . SER A 1 172 ? 8.494   -5.196  -3.908  1.00 36.03 ? 171 SER A CB  1 
ATOM   912  O  OG  . SER A 1 172 ? 9.023   -4.460  -4.997  1.00 39.43 ? 171 SER A OG  1 
ATOM   913  N  N   . CYS A 1 173 ? 10.998  -4.590  -2.336  1.00 35.05 ? 172 CYS A N   1 
ATOM   914  C  CA  . CYS A 1 173 ? 12.378  -4.132  -2.301  1.00 35.69 ? 172 CYS A CA  1 
ATOM   915  C  C   . CYS A 1 173 ? 13.299  -5.313  -2.588  1.00 36.08 ? 172 CYS A C   1 
ATOM   916  O  O   . CYS A 1 173 ? 12.911  -6.461  -2.372  1.00 37.50 ? 172 CYS A O   1 
ATOM   917  C  CB  . CYS A 1 173 ? 12.713  -3.499  -0.953  1.00 35.36 ? 172 CYS A CB  1 
ATOM   918  S  SG  . CYS A 1 173 ? 12.560  -4.624  0.423   1.00 36.13 ? 172 CYS A SG  1 
ATOM   919  N  N   . PRO A 1 174 ? 14.512  -5.044  -3.092  1.00 37.04 ? 173 PRO A N   1 
ATOM   920  C  CA  . PRO A 1 174 ? 15.416  -6.164  -3.382  1.00 37.83 ? 173 PRO A CA  1 
ATOM   921  C  C   . PRO A 1 174 ? 16.106  -6.727  -2.147  1.00 37.45 ? 173 PRO A C   1 
ATOM   922  O  O   . PRO A 1 174 ? 16.279  -6.018  -1.165  1.00 37.22 ? 173 PRO A O   1 
ATOM   923  C  CB  . PRO A 1 174 ? 16.490  -5.534  -4.293  1.00 38.49 ? 173 PRO A CB  1 
ATOM   924  C  CG  . PRO A 1 174 ? 16.148  -4.066  -4.429  1.00 36.23 ? 173 PRO A CG  1 
ATOM   925  C  CD  . PRO A 1 174 ? 15.129  -3.738  -3.399  1.00 36.73 ? 173 PRO A CD  1 
ATOM   926  N  N   . ASP A 1 175 ? 16.496  -7.994  -2.200  1.00 37.65 ? 174 ASP A N   1 
ATOM   927  C  CA  . ASP A 1 175 ? 17.291  -8.575  -1.128  1.00 38.27 ? 174 ASP A CA  1 
ATOM   928  C  C   . ASP A 1 175 ? 18.625  -7.826  -1.002  1.00 39.43 ? 174 ASP A C   1 
ATOM   929  O  O   . ASP A 1 175 ? 19.142  -7.692  0.098   1.00 40.53 ? 174 ASP A O   1 
ATOM   930  C  CB  . ASP A 1 175 ? 17.555  -10.070 -1.354  1.00 37.52 ? 174 ASP A CB  1 
ATOM   931  C  CG  . ASP A 1 175 ? 16.401  -10.950 -0.921  1.00 36.24 ? 174 ASP A CG  1 
ATOM   932  O  OD1 . ASP A 1 175 ? 15.440  -10.455 -0.320  1.00 42.33 ? 174 ASP A OD1 1 
ATOM   933  O  OD2 . ASP A 1 175 ? 16.441  -12.165 -1.180  1.00 29.85 ? 174 ASP A OD2 1 
ATOM   934  N  N   . SER A 1 176 ? 19.174  -7.343  -2.118  1.00 40.34 ? 175 SER A N   1 
ATOM   935  C  CA  . SER A 1 176 ? 20.440  -6.591  -2.103  1.00 41.30 ? 175 SER A CA  1 
ATOM   936  C  C   . SER A 1 176 ? 20.342  -5.217  -1.402  1.00 41.74 ? 175 SER A C   1 
ATOM   937  O  O   . SER A 1 176 ? 21.362  -4.669  -0.987  1.00 42.83 ? 175 SER A O   1 
ATOM   938  C  CB  . SER A 1 176 ? 20.993  -6.422  -3.532  1.00 41.03 ? 175 SER A CB  1 
ATOM   939  O  OG  . SER A 1 176 ? 20.118  -5.672  -4.364  1.00 41.46 ? 175 SER A OG  1 
ATOM   940  N  N   . ASP A 1 177 ? 19.130  -4.676  -1.282  1.00 41.49 ? 176 ASP A N   1 
ATOM   941  C  CA  . ASP A 1 177 ? 18.871  -3.398  -0.614  1.00 41.78 ? 176 ASP A CA  1 
ATOM   942  C  C   . ASP A 1 177 ? 17.484  -3.529  0.027   1.00 41.66 ? 176 ASP A C   1 
ATOM   943  O  O   . ASP A 1 177 ? 16.508  -2.951  -0.452  1.00 42.43 ? 176 ASP A O   1 
ATOM   944  C  CB  . ASP A 1 177 ? 18.932  -2.247  -1.631  1.00 41.71 ? 176 ASP A CB  1 
ATOM   945  C  CG  . ASP A 1 177 ? 18.612  -0.874  -1.019  1.00 44.05 ? 176 ASP A CG  1 
ATOM   946  O  OD1 . ASP A 1 177 ? 18.662  -0.714  0.222   1.00 46.15 ? 176 ASP A OD1 1 
ATOM   947  O  OD2 . ASP A 1 177 ? 18.319  0.059   -1.797  1.00 41.46 ? 176 ASP A OD2 1 
ATOM   948  N  N   . PRO A 1 178 ? 17.387  -4.306  1.120   1.00 40.40 ? 177 PRO A N   1 
ATOM   949  C  CA  . PRO A 1 178 ? 16.103  -4.631  1.759   1.00 39.47 ? 177 PRO A CA  1 
ATOM   950  C  C   . PRO A 1 178 ? 15.523  -3.565  2.698   1.00 38.12 ? 177 PRO A C   1 
ATOM   951  O  O   . PRO A 1 178 ? 15.263  -3.844  3.868   1.00 36.84 ? 177 PRO A O   1 
ATOM   952  C  CB  . PRO A 1 178 ? 16.458  -5.896  2.546   1.00 39.98 ? 177 PRO A CB  1 
ATOM   953  C  CG  . PRO A 1 178 ? 17.854  -5.606  3.024   1.00 39.69 ? 177 PRO A CG  1 
ATOM   954  C  CD  . PRO A 1 178 ? 18.521  -4.855  1.889   1.00 40.26 ? 177 PRO A CD  1 
ATOM   955  N  N   . HIS A 1 179 ? 15.279  -2.372  2.176   1.00 37.59 ? 178 HIS A N   1 
ATOM   956  C  CA  . HIS A 1 179 ? 14.727  -1.287  2.977   1.00 38.10 ? 178 HIS A CA  1 
ATOM   957  C  C   . HIS A 1 179 ? 13.369  -0.792  2.450   1.00 37.42 ? 178 HIS A C   1 
ATOM   958  O  O   . HIS A 1 179 ? 13.220  -0.542  1.260   1.00 37.48 ? 178 HIS A O   1 
ATOM   959  C  CB  . HIS A 1 179 ? 15.717  -0.116  3.024   1.00 39.09 ? 178 HIS A CB  1 
ATOM   960  C  CG  . HIS A 1 179 ? 16.990  -0.422  3.756   1.00 42.38 ? 178 HIS A CG  1 
ATOM   961  N  ND1 . HIS A 1 179 ? 17.211  -0.030  5.059   1.00 43.69 ? 178 HIS A ND1 1 
ATOM   962  C  CD2 . HIS A 1 179 ? 18.102  -1.098  3.374   1.00 43.00 ? 178 HIS A CD2 1 
ATOM   963  C  CE1 . HIS A 1 179 ? 18.404  -0.447  5.447   1.00 42.86 ? 178 HIS A CE1 1 
ATOM   964  N  NE2 . HIS A 1 179 ? 18.966  -1.094  4.441   1.00 40.55 ? 178 HIS A NE2 1 
ATOM   965  N  N   . ILE A 1 180 ? 12.386  -0.690  3.344   1.00 36.36 ? 179 ILE A N   1 
ATOM   966  C  CA  . ILE A 1 180 ? 11.075  -0.114  3.036   1.00 35.99 ? 179 ILE A CA  1 
ATOM   967  C  C   . ILE A 1 180 ? 10.808  0.851   4.165   1.00 35.84 ? 179 ILE A C   1 
ATOM   968  O  O   . ILE A 1 180 ? 10.973  0.468   5.316   1.00 37.37 ? 179 ILE A O   1 
ATOM   969  C  CB  . ILE A 1 180 ? 9.924   -1.132  3.017   1.00 35.67 ? 179 ILE A CB  1 
ATOM   970  C  CG1 . ILE A 1 180 ? 10.091  -2.126  1.875   1.00 33.77 ? 179 ILE A CG1 1 
ATOM   971  C  CG2 . ILE A 1 180 ? 8.603   -0.405  2.852   1.00 34.87 ? 179 ILE A CG2 1 
ATOM   972  C  CD1 . ILE A 1 180 ? 9.051   -3.214  1.857   1.00 26.38 ? 179 ILE A CD1 1 
ATOM   973  N  N   . PRO A 1 181 ? 10.405  2.097   3.869   1.00 35.81 ? 180 PRO A N   1 
ATOM   974  C  CA  . PRO A 1 181 ? 10.166  3.012   4.990   1.00 35.67 ? 180 PRO A CA  1 
ATOM   975  C  C   . PRO A 1 181 ? 9.071   2.547   5.944   1.00 35.32 ? 180 PRO A C   1 
ATOM   976  O  O   . PRO A 1 181 ? 8.057   2.018   5.499   1.00 36.94 ? 180 PRO A O   1 
ATOM   977  C  CB  . PRO A 1 181 ? 9.698   4.294   4.299   1.00 34.92 ? 180 PRO A CB  1 
ATOM   978  C  CG  . PRO A 1 181 ? 10.268  4.229   2.945   1.00 35.88 ? 180 PRO A CG  1 
ATOM   979  C  CD  . PRO A 1 181 ? 10.257  2.780   2.571   1.00 37.19 ? 180 PRO A CD  1 
ATOM   980  N  N   . SER A 1 182 ? 9.298   2.712   7.241   1.00 34.40 ? 181 SER A N   1 
ATOM   981  C  CA  . SER A 1 182 ? 8.278   2.436   8.243   1.00 33.12 ? 181 SER A CA  1 
ATOM   982  C  C   . SER A 1 182 ? 7.180   3.450   8.066   1.00 32.70 ? 181 SER A C   1 
ATOM   983  O  O   . SER A 1 182 ? 7.434   4.554   7.582   1.00 33.05 ? 181 SER A O   1 
ATOM   984  C  CB  . SER A 1 182 ? 8.823   2.590   9.660   1.00 33.28 ? 181 SER A CB  1 
ATOM   985  O  OG  . SER A 1 182 ? 7.772   2.543   10.617  1.00 29.35 ? 181 SER A OG  1 
ATOM   986  N  N   . ILE A 1 183 ? 5.964   3.077   8.451   1.00 32.68 ? 182 ILE A N   1 
ATOM   987  C  CA  . ILE A 1 183 ? 4.837   3.992   8.389   1.00 32.98 ? 182 ILE A CA  1 
ATOM   988  C  C   . ILE A 1 183 ? 4.219   4.130   9.770   1.00 35.21 ? 182 ILE A C   1 
ATOM   989  O  O   . ILE A 1 183 ? 3.049   4.482   9.898   1.00 35.93 ? 182 ILE A O   1 
ATOM   990  C  CB  . ILE A 1 183 ? 3.791   3.578   7.329   1.00 33.44 ? 182 ILE A CB  1 
ATOM   991  C  CG1 . ILE A 1 183 ? 3.093   2.262   7.686   1.00 31.88 ? 182 ILE A CG1 1 
ATOM   992  C  CG2 . ILE A 1 183 ? 4.456   3.477   5.948   1.00 28.88 ? 182 ILE A CG2 1 
ATOM   993  C  CD1 . ILE A 1 183 ? 2.029   1.904   6.684   1.00 29.04 ? 182 ILE A CD1 1 
ATOM   994  N  N   . VAL A 1 184 ? 5.028   3.893   10.804  1.00 37.13 ? 183 VAL A N   1 
ATOM   995  C  CA  . VAL A 1 184 ? 4.572   4.020   12.182  1.00 37.64 ? 183 VAL A CA  1 
ATOM   996  C  C   . VAL A 1 184 ? 4.170   5.467   12.480  1.00 39.33 ? 183 VAL A C   1 
ATOM   997  O  O   . VAL A 1 184 ? 3.239   5.697   13.253  1.00 41.17 ? 183 VAL A O   1 
ATOM   998  C  CB  . VAL A 1 184 ? 5.642   3.533   13.169  1.00 38.31 ? 183 VAL A CB  1 
ATOM   999  C  CG1 . VAL A 1 184 ? 5.238   3.837   14.610  1.00 33.76 ? 183 VAL A CG1 1 
ATOM   1000 C  CG2 . VAL A 1 184 ? 5.881   2.028   12.970  1.00 38.69 ? 183 VAL A CG2 1 
ATOM   1001 N  N   . SER A 1 185 ? 4.851   6.427   11.844  1.00 39.59 ? 184 SER A N   1 
ATOM   1002 C  CA  . SER A 1 185 ? 4.543   7.860   11.968  1.00 39.39 ? 184 SER A CA  1 
ATOM   1003 C  C   . SER A 1 185 ? 3.090   8.161   11.613  1.00 39.17 ? 184 SER A C   1 
ATOM   1004 O  O   . SER A 1 185 ? 2.474   9.053   12.194  1.00 38.96 ? 184 SER A O   1 
ATOM   1005 C  CB  . SER A 1 185 ? 5.399   8.659   10.992  1.00 39.13 ? 184 SER A CB  1 
ATOM   1006 O  OG  . SER A 1 185 ? 6.609   7.984   10.721  1.00 43.91 ? 184 SER A OG  1 
ATOM   1007 N  N   . VAL A 1 186 ? 2.563   7.433   10.629  1.00 38.58 ? 185 VAL A N   1 
ATOM   1008 C  CA  . VAL A 1 186 ? 1.180   7.595   10.174  1.00 39.26 ? 185 VAL A CA  1 
ATOM   1009 C  C   . VAL A 1 186 ? 0.215   6.671   10.934  1.00 39.28 ? 185 VAL A C   1 
ATOM   1010 O  O   . VAL A 1 186 ? -0.829  7.103   11.423  1.00 37.74 ? 185 VAL A O   1 
ATOM   1011 C  CB  . VAL A 1 186 ? 1.077   7.302   8.658   1.00 39.26 ? 185 VAL A CB  1 
ATOM   1012 C  CG1 . VAL A 1 186 ? -0.357  7.449   8.160   1.00 39.23 ? 185 VAL A CG1 1 
ATOM   1013 C  CG2 . VAL A 1 186 ? 2.020   8.218   7.878   1.00 39.22 ? 185 VAL A CG2 1 
ATOM   1014 N  N   . TYR A 1 187 ? 0.583   5.392   11.009  1.00 40.71 ? 186 TYR A N   1 
ATOM   1015 C  CA  . TYR A 1 187 ? -0.211  4.351   11.669  1.00 40.18 ? 186 TYR A CA  1 
ATOM   1016 C  C   . TYR A 1 187 ? 0.612   3.675   12.762  1.00 40.26 ? 186 TYR A C   1 
ATOM   1017 O  O   . TYR A 1 187 ? 1.323   2.701   12.481  1.00 41.23 ? 186 TYR A O   1 
ATOM   1018 C  CB  . TYR A 1 187 ? -0.653  3.294   10.658  1.00 39.06 ? 186 TYR A CB  1 
ATOM   1019 C  CG  . TYR A 1 187 ? -1.588  3.798   9.590   1.00 35.97 ? 186 TYR A CG  1 
ATOM   1020 C  CD1 . TYR A 1 187 ? -2.899  4.129   9.895   1.00 33.92 ? 186 TYR A CD1 1 
ATOM   1021 C  CD2 . TYR A 1 187 ? -1.179  3.899   8.266   1.00 36.62 ? 186 TYR A CD2 1 
ATOM   1022 C  CE1 . TYR A 1 187 ? -3.776  4.572   8.918   1.00 35.20 ? 186 TYR A CE1 1 
ATOM   1023 C  CE2 . TYR A 1 187 ? -2.053  4.345   7.278   1.00 35.84 ? 186 TYR A CE2 1 
ATOM   1024 C  CZ  . TYR A 1 187 ? -3.351  4.677   7.610   1.00 34.91 ? 186 TYR A CZ  1 
ATOM   1025 O  OH  . TYR A 1 187 ? -4.225  5.119   6.638   1.00 39.45 ? 186 TYR A OH  1 
ATOM   1026 N  N   . PRO A 1 188 ? 0.529   4.184   14.007  1.00 39.31 ? 187 PRO A N   1 
ATOM   1027 C  CA  . PRO A 1 188 ? 1.283   3.633   15.146  1.00 38.43 ? 187 PRO A CA  1 
ATOM   1028 C  C   . PRO A 1 188 ? 1.112   2.120   15.323  1.00 38.23 ? 187 PRO A C   1 
ATOM   1029 O  O   . PRO A 1 188 ? 2.074   1.430   15.653  1.00 38.93 ? 187 PRO A O   1 
ATOM   1030 C  CB  . PRO A 1 188 ? 0.694   4.374   16.348  1.00 38.40 ? 187 PRO A CB  1 
ATOM   1031 C  CG  . PRO A 1 188 ? 0.124   5.613   15.800  1.00 38.39 ? 187 PRO A CG  1 
ATOM   1032 C  CD  . PRO A 1 188 ? -0.320  5.319   14.410  1.00 38.81 ? 187 PRO A CD  1 
ATOM   1033 N  N   . THR A 1 189 ? -0.110  1.628   15.121  1.00 38.40 ? 188 THR A N   1 
ATOM   1034 C  CA  . THR A 1 189 ? -0.426  0.196   15.190  1.00 39.21 ? 188 THR A CA  1 
ATOM   1035 C  C   . THR A 1 189 ? 0.519   -0.719  14.418  1.00 38.65 ? 188 THR A C   1 
ATOM   1036 O  O   . THR A 1 189 ? 0.805   -1.833  14.849  1.00 39.07 ? 188 THR A O   1 
ATOM   1037 C  CB  . THR A 1 189 ? -1.816  -0.056  14.614  1.00 39.38 ? 188 THR A CB  1 
ATOM   1038 O  OG1 . THR A 1 189 ? -2.782  0.239   15.619  1.00 43.14 ? 188 THR A OG1 1 
ATOM   1039 C  CG2 . THR A 1 189 ? -1.977  -1.514  14.178  1.00 45.86 ? 188 THR A CG2 1 
ATOM   1040 N  N   . ASN A 1 190 ? 1.022   -0.234  13.287  1.00 37.47 ? 189 ASN A N   1 
ATOM   1041 C  CA  . ASN A 1 190 ? 1.866   -1.037  12.418  1.00 36.43 ? 189 ASN A CA  1 
ATOM   1042 C  C   . ASN A 1 190 ? 3.241   -1.410  12.983  1.00 35.17 ? 189 ASN A C   1 
ATOM   1043 O  O   . ASN A 1 190 ? 3.929   -2.227  12.383  1.00 35.36 ? 189 ASN A O   1 
ATOM   1044 C  CB  . ASN A 1 190 ? 2.048   -0.306  11.080  1.00 36.45 ? 189 ASN A CB  1 
ATOM   1045 C  CG  . ASN A 1 190 ? 2.261   -1.255  9.922   1.00 36.91 ? 189 ASN A CG  1 
ATOM   1046 O  OD1 . ASN A 1 190 ? 1.511   -2.214  9.747   1.00 34.76 ? 189 ASN A OD1 1 
ATOM   1047 N  ND2 . ASN A 1 190 ? 3.259   -0.971  9.103   1.00 35.58 ? 189 ASN A ND2 1 
ATOM   1048 N  N   . ASP A 1 191 ? 3.626   -0.832  14.126  1.00 34.79 ? 190 ASP A N   1 
ATOM   1049 C  CA  . ASP A 1 191 ? 4.944   -1.063  14.755  1.00 33.62 ? 190 ASP A CA  1 
ATOM   1050 C  C   . ASP A 1 191 ? 5.336   -2.531  14.909  1.00 31.53 ? 190 ASP A C   1 
ATOM   1051 O  O   . ASP A 1 191 ? 6.386   -2.951  14.428  1.00 31.87 ? 190 ASP A O   1 
ATOM   1052 C  CB  . ASP A 1 191 ? 4.994   -0.372  16.134  1.00 35.07 ? 190 ASP A CB  1 
ATOM   1053 C  CG  . ASP A 1 191 ? 6.389   -0.386  16.759  1.00 36.18 ? 190 ASP A CG  1 
ATOM   1054 O  OD1 . ASP A 1 191 ? 7.064   -1.446  16.764  1.00 36.71 ? 190 ASP A OD1 1 
ATOM   1055 O  OD2 . ASP A 1 191 ? 6.801   0.676   17.270  1.00 36.98 ? 190 ASP A OD2 1 
ATOM   1056 N  N   . TRP A 1 192 ? 4.515   -3.300  15.606  1.00 30.39 ? 191 TRP A N   1 
ATOM   1057 C  CA  . TRP A 1 192 ? 4.820   -4.716  15.832  1.00 31.21 ? 191 TRP A CA  1 
ATOM   1058 C  C   . TRP A 1 192 ? 4.843   -5.522  14.524  1.00 31.89 ? 191 TRP A C   1 
ATOM   1059 O  O   . TRP A 1 192 ? 5.697   -6.405  14.333  1.00 32.45 ? 191 TRP A O   1 
ATOM   1060 C  CB  . TRP A 1 192 ? 3.822   -5.328  16.822  1.00 30.16 ? 191 TRP A CB  1 
ATOM   1061 C  CG  . TRP A 1 192 ? 3.920   -6.809  16.903  1.00 35.38 ? 191 TRP A CG  1 
ATOM   1062 C  CD1 . TRP A 1 192 ? 3.119   -7.730  16.267  1.00 40.64 ? 191 TRP A CD1 1 
ATOM   1063 C  CD2 . TRP A 1 192 ? 4.889   -7.559  17.633  1.00 32.98 ? 191 TRP A CD2 1 
ATOM   1064 N  NE1 . TRP A 1 192 ? 3.528   -9.005  16.583  1.00 40.71 ? 191 TRP A NE1 1 
ATOM   1065 C  CE2 . TRP A 1 192 ? 4.614   -8.926  17.416  1.00 33.55 ? 191 TRP A CE2 1 
ATOM   1066 C  CE3 . TRP A 1 192 ? 5.958   -7.211  18.453  1.00 37.54 ? 191 TRP A CE3 1 
ATOM   1067 C  CZ2 . TRP A 1 192 ? 5.376   -9.938  17.985  1.00 37.31 ? 191 TRP A CZ2 1 
ATOM   1068 C  CZ3 . TRP A 1 192 ? 6.717   -8.228  19.028  1.00 44.50 ? 191 TRP A CZ3 1 
ATOM   1069 C  CH2 . TRP A 1 192 ? 6.422   -9.572  18.787  1.00 42.07 ? 191 TRP A CH2 1 
ATOM   1070 N  N   . HIS A 1 193 ? 3.906   -5.212  13.630  1.00 30.33 ? 192 HIS A N   1 
ATOM   1071 C  CA  . HIS A 1 193 ? 3.822   -5.911  12.356  1.00 29.69 ? 192 HIS A CA  1 
ATOM   1072 C  C   . HIS A 1 193 ? 5.065   -5.689  11.511  1.00 29.10 ? 192 HIS A C   1 
ATOM   1073 O  O   . HIS A 1 193 ? 5.543   -6.622  10.870  1.00 29.93 ? 192 HIS A O   1 
ATOM   1074 C  CB  . HIS A 1 193 ? 2.555   -5.520  11.621  1.00 29.73 ? 192 HIS A CB  1 
ATOM   1075 C  CG  . HIS A 1 193 ? 1.319   -5.971  12.328  1.00 29.66 ? 192 HIS A CG  1 
ATOM   1076 N  ND1 . HIS A 1 193 ? 0.515   -5.113  13.044  1.00 30.05 ? 192 HIS A ND1 1 
ATOM   1077 C  CD2 . HIS A 1 193 ? 0.787   -7.206  12.483  1.00 31.13 ? 192 HIS A CD2 1 
ATOM   1078 C  CE1 . HIS A 1 193 ? -0.479  -5.792  13.584  1.00 32.63 ? 192 HIS A CE1 1 
ATOM   1079 N  NE2 . HIS A 1 193 ? -0.336  -7.065  13.260  1.00 34.98 ? 192 HIS A NE2 1 
ATOM   1080 N  N   . GLU A 1 194 ? 5.598   -4.473  11.522  1.00 28.28 ? 193 GLU A N   1 
ATOM   1081 C  CA  . GLU A 1 194 ? 6.832   -4.207  10.807  1.00 30.74 ? 193 GLU A CA  1 
ATOM   1082 C  C   . GLU A 1 194 ? 7.962   -4.990  11.479  1.00 32.92 ? 193 GLU A C   1 
ATOM   1083 O  O   . GLU A 1 194 ? 8.830   -5.556  10.814  1.00 31.89 ? 193 GLU A O   1 
ATOM   1084 C  CB  . GLU A 1 194 ? 7.143   -2.708  10.777  1.00 30.74 ? 193 GLU A CB  1 
ATOM   1085 C  CG  . GLU A 1 194 ? 6.189   -1.908  9.907   1.00 33.44 ? 193 GLU A CG  1 
ATOM   1086 C  CD  . GLU A 1 194 ? 6.550   -0.432  9.784   1.00 35.27 ? 193 GLU A CD  1 
ATOM   1087 O  OE1 . GLU A 1 194 ? 7.565   0.002   10.360  1.00 39.25 ? 193 GLU A OE1 1 
ATOM   1088 O  OE2 . GLU A 1 194 ? 5.812   0.297   9.092   1.00 41.63 ? 193 GLU A OE2 1 
ATOM   1089 N  N   . ARG A 1 195 ? 7.933   -5.019  12.807  1.00 35.11 ? 194 ARG A N   1 
ATOM   1090 C  CA  . ARG A 1 195 ? 8.923   -5.727  13.586  1.00 37.31 ? 194 ARG A CA  1 
ATOM   1091 C  C   . ARG A 1 195 ? 8.906   -7.203  13.220  1.00 37.41 ? 194 ARG A C   1 
ATOM   1092 O  O   . ARG A 1 195 ? 9.957   -7.793  12.986  1.00 38.18 ? 194 ARG A O   1 
ATOM   1093 C  CB  . ARG A 1 195 ? 8.632   -5.531  15.068  1.00 38.27 ? 194 ARG A CB  1 
ATOM   1094 C  CG  . ARG A 1 195 ? 9.653   -6.089  16.010  1.00 41.12 ? 194 ARG A CG  1 
ATOM   1095 C  CD  . ARG A 1 195 ? 9.197   -5.862  17.437  1.00 43.46 ? 194 ARG A CD  1 
ATOM   1096 N  NE  . ARG A 1 195 ? 10.279  -6.149  18.364  1.00 52.68 ? 194 ARG A NE  1 
ATOM   1097 C  CZ  . ARG A 1 195 ? 11.228  -5.287  18.735  1.00 55.02 ? 194 ARG A CZ  1 
ATOM   1098 N  NH1 . ARG A 1 195 ? 11.259  -4.031  18.281  1.00 47.98 ? 194 ARG A NH1 1 
ATOM   1099 N  NH2 . ARG A 1 195 ? 12.162  -5.695  19.587  1.00 61.45 ? 194 ARG A NH2 1 
ATOM   1100 N  N   . GLU A 1 196 ? 7.717   -7.798  13.181  1.00 37.28 ? 195 GLU A N   1 
ATOM   1101 C  CA  . GLU A 1 196 ? 7.595   -9.205  12.773  1.00 38.10 ? 195 GLU A CA  1 
ATOM   1102 C  C   . GLU A 1 196 ? 8.038   -9.448  11.338  1.00 37.02 ? 195 GLU A C   1 
ATOM   1103 O  O   . GLU A 1 196 ? 8.621   -10.485 11.038  1.00 37.42 ? 195 GLU A O   1 
ATOM   1104 C  CB  . GLU A 1 196 ? 6.172   -9.742  12.930  1.00 38.74 ? 195 GLU A CB  1 
ATOM   1105 C  CG  . GLU A 1 196 ? 5.932   -10.543 14.185  1.00 44.37 ? 195 GLU A CG  1 
ATOM   1106 C  CD  . GLU A 1 196 ? 4.676   -11.396 14.058  1.00 56.61 ? 195 GLU A CD  1 
ATOM   1107 O  OE1 . GLU A 1 196 ? 3.623   -10.853 13.641  1.00 59.11 ? 195 GLU A OE1 1 
ATOM   1108 O  OE2 . GLU A 1 196 ? 4.750   -12.610 14.366  1.00 62.00 ? 195 GLU A OE2 1 
ATOM   1109 N  N   . ALA A 1 197 ? 7.733   -8.516  10.445  1.00 36.34 ? 196 ALA A N   1 
ATOM   1110 C  CA  . ALA A 1 197 ? 8.167   -8.656  9.073   1.00 35.69 ? 196 ALA A CA  1 
ATOM   1111 C  C   . ALA A 1 197 ? 9.695   -8.653  9.037   1.00 35.26 ? 196 ALA A C   1 
ATOM   1112 O  O   . ALA A 1 197 ? 10.301  -9.380  8.265   1.00 37.41 ? 196 ALA A O   1 
ATOM   1113 C  CB  . ALA A 1 197 ? 7.601   -7.557  8.212   1.00 36.07 ? 196 ALA A CB  1 
ATOM   1114 N  N   . TRP A 1 198 ? 10.321  -7.854  9.884   1.00 34.34 ? 197 TRP A N   1 
ATOM   1115 C  CA  . TRP A 1 198 ? 11.779  -7.822  9.939   1.00 34.77 ? 197 TRP A CA  1 
ATOM   1116 C  C   . TRP A 1 198 ? 12.326  -9.152  10.457  1.00 33.41 ? 197 TRP A C   1 
ATOM   1117 O  O   . TRP A 1 198 ? 13.215  -9.722  9.847   1.00 33.04 ? 197 TRP A O   1 
ATOM   1118 C  CB  . TRP A 1 198 ? 12.283  -6.646  10.802  1.00 35.17 ? 197 TRP A CB  1 
ATOM   1119 C  CG  . TRP A 1 198 ? 13.761  -6.679  11.044  1.00 38.73 ? 197 TRP A CG  1 
ATOM   1120 C  CD1 . TRP A 1 198 ? 14.749  -6.395  10.145  1.00 42.81 ? 197 TRP A CD1 1 
ATOM   1121 C  CD2 . TRP A 1 198 ? 14.416  -7.002  12.269  1.00 39.55 ? 197 TRP A CD2 1 
ATOM   1122 N  NE1 . TRP A 1 198 ? 15.981  -6.540  10.732  1.00 40.40 ? 197 TRP A NE1 1 
ATOM   1123 C  CE2 . TRP A 1 198 ? 15.807  -6.917  12.036  1.00 42.73 ? 197 TRP A CE2 1 
ATOM   1124 C  CE3 . TRP A 1 198 ? 13.965  -7.370  13.539  1.00 42.23 ? 197 TRP A CE3 1 
ATOM   1125 C  CZ2 . TRP A 1 198 ? 16.751  -7.178  13.031  1.00 42.83 ? 197 TRP A CZ2 1 
ATOM   1126 C  CZ3 . TRP A 1 198 ? 14.904  -7.629  14.529  1.00 43.28 ? 197 TRP A CZ3 1 
ATOM   1127 C  CH2 . TRP A 1 198 ? 16.282  -7.526  14.268  1.00 42.62 ? 197 TRP A CH2 1 
ATOM   1128 N  N   . ASP A 1 199 ? 11.783  -9.654  11.560  1.00 32.52 ? 198 ASP A N   1 
ATOM   1129 C  CA  . ASP A 1 199 ? 12.261  -10.907 12.137  1.00 33.55 ? 198 ASP A CA  1 
ATOM   1130 C  C   . ASP A 1 199 ? 12.350  -12.044 11.123  1.00 33.50 ? 198 ASP A C   1 
ATOM   1131 O  O   . ASP A 1 199 ? 13.427  -12.618 10.917  1.00 33.65 ? 198 ASP A O   1 
ATOM   1132 C  CB  . ASP A 1 199 ? 11.364  -11.354 13.298  1.00 35.01 ? 198 ASP A CB  1 
ATOM   1133 C  CG  . ASP A 1 199 ? 11.540  -10.506 14.560  1.00 41.54 ? 198 ASP A CG  1 
ATOM   1134 O  OD1 . ASP A 1 199 ? 12.594  -9.847  14.742  1.00 44.26 ? 198 ASP A OD1 1 
ATOM   1135 O  OD2 . ASP A 1 199 ? 10.608  -10.522 15.391  1.00 47.78 ? 198 ASP A OD2 1 
ATOM   1136 N  N   . PHE A 1 200 ? 11.226  -12.352 10.483  1.00 33.26 ? 199 PHE A N   1 
ATOM   1137 C  CA  . PHE A 1 200 ? 11.162  -13.454 9.528   1.00 32.76 ? 199 PHE A CA  1 
ATOM   1138 C  C   . PHE A 1 200 ? 11.817  -13.209 8.178   1.00 31.86 ? 199 PHE A C   1 
ATOM   1139 O  O   . PHE A 1 200 ? 12.398  -14.141 7.609   1.00 31.92 ? 199 PHE A O   1 
ATOM   1140 C  CB  . PHE A 1 200 ? 9.710   -13.852 9.254   1.00 33.68 ? 199 PHE A CB  1 
ATOM   1141 C  CG  . PHE A 1 200 ? 9.035   -14.538 10.400  1.00 37.41 ? 199 PHE A CG  1 
ATOM   1142 C  CD1 . PHE A 1 200 ? 9.359   -15.855 10.719  1.00 40.91 ? 199 PHE A CD1 1 
ATOM   1143 C  CD2 . PHE A 1 200 ? 8.043   -13.891 11.130  1.00 40.73 ? 199 PHE A CD2 1 
ATOM   1144 C  CE1 . PHE A 1 200 ? 8.734   -16.514 11.781  1.00 44.34 ? 199 PHE A CE1 1 
ATOM   1145 C  CE2 . PHE A 1 200 ? 7.400   -14.536 12.183  1.00 46.35 ? 199 PHE A CE2 1 
ATOM   1146 C  CZ  . PHE A 1 200 ? 7.749   -15.853 12.513  1.00 48.23 ? 199 PHE A CZ  1 
ATOM   1147 N  N   . PHE A 1 201 ? 11.744  -11.978 7.669   1.00 31.05 ? 200 PHE A N   1 
ATOM   1148 C  CA  . PHE A 1 201 ? 12.215  -11.694 6.303   1.00 31.45 ? 200 PHE A CA  1 
ATOM   1149 C  C   . PHE A 1 201 ? 13.472  -10.851 6.136   1.00 32.54 ? 200 PHE A C   1 
ATOM   1150 O  O   . PHE A 1 201 ? 14.142  -10.941 5.103   1.00 34.48 ? 200 PHE A O   1 
ATOM   1151 C  CB  . PHE A 1 201 ? 11.088  -11.024 5.505   1.00 30.96 ? 200 PHE A CB  1 
ATOM   1152 C  CG  . PHE A 1 201 ? 9.841   -11.843 5.427   1.00 29.78 ? 200 PHE A CG  1 
ATOM   1153 C  CD1 . PHE A 1 201 ? 9.757   -12.907 4.552   1.00 28.06 ? 200 PHE A CD1 1 
ATOM   1154 C  CD2 . PHE A 1 201 ? 8.754   -11.559 6.226   1.00 29.60 ? 200 PHE A CD2 1 
ATOM   1155 C  CE1 . PHE A 1 201 ? 8.617   -13.664 4.475   1.00 26.25 ? 200 PHE A CE1 1 
ATOM   1156 C  CE2 . PHE A 1 201 ? 7.604   -12.326 6.150   1.00 29.32 ? 200 PHE A CE2 1 
ATOM   1157 C  CZ  . PHE A 1 201 ? 7.538   -13.371 5.271   1.00 28.47 ? 200 PHE A CZ  1 
ATOM   1158 N  N   . GLY A 1 202 ? 13.781  -10.014 7.110   1.00 33.33 ? 201 GLY A N   1 
ATOM   1159 C  CA  . GLY A 1 202 ? 14.939  -9.134  6.996   1.00 34.15 ? 201 GLY A CA  1 
ATOM   1160 C  C   . GLY A 1 202 ? 14.644  -7.817  6.290   1.00 34.67 ? 201 GLY A C   1 
ATOM   1161 O  O   . GLY A 1 202 ? 15.572  -7.163  5.808   1.00 37.26 ? 201 GLY A O   1 
ATOM   1162 N  N   . ILE A 1 203 ? 13.367  -7.424  6.226   1.00 32.71 ? 202 ILE A N   1 
ATOM   1163 C  CA  . ILE A 1 203 ? 12.980  -6.136  5.657   1.00 31.05 ? 202 ILE A CA  1 
ATOM   1164 C  C   . ILE A 1 203 ? 13.285  -5.091  6.722   1.00 31.62 ? 202 ILE A C   1 
ATOM   1165 O  O   . ILE A 1 203 ? 12.697  -5.144  7.812   1.00 31.52 ? 202 ILE A O   1 
ATOM   1166 C  CB  . ILE A 1 203 ? 11.465  -6.053  5.310   1.00 29.72 ? 202 ILE A CB  1 
ATOM   1167 C  CG1 . ILE A 1 203 ? 11.045  -7.123  4.299   1.00 29.16 ? 202 ILE A CG1 1 
ATOM   1168 C  CG2 . ILE A 1 203 ? 11.121  -4.696  4.742   1.00 28.25 ? 202 ILE A CG2 1 
ATOM   1169 C  CD1 . ILE A 1 203 ? 9.557   -7.095  3.968   1.00 22.76 ? 202 ILE A CD1 1 
ATOM   1170 N  N   . ILE A 1 204 ? 14.220  -4.178  6.442   1.00 32.26 ? 203 ILE A N   1 
ATOM   1171 C  CA  . ILE A 1 204 ? 14.556  -3.117  7.396   1.00 33.21 ? 203 ILE A CA  1 
ATOM   1172 C  C   . ILE A 1 204 ? 13.566  -1.997  7.190   1.00 33.45 ? 203 ILE A C   1 
ATOM   1173 O  O   . ILE A 1 204 ? 13.528  -1.402  6.113   1.00 35.63 ? 203 ILE A O   1 
ATOM   1174 C  CB  . ILE A 1 204 ? 15.983  -2.515  7.217   1.00 34.17 ? 203 ILE A CB  1 
ATOM   1175 C  CG1 . ILE A 1 204 ? 17.105  -3.455  7.705   1.00 36.74 ? 203 ILE A CG1 1 
ATOM   1176 C  CG2 . ILE A 1 204 ? 16.103  -1.233  8.007   1.00 31.73 ? 203 ILE A CG2 1 
ATOM   1177 C  CD1 . ILE A 1 204 ? 17.343  -4.701  6.860   1.00 41.67 ? 203 ILE A CD1 1 
ATOM   1178 N  N   . PHE A 1 205 ? 12.769  -1.702  8.212   1.00 33.46 ? 204 PHE A N   1 
ATOM   1179 C  CA  . PHE A 1 205 ? 11.786  -0.613  8.125   1.00 34.78 ? 204 PHE A CA  1 
ATOM   1180 C  C   . PHE A 1 205 ? 12.378  0.725   8.604   1.00 35.91 ? 204 PHE A C   1 
ATOM   1181 O  O   . PHE A 1 205 ? 12.268  1.087   9.778   1.00 35.32 ? 204 PHE A O   1 
ATOM   1182 C  CB  . PHE A 1 205 ? 10.494  -0.993  8.871   1.00 34.84 ? 204 PHE A CB  1 
ATOM   1183 C  CG  . PHE A 1 205 ? 9.709   -2.092  8.184   1.00 32.95 ? 204 PHE A CG  1 
ATOM   1184 C  CD1 . PHE A 1 205 ? 8.770   -1.785  7.212   1.00 32.84 ? 204 PHE A CD1 1 
ATOM   1185 C  CD2 . PHE A 1 205 ? 9.931   -3.425  8.487   1.00 35.99 ? 204 PHE A CD2 1 
ATOM   1186 C  CE1 . PHE A 1 205 ? 8.059   -2.784  6.572   1.00 32.21 ? 204 PHE A CE1 1 
ATOM   1187 C  CE2 . PHE A 1 205 ? 9.221   -4.433  7.844   1.00 36.48 ? 204 PHE A CE2 1 
ATOM   1188 C  CZ  . PHE A 1 205 ? 8.285   -4.109  6.885   1.00 33.29 ? 204 PHE A CZ  1 
ATOM   1189 N  N   . ASP A 1 206 ? 13.020  1.447   7.682   1.00 37.40 ? 205 ASP A N   1 
ATOM   1190 C  CA  . ASP A 1 206 ? 13.692  2.733   8.005   1.00 38.11 ? 205 ASP A CA  1 
ATOM   1191 C  C   . ASP A 1 206 ? 12.764  3.694   8.739   1.00 38.82 ? 205 ASP A C   1 
ATOM   1192 O  O   . ASP A 1 206 ? 11.606  3.827   8.377   1.00 41.62 ? 205 ASP A O   1 
ATOM   1193 C  CB  . ASP A 1 206 ? 14.225  3.423   6.740   1.00 37.60 ? 205 ASP A CB  1 
ATOM   1194 C  CG  . ASP A 1 206 ? 15.270  2.595   6.001   1.00 38.36 ? 205 ASP A CG  1 
ATOM   1195 O  OD1 . ASP A 1 206 ? 15.895  1.712   6.614   1.00 41.84 ? 205 ASP A OD1 1 
ATOM   1196 O  OD2 . ASP A 1 206 ? 15.465  2.827   4.794   1.00 41.70 ? 205 ASP A OD2 1 
ATOM   1197 N  N   . GLY A 1 207 ? 13.263  4.344   9.785   1.00 39.55 ? 206 GLY A N   1 
ATOM   1198 C  CA  . GLY A 1 207 ? 12.454  5.272   10.585  1.00 39.16 ? 206 GLY A CA  1 
ATOM   1199 C  C   . GLY A 1 207 ? 11.653  4.610   11.697  1.00 39.07 ? 206 GLY A C   1 
ATOM   1200 O  O   . GLY A 1 207 ? 11.002  5.294   12.478  1.00 38.29 ? 206 GLY A O   1 
ATOM   1201 N  N   . HIS A 1 208 ? 11.695  3.280   11.777  1.00 40.00 ? 207 HIS A N   1 
ATOM   1202 C  CA  . HIS A 1 208 ? 10.957  2.543   12.795  1.00 40.40 ? 207 HIS A CA  1 
ATOM   1203 C  C   . HIS A 1 208 ? 11.477  2.990   14.152  1.00 41.14 ? 207 HIS A C   1 
ATOM   1204 O  O   . HIS A 1 208 ? 12.686  3.163   14.301  1.00 40.71 ? 207 HIS A O   1 
ATOM   1205 C  CB  . HIS A 1 208 ? 11.154  1.028   12.608  1.00 40.30 ? 207 HIS A CB  1 
ATOM   1206 C  CG  . HIS A 1 208 ? 10.289  0.171   13.483  1.00 37.45 ? 207 HIS A CG  1 
ATOM   1207 N  ND1 . HIS A 1 208 ? 10.516  0.016   14.829  1.00 34.78 ? 207 HIS A ND1 1 
ATOM   1208 C  CD2 . HIS A 1 208 ? 9.232   -0.623  13.191  1.00 37.42 ? 207 HIS A CD2 1 
ATOM   1209 C  CE1 . HIS A 1 208 ? 9.621   -0.810  15.337  1.00 34.23 ? 207 HIS A CE1 1 
ATOM   1210 N  NE2 . HIS A 1 208 ? 8.828   -1.213  14.364  1.00 37.11 ? 207 HIS A NE2 1 
ATOM   1211 N  N   . PRO A 1 209 ? 10.576  3.199   15.131  1.00 42.57 ? 208 PRO A N   1 
ATOM   1212 C  CA  . PRO A 1 209 ? 10.955  3.608   16.485  1.00 42.40 ? 208 PRO A CA  1 
ATOM   1213 C  C   . PRO A 1 209 ? 12.151  2.846   17.048  1.00 42.66 ? 208 PRO A C   1 
ATOM   1214 O  O   . PRO A 1 209 ? 13.070  3.463   17.599  1.00 42.51 ? 208 PRO A O   1 
ATOM   1215 C  CB  . PRO A 1 209 ? 9.701   3.289   17.296  1.00 42.42 ? 208 PRO A CB  1 
ATOM   1216 C  CG  . PRO A 1 209 ? 8.599   3.543   16.353  1.00 44.92 ? 208 PRO A CG  1 
ATOM   1217 C  CD  . PRO A 1 209 ? 9.109   3.188   14.973  1.00 43.14 ? 208 PRO A CD  1 
ATOM   1218 N  N   . ALA A 1 210 ? 12.134  1.521   16.898  1.00 42.74 ? 209 ALA A N   1 
ATOM   1219 C  CA  . ALA A 1 210 ? 13.208  0.636   17.384  1.00 42.69 ? 209 ALA A CA  1 
ATOM   1220 C  C   . ALA A 1 210 ? 14.600  0.879   16.774  1.00 42.87 ? 209 ALA A C   1 
ATOM   1221 O  O   . ALA A 1 210 ? 15.584  0.410   17.330  1.00 42.05 ? 209 ALA A O   1 
ATOM   1222 C  CB  . ALA A 1 210 ? 12.801  -0.829  17.195  1.00 40.59 ? 209 ALA A CB  1 
ATOM   1223 N  N   . LEU A 1 211 ? 14.675  1.601   15.651  1.00 45.38 ? 210 LEU A N   1 
ATOM   1224 C  CA  . LEU A 1 211 ? 15.961  1.917   14.975  1.00 46.87 ? 210 LEU A CA  1 
ATOM   1225 C  C   . LEU A 1 211 ? 16.669  3.218   15.451  1.00 47.52 ? 210 LEU A C   1 
ATOM   1226 O  O   . LEU A 1 211 ? 17.822  3.440   15.079  1.00 48.11 ? 210 LEU A O   1 
ATOM   1227 C  CB  . LEU A 1 211 ? 15.797  1.911   13.433  1.00 46.49 ? 210 LEU A CB  1 
ATOM   1228 C  CG  . LEU A 1 211 ? 15.759  0.517   12.776  1.00 45.33 ? 210 LEU A CG  1 
ATOM   1229 C  CD1 . LEU A 1 211 ? 14.709  -0.391  13.390  1.00 41.22 ? 210 LEU A CD1 1 
ATOM   1230 C  CD2 . LEU A 1 211 ? 15.528  0.626   11.276  1.00 46.97 ? 210 LEU A CD2 1 
ATOM   1231 N  N   . THR A 1 212 ? 15.998  4.068   16.243  1.00 47.64 ? 211 THR A N   1 
ATOM   1232 C  CA  . THR A 1 212 ? 16.644  5.258   16.841  1.00 47.12 ? 211 THR A CA  1 
ATOM   1233 C  C   . THR A 1 212 ? 17.595  4.826   17.964  1.00 46.38 ? 211 THR A C   1 
ATOM   1234 O  O   . THR A 1 212 ? 18.761  4.516   17.726  1.00 45.31 ? 211 THR A O   1 
ATOM   1235 C  CB  . THR A 1 212 ? 15.628  6.248   17.464  1.00 47.23 ? 211 THR A CB  1 
ATOM   1236 O  OG1 . THR A 1 212 ? 14.677  6.663   16.476  1.00 44.39 ? 211 THR A OG1 1 
ATOM   1237 C  CG2 . THR A 1 212 ? 16.351  7.477   18.062  1.00 46.52 ? 211 THR A CG2 1 
HETATM 1238 CO CO  . CO  B 2 .   ? 15.521  -13.643 -0.757  0.50 59.09 ? 213 CO  A CO  1 
HETATM 1239 O  O1  . HEZ C 3 .   ? 4.346   -12.647 8.938   0.50 74.72 ? 214 HEZ A O1  1 
HETATM 1240 C  C1  . HEZ C 3 .   ? 5.260   -13.671 9.354   0.50 71.94 ? 214 HEZ A C1  1 
HETATM 1241 C  C2  . HEZ C 3 .   ? 4.726   -15.035 8.934   0.50 70.29 ? 214 HEZ A C2  1 
HETATM 1242 C  C3  . HEZ C 3 .   ? 5.826   -16.062 8.665   0.50 67.22 ? 214 HEZ A C3  1 
HETATM 1243 C  C4  . HEZ C 3 .   ? 5.509   -17.392 9.351   0.50 61.03 ? 214 HEZ A C4  1 
HETATM 1244 C  C5  . HEZ C 3 .   ? 5.845   -18.592 8.467   0.50 55.80 ? 214 HEZ A C5  1 
HETATM 1245 C  C6  . HEZ C 3 .   ? 6.769   -19.586 9.176   0.50 49.48 ? 214 HEZ A C6  1 
HETATM 1246 O  O6  . HEZ C 3 .   ? 7.211   -20.625 8.284   0.50 31.25 ? 214 HEZ A O6  1 
HETATM 1247 O  O   . HOH D 4 .   ? 2.227   -2.212  17.041  1.00 35.19 ? 215 HOH A O   1 
HETATM 1248 O  O   . HOH D 4 .   ? -2.088  -6.896  5.701   1.00 30.91 ? 216 HOH A O   1 
HETATM 1249 O  O   . HOH D 4 .   ? -8.388  16.410  -2.728  1.00 19.50 ? 217 HOH A O   1 
HETATM 1250 O  O   . HOH D 4 .   ? 2.018   -10.468 -2.544  1.00 38.62 ? 218 HOH A O   1 
HETATM 1251 O  O   . HOH D 4 .   ? -15.967 3.267   -8.205  1.00 44.62 ? 219 HOH A O   1 
HETATM 1252 O  O   . HOH D 4 .   ? 3.982   -8.662  9.781   1.00 22.68 ? 220 HOH A O   1 
# 
loop_
_pdbx_poly_seq_scheme.asym_id 
_pdbx_poly_seq_scheme.entity_id 
_pdbx_poly_seq_scheme.seq_id 
_pdbx_poly_seq_scheme.mon_id 
_pdbx_poly_seq_scheme.ndb_seq_num 
_pdbx_poly_seq_scheme.pdb_seq_num 
_pdbx_poly_seq_scheme.auth_seq_num 
_pdbx_poly_seq_scheme.pdb_mon_id 
_pdbx_poly_seq_scheme.auth_mon_id 
_pdbx_poly_seq_scheme.pdb_strand_id 
_pdbx_poly_seq_scheme.pdb_ins_code 
_pdbx_poly_seq_scheme.hetero 
A 1 1   GLY 1   0   ?   ?   ?   A . n 
A 1 2   MET 2   1   ?   ?   ?   A . n 
A 1 3   THR 3   2   ?   ?   ?   A . n 
A 1 4   SER 4   3   ?   ?   ?   A . n 
A 1 5   ASN 5   4   ?   ?   ?   A . n 
A 1 6   GLY 6   5   ?   ?   ?   A . n 
A 1 7   GLN 7   6   ?   ?   ?   A . n 
A 1 8   GLN 8   7   ?   ?   ?   A . n 
A 1 9   GLY 9   8   ?   ?   ?   A . n 
A 1 10  LYS 10  9   ?   ?   ?   A . n 
A 1 11  PRO 11  10  ?   ?   ?   A . n 
A 1 12  ASN 12  11  ?   ?   ?   A . n 
A 1 13  LEU 13  12  ?   ?   ?   A . n 
A 1 14  PRO 14  13  ?   ?   ?   A . n 
A 1 15  GLU 15  14  ?   ?   ?   A . n 
A 1 16  LYS 16  15  ?   ?   ?   A . n 
A 1 17  ASP 17  16  ?   ?   ?   A . n 
A 1 18  ASN 18  17  ?   ?   ?   A . n 
A 1 19  LEU 19  18  ?   ?   ?   A . n 
A 1 20  PRO 20  19  ?   ?   ?   A . n 
A 1 21  ARG 21  20  ?   ?   ?   A . n 
A 1 22  GLU 22  21  ?   ?   ?   A . n 
A 1 23  LEU 23  22  ?   ?   ?   A . n 
A 1 24  GLY 24  23  ?   ?   ?   A . n 
A 1 25  THR 25  24  ?   ?   ?   A . n 
A 1 26  GLN 26  25  ?   ?   ?   A . n 
A 1 27  ARG 27  26  ?   ?   ?   A . n 
A 1 28  ILE 28  27  ?   ?   ?   A . n 
A 1 29  ASN 29  28  ?   ?   ?   A . n 
A 1 30  SER 30  29  ?   ?   ?   A . n 
A 1 31  PRO 31  30  ?   ?   ?   A . n 
A 1 32  ILE 32  31  ?   ?   ?   A . n 
A 1 33  ALA 33  32  ?   ?   ?   A . n 
A 1 34  ARG 34  33  ?   ?   ?   A . n 
A 1 35  MET 35  34  ?   ?   ?   A . n 
A 1 36  GLY 36  35  ?   ?   ?   A . n 
A 1 37  MET 37  36  ?   ?   ?   A . n 
A 1 38  PHE 38  37  ?   ?   ?   A . n 
A 1 39  GLY 39  38  ?   ?   ?   A . n 
A 1 40  ALA 40  39  ?   ?   ?   A . n 
A 1 41  LYS 41  40  ?   ?   ?   A . n 
A 1 42  THR 42  41  ?   ?   ?   A . n 
A 1 43  THR 43  42  ?   ?   ?   A . n 
A 1 44  GLY 44  43  ?   ?   ?   A . n 
A 1 45  ASP 45  44  ?   ?   ?   A . n 
A 1 46  THR 46  45  ?   ?   ?   A . n 
A 1 47  SER 47  46  ?   ?   ?   A . n 
A 1 48  GLY 48  47  ?   ?   ?   A . n 
A 1 49  TYR 49  48  ?   ?   ?   A . n 
A 1 50  GLY 50  49  ?   ?   ?   A . n 
A 1 51  ARG 51  50  ?   ?   ?   A . n 
A 1 52  LEU 52  51  ?   ?   ?   A . n 
A 1 53  ARG 53  52  ?   ?   ?   A . n 
A 1 54  VAL 54  53  ?   ?   ?   A . n 
A 1 55  TYR 55  54  ?   ?   ?   A . n 
A 1 56  ARG 56  55  ?   ?   ?   A . n 
A 1 57  HIS 57  56  ?   ?   ?   A . n 
A 1 58  VAL 58  57  ?   ?   ?   A . n 
A 1 59  PRO 59  58  58  PRO PRO A . n 
A 1 60  ALA 60  59  59  ALA ALA A . n 
A 1 61  ALA 61  60  60  ALA ALA A . n 
A 1 62  ALA 62  61  61  ALA ALA A . n 
A 1 63  GLN 63  62  62  GLN GLN A . n 
A 1 64  ARG 64  63  63  ARG ARG A . n 
A 1 65  PRO 65  64  64  PRO PRO A . n 
A 1 66  TYR 66  65  65  TYR TYR A . n 
A 1 67  SER 67  66  66  SER SER A . n 
A 1 68  ASP 68  67  67  ASP ASP A . n 
A 1 69  PRO 69  68  68  PRO PRO A . n 
A 1 70  SER 70  69  69  SER SER A . n 
A 1 71  ASP 71  70  70  ASP ASP A . n 
A 1 72  PRO 72  71  71  PRO PRO A . n 
A 1 73  ARG 73  72  72  ARG ARG A . n 
A 1 74  THR 74  73  73  THR THR A . n 
A 1 75  ALA 75  74  74  ALA ALA A . n 
A 1 76  TYR 76  75  75  TYR TYR A . n 
A 1 77  PHE 77  76  76  PHE PHE A . n 
A 1 78  ASP 78  77  77  ASP ASP A . n 
A 1 79  GLU 79  78  78  GLU GLU A . n 
A 1 80  VAL 80  79  79  VAL VAL A . n 
A 1 81  ALA 81  80  80  ALA ALA A . n 
A 1 82  ASP 82  81  81  ASP ASP A . n 
A 1 83  ALA 83  82  82  ALA ALA A . n 
A 1 84  LEU 84  83  83  LEU LEU A . n 
A 1 85  GLU 85  84  84  GLU GLU A . n 
A 1 86  ARG 86  85  85  ARG ARG A . n 
A 1 87  SER 87  86  86  SER SER A . n 
A 1 88  LEU 88  87  87  LEU LEU A . n 
A 1 89  LYS 89  88  88  LYS LYS A . n 
A 1 90  GLU 90  89  89  GLU GLU A . n 
A 1 91  ILE 91  90  90  ILE ILE A . n 
A 1 92  GLY 92  91  91  GLY GLY A . n 
A 1 93  THR 93  92  92  THR THR A . n 
A 1 94  PRO 94  93  93  PRO PRO A . n 
A 1 95  TYR 95  94  94  TYR TYR A . n 
A 1 96  ASP 96  95  95  ASP ASP A . n 
A 1 97  THR 97  96  96  THR THR A . n 
A 1 98  ALA 98  97  97  ALA ALA A . n 
A 1 99  ILE 99  98  98  ILE ILE A . n 
A 1 100 SER 100 99  99  SER SER A . n 
A 1 101 ARG 101 100 100 ARG ARG A . n 
A 1 102 VAL 102 101 101 VAL VAL A . n 
A 1 103 VAL 103 102 102 VAL VAL A . n 
A 1 104 VAL 104 103 103 VAL VAL A . n 
A 1 105 ASP 105 104 104 ASP ASP A . n 
A 1 106 ARG 106 105 105 ARG ARG A . n 
A 1 107 GLY 107 106 106 GLY GLY A . n 
A 1 108 GLU 108 107 107 GLU GLU A . n 
A 1 109 ILE 109 108 108 ILE ILE A . n 
A 1 110 THR 110 109 109 THR THR A . n 
A 1 111 PHE 111 110 110 PHE PHE A . n 
A 1 112 HIS 112 111 111 HIS HIS A . n 
A 1 113 VAL 113 112 112 VAL VAL A . n 
A 1 114 GLN 114 113 113 GLN GLN A . n 
A 1 115 ARG 115 114 114 ARG ARG A . n 
A 1 116 GLU 116 115 115 GLU GLU A . n 
A 1 117 HIS 117 116 116 HIS HIS A . n 
A 1 118 LEU 118 117 117 LEU LEU A . n 
A 1 119 LEU 119 118 118 LEU LEU A . n 
A 1 120 ASP 120 119 119 ASP ASP A . n 
A 1 121 VAL 121 120 120 VAL VAL A . n 
A 1 122 ALA 122 121 121 ALA ALA A . n 
A 1 123 THR 123 122 122 THR THR A . n 
A 1 124 ARG 124 123 123 ARG ARG A . n 
A 1 125 LEU 125 124 124 LEU LEU A . n 
A 1 126 ARG 126 125 125 ARG ARG A . n 
A 1 127 ASP 127 126 126 ASP ASP A . n 
A 1 128 ASP 128 127 127 ASP ASP A . n 
A 1 129 PRO 129 128 128 PRO PRO A . n 
A 1 130 ALA 130 129 129 ALA ALA A . n 
A 1 131 LEU 131 130 130 LEU LEU A . n 
A 1 132 ARG 132 131 131 ARG ARG A . n 
A 1 133 PHE 133 132 132 PHE PHE A . n 
A 1 134 GLU 134 133 133 GLU GLU A . n 
A 1 135 LEU 135 134 134 LEU LEU A . n 
A 1 136 CYS 136 135 135 CYS CYS A . n 
A 1 137 LEU 137 136 136 LEU LEU A . n 
A 1 138 GLY 138 137 137 GLY GLY A . n 
A 1 139 VAL 139 138 138 VAL VAL A . n 
A 1 140 THR 140 139 139 THR THR A . n 
A 1 141 GLY 141 140 140 GLY GLY A . n 
A 1 142 VAL 142 141 141 VAL VAL A . n 
A 1 143 HIS 143 142 142 HIS HIS A . n 
A 1 144 TYR 144 143 143 TYR TYR A . n 
A 1 145 PRO 145 144 144 PRO PRO A . n 
A 1 146 GLU 146 145 145 GLU GLU A . n 
A 1 147 ASP 147 146 146 ASP ASP A . n 
A 1 148 GLU 148 147 147 GLU GLU A . n 
A 1 149 GLY 149 148 148 GLY GLY A . n 
A 1 150 ASN 150 149 149 ASN ASN A . n 
A 1 151 GLU 151 150 150 GLU GLU A . n 
A 1 152 LEU 152 151 151 LEU LEU A . n 
A 1 153 HIS 153 152 152 HIS HIS A . n 
A 1 154 ALA 154 153 153 ALA ALA A . n 
A 1 155 VAL 155 154 154 VAL VAL A . n 
A 1 156 TYR 156 155 155 TYR TYR A . n 
A 1 157 ALA 157 156 156 ALA ALA A . n 
A 1 158 LEU 158 157 157 LEU LEU A . n 
A 1 159 ARG 159 158 158 ARG ARG A . n 
A 1 160 SER 160 159 159 SER SER A . n 
A 1 161 ILE 161 160 160 ILE ILE A . n 
A 1 162 THR 162 161 161 THR THR A . n 
A 1 163 HIS 163 162 162 HIS HIS A . n 
A 1 164 ASN 164 163 163 ASN ASN A . n 
A 1 165 TYR 165 164 164 TYR TYR A . n 
A 1 166 GLU 166 165 165 GLU GLU A . n 
A 1 167 ILE 167 166 166 ILE ILE A . n 
A 1 168 ARG 168 167 167 ARG ARG A . n 
A 1 169 LEU 169 168 168 LEU LEU A . n 
A 1 170 GLU 170 169 169 GLU GLU A . n 
A 1 171 VAL 171 170 170 VAL VAL A . n 
A 1 172 SER 172 171 171 SER SER A . n 
A 1 173 CYS 173 172 172 CYS CYS A . n 
A 1 174 PRO 174 173 173 PRO PRO A . n 
A 1 175 ASP 175 174 174 ASP ASP A . n 
A 1 176 SER 176 175 175 SER SER A . n 
A 1 177 ASP 177 176 176 ASP ASP A . n 
A 1 178 PRO 178 177 177 PRO PRO A . n 
A 1 179 HIS 179 178 178 HIS HIS A . n 
A 1 180 ILE 180 179 179 ILE ILE A . n 
A 1 181 PRO 181 180 180 PRO PRO A . n 
A 1 182 SER 182 181 181 SER SER A . n 
A 1 183 ILE 183 182 182 ILE ILE A . n 
A 1 184 VAL 184 183 183 VAL VAL A . n 
A 1 185 SER 185 184 184 SER SER A . n 
A 1 186 VAL 186 185 185 VAL VAL A . n 
A 1 187 TYR 187 186 186 TYR TYR A . n 
A 1 188 PRO 188 187 187 PRO PRO A . n 
A 1 189 THR 189 188 188 THR THR A . n 
A 1 190 ASN 190 189 189 ASN ASN A . n 
A 1 191 ASP 191 190 190 ASP ASP A . n 
A 1 192 TRP 192 191 191 TRP TRP A . n 
A 1 193 HIS 193 192 192 HIS HIS A . n 
A 1 194 GLU 194 193 193 GLU GLU A . n 
A 1 195 ARG 195 194 194 ARG ARG A . n 
A 1 196 GLU 196 195 195 GLU GLU A . n 
A 1 197 ALA 197 196 196 ALA ALA A . n 
A 1 198 TRP 198 197 197 TRP TRP A . n 
A 1 199 ASP 199 198 198 ASP ASP A . n 
A 1 200 PHE 200 199 199 PHE PHE A . n 
A 1 201 PHE 201 200 200 PHE PHE A . n 
A 1 202 GLY 202 201 201 GLY GLY A . n 
A 1 203 ILE 203 202 202 ILE ILE A . n 
A 1 204 ILE 204 203 203 ILE ILE A . n 
A 1 205 PHE 205 204 204 PHE PHE A . n 
A 1 206 ASP 206 205 205 ASP ASP A . n 
A 1 207 GLY 207 206 206 GLY GLY A . n 
A 1 208 HIS 208 207 207 HIS HIS A . n 
A 1 209 PRO 209 208 208 PRO PRO A . n 
A 1 210 ALA 210 209 209 ALA ALA A . n 
A 1 211 LEU 211 210 210 LEU LEU A . n 
A 1 212 THR 212 211 211 THR THR A . n 
A 1 213 ARG 213 212 ?   ?   ?   A . n 
# 
_pdbx_SG_project.project_name          'PSI, Protein Structure Initiative' 
_pdbx_SG_project.full_name_of_center   'Joint Center for Structural Genomics' 
_pdbx_SG_project.id                    1 
_pdbx_SG_project.initial_of_center     JCSG 
# 
loop_
_pdbx_nonpoly_scheme.asym_id 
_pdbx_nonpoly_scheme.entity_id 
_pdbx_nonpoly_scheme.mon_id 
_pdbx_nonpoly_scheme.ndb_seq_num 
_pdbx_nonpoly_scheme.pdb_seq_num 
_pdbx_nonpoly_scheme.auth_seq_num 
_pdbx_nonpoly_scheme.pdb_mon_id 
_pdbx_nonpoly_scheme.auth_mon_id 
_pdbx_nonpoly_scheme.pdb_strand_id 
_pdbx_nonpoly_scheme.pdb_ins_code 
B 2 CO  1 213 1 CO  CO  A . 
C 3 HEZ 1 214 2 HEZ HEZ A . 
D 4 HOH 1 215 3 HOH HOH A . 
D 4 HOH 2 216 4 HOH HOH A . 
D 4 HOH 3 217 5 HOH HOH A . 
D 4 HOH 4 218 6 HOH HOH A . 
D 4 HOH 5 219 7 HOH HOH A . 
D 4 HOH 6 220 8 HOH HOH A . 
# 
loop_
_pdbx_struct_assembly.id 
_pdbx_struct_assembly.details 
_pdbx_struct_assembly.method_details 
_pdbx_struct_assembly.oligomeric_details 
_pdbx_struct_assembly.oligomeric_count 
1 author_defined_assembly   ?    monomeric 1 
2 software_defined_assembly PISA dimeric   2 
# 
loop_
_pdbx_struct_assembly_gen.assembly_id 
_pdbx_struct_assembly_gen.oper_expression 
_pdbx_struct_assembly_gen.asym_id_list 
1 1   A,B,C,D 
2 1,2 A,B,C,D 
# 
loop_
_pdbx_struct_assembly_prop.biol_id 
_pdbx_struct_assembly_prop.type 
_pdbx_struct_assembly_prop.value 
_pdbx_struct_assembly_prop.details 
2 'ABSA (A^2)' 2240  ? 
2 MORE         -29   ? 
2 'SSA (A^2)'  14900 ? 
# 
loop_
_pdbx_struct_oper_list.id 
_pdbx_struct_oper_list.type 
_pdbx_struct_oper_list.name 
_pdbx_struct_oper_list.symmetry_operation 
_pdbx_struct_oper_list.matrix[1][1] 
_pdbx_struct_oper_list.matrix[1][2] 
_pdbx_struct_oper_list.matrix[1][3] 
_pdbx_struct_oper_list.vector[1] 
_pdbx_struct_oper_list.matrix[2][1] 
_pdbx_struct_oper_list.matrix[2][2] 
_pdbx_struct_oper_list.matrix[2][3] 
_pdbx_struct_oper_list.vector[2] 
_pdbx_struct_oper_list.matrix[3][1] 
_pdbx_struct_oper_list.matrix[3][2] 
_pdbx_struct_oper_list.matrix[3][3] 
_pdbx_struct_oper_list.vector[3] 
1 'identity operation'         1_555 x,y,z            1.0000000000 0.0000000000 0.0000000000  0.0000000000  0.0000000000 1.0000000000  0.0000000000  0.0000000000   0.0000000000  0.0000000000  1.0000000000  0.0000000000  
2 'crystal symmetry operation' 8_665 -y+1,-x+1,-z+1/2 0.0162563903 0.2104409052 -0.9774714089 17.4633870143 0.2104409052 -0.9564230296 -0.2024095200 -30.2355700289 -0.9774714089 -0.2024095200 -0.0598333607 11.6468653912 
# 
_pdbx_struct_special_symmetry.id              1 
_pdbx_struct_special_symmetry.PDB_model_num   1 
_pdbx_struct_special_symmetry.auth_asym_id    A 
_pdbx_struct_special_symmetry.auth_comp_id    CO 
_pdbx_struct_special_symmetry.auth_seq_id     213 
_pdbx_struct_special_symmetry.PDB_ins_code    ? 
_pdbx_struct_special_symmetry.label_asym_id   B 
_pdbx_struct_special_symmetry.label_comp_id   CO 
_pdbx_struct_special_symmetry.label_seq_id    . 
# 
_pdbx_struct_conn_angle.id                    1 
_pdbx_struct_conn_angle.ptnr1_label_atom_id   NE2 
_pdbx_struct_conn_angle.ptnr1_label_alt_id    ? 
_pdbx_struct_conn_angle.ptnr1_label_asym_id   A 
_pdbx_struct_conn_angle.ptnr1_label_comp_id   HIS 
_pdbx_struct_conn_angle.ptnr1_label_seq_id    143 
_pdbx_struct_conn_angle.ptnr1_auth_atom_id    ? 
_pdbx_struct_conn_angle.ptnr1_auth_asym_id    A 
_pdbx_struct_conn_angle.ptnr1_auth_comp_id    HIS 
_pdbx_struct_conn_angle.ptnr1_auth_seq_id     142 
_pdbx_struct_conn_angle.ptnr1_PDB_ins_code    ? 
_pdbx_struct_conn_angle.ptnr1_symmetry        1_555 
_pdbx_struct_conn_angle.ptnr2_label_atom_id   CO 
_pdbx_struct_conn_angle.ptnr2_label_alt_id    ? 
_pdbx_struct_conn_angle.ptnr2_label_asym_id   B 
_pdbx_struct_conn_angle.ptnr2_label_comp_id   CO 
_pdbx_struct_conn_angle.ptnr2_label_seq_id    . 
_pdbx_struct_conn_angle.ptnr2_auth_atom_id    ? 
_pdbx_struct_conn_angle.ptnr2_auth_asym_id    A 
_pdbx_struct_conn_angle.ptnr2_auth_comp_id    CO 
_pdbx_struct_conn_angle.ptnr2_auth_seq_id     213 
_pdbx_struct_conn_angle.ptnr2_PDB_ins_code    ? 
_pdbx_struct_conn_angle.ptnr2_symmetry        1_555 
_pdbx_struct_conn_angle.ptnr3_label_atom_id   OD2 
_pdbx_struct_conn_angle.ptnr3_label_alt_id    ? 
_pdbx_struct_conn_angle.ptnr3_label_asym_id   A 
_pdbx_struct_conn_angle.ptnr3_label_comp_id   ASP 
_pdbx_struct_conn_angle.ptnr3_label_seq_id    175 
_pdbx_struct_conn_angle.ptnr3_auth_atom_id    ? 
_pdbx_struct_conn_angle.ptnr3_auth_asym_id    A 
_pdbx_struct_conn_angle.ptnr3_auth_comp_id    ASP 
_pdbx_struct_conn_angle.ptnr3_auth_seq_id     174 
_pdbx_struct_conn_angle.ptnr3_PDB_ins_code    ? 
_pdbx_struct_conn_angle.ptnr3_symmetry        1_555 
_pdbx_struct_conn_angle.value                 137.1 
_pdbx_struct_conn_angle.value_esd             ? 
# 
loop_
_pdbx_audit_revision_history.ordinal 
_pdbx_audit_revision_history.data_content_type 
_pdbx_audit_revision_history.major_revision 
_pdbx_audit_revision_history.minor_revision 
_pdbx_audit_revision_history.revision_date 
1 'Structure model' 1 0 2010-05-12 
2 'Structure model' 1 1 2011-07-13 
3 'Structure model' 1 2 2017-11-08 
4 'Structure model' 1 3 2019-07-17 
5 'Structure model' 1 4 2023-02-01 
6 'Structure model' 1 5 2023-09-20 
# 
_pdbx_audit_revision_details.ordinal             1 
_pdbx_audit_revision_details.revision_ordinal    1 
_pdbx_audit_revision_details.data_content_type   'Structure model' 
_pdbx_audit_revision_details.provider            repository 
_pdbx_audit_revision_details.type                'Initial release' 
_pdbx_audit_revision_details.description         ? 
_pdbx_audit_revision_details.details             ? 
# 
loop_
_pdbx_audit_revision_group.ordinal 
_pdbx_audit_revision_group.revision_ordinal 
_pdbx_audit_revision_group.data_content_type 
_pdbx_audit_revision_group.group 
1 2 'Structure model' Advisory                    
2 2 'Structure model' 'Version format compliance' 
3 3 'Structure model' 'Refinement description'    
4 4 'Structure model' 'Data collection'           
5 4 'Structure model' 'Refinement description'    
6 5 'Structure model' 'Database references'       
7 5 'Structure model' 'Derived calculations'      
8 6 'Structure model' 'Data collection'           
9 6 'Structure model' 'Refinement description'    
# 
loop_
_pdbx_audit_revision_category.ordinal 
_pdbx_audit_revision_category.revision_ordinal 
_pdbx_audit_revision_category.data_content_type 
_pdbx_audit_revision_category.category 
1  3 'Structure model' software                      
2  4 'Structure model' software                      
3  5 'Structure model' database_2                    
4  5 'Structure model' pdbx_struct_conn_angle        
5  5 'Structure model' struct_conn                   
6  5 'Structure model' struct_ref_seq_dif            
7  5 'Structure model' struct_site                   
8  6 'Structure model' chem_comp_atom                
9  6 'Structure model' chem_comp_bond                
10 6 'Structure model' pdbx_initial_refinement_model 
# 
loop_
_pdbx_audit_revision_item.ordinal 
_pdbx_audit_revision_item.revision_ordinal 
_pdbx_audit_revision_item.data_content_type 
_pdbx_audit_revision_item.item 
1  3 'Structure model' '_software.classification'                    
2  3 'Structure model' '_software.name'                              
3  4 'Structure model' '_software.classification'                    
4  4 'Structure model' '_software.contact_author'                    
5  4 'Structure model' '_software.contact_author_email'              
6  4 'Structure model' '_software.language'                          
7  4 'Structure model' '_software.location'                          
8  4 'Structure model' '_software.name'                              
9  4 'Structure model' '_software.type'                              
10 4 'Structure model' '_software.version'                           
11 5 'Structure model' '_database_2.pdbx_DOI'                        
12 5 'Structure model' '_database_2.pdbx_database_accession'         
13 5 'Structure model' '_pdbx_struct_conn_angle.ptnr1_auth_comp_id'  
14 5 'Structure model' '_pdbx_struct_conn_angle.ptnr1_auth_seq_id'   
15 5 'Structure model' '_pdbx_struct_conn_angle.ptnr1_label_atom_id' 
16 5 'Structure model' '_pdbx_struct_conn_angle.ptnr1_label_comp_id' 
17 5 'Structure model' '_pdbx_struct_conn_angle.ptnr1_label_seq_id'  
18 5 'Structure model' '_pdbx_struct_conn_angle.ptnr3_auth_comp_id'  
19 5 'Structure model' '_pdbx_struct_conn_angle.ptnr3_auth_seq_id'   
20 5 'Structure model' '_pdbx_struct_conn_angle.ptnr3_label_atom_id' 
21 5 'Structure model' '_pdbx_struct_conn_angle.ptnr3_label_comp_id' 
22 5 'Structure model' '_pdbx_struct_conn_angle.ptnr3_label_seq_id'  
23 5 'Structure model' '_struct_conn.pdbx_dist_value'                
24 5 'Structure model' '_struct_conn.ptnr1_auth_comp_id'             
25 5 'Structure model' '_struct_conn.ptnr1_auth_seq_id'              
26 5 'Structure model' '_struct_conn.ptnr1_label_atom_id'            
27 5 'Structure model' '_struct_conn.ptnr1_label_comp_id'            
28 5 'Structure model' '_struct_conn.ptnr1_label_seq_id'             
29 5 'Structure model' '_struct_ref_seq_dif.details'                 
30 5 'Structure model' '_struct_site.pdbx_auth_asym_id'              
31 5 'Structure model' '_struct_site.pdbx_auth_comp_id'              
32 5 'Structure model' '_struct_site.pdbx_auth_seq_id'               
# 
_pdbx_refine_tls.pdbx_refine_id   'X-RAY DIFFRACTION' 
_pdbx_refine_tls.id               1 
_pdbx_refine_tls.details          ? 
_pdbx_refine_tls.method           refined 
_pdbx_refine_tls.origin_x         -0.0800 
_pdbx_refine_tls.origin_y         -0.3618 
_pdbx_refine_tls.origin_z         0.2093 
_pdbx_refine_tls.T[1][1]          0.2943 
_pdbx_refine_tls.T[2][2]          0.3000 
_pdbx_refine_tls.T[3][3]          0.1961 
_pdbx_refine_tls.T[1][2]          -0.0277 
_pdbx_refine_tls.T[1][3]          -0.0340 
_pdbx_refine_tls.T[2][3]          0.0229 
_pdbx_refine_tls.L[1][1]          2.7897 
_pdbx_refine_tls.L[2][2]          2.0318 
_pdbx_refine_tls.L[3][3]          2.7710 
_pdbx_refine_tls.L[1][2]          -1.3519 
_pdbx_refine_tls.L[1][3]          1.2021 
_pdbx_refine_tls.L[2][3]          -0.3303 
_pdbx_refine_tls.S[1][1]          0.0198 
_pdbx_refine_tls.S[2][2]          -0.0922 
_pdbx_refine_tls.S[3][3]          0.0724 
_pdbx_refine_tls.S[1][2]          0.1313 
_pdbx_refine_tls.S[1][3]          0.1881 
_pdbx_refine_tls.S[2][3]          -0.0640 
_pdbx_refine_tls.S[2][1]          -0.0237 
_pdbx_refine_tls.S[3][1]          -0.2859 
_pdbx_refine_tls.S[3][2]          -0.1046 
# 
_pdbx_refine_tls_group.pdbx_refine_id      'X-RAY DIFFRACTION' 
_pdbx_refine_tls_group.id                  1 
_pdbx_refine_tls_group.refine_tls_id       1 
_pdbx_refine_tls_group.beg_auth_asym_id    A 
_pdbx_refine_tls_group.beg_auth_seq_id     58 
_pdbx_refine_tls_group.end_auth_asym_id    A 
_pdbx_refine_tls_group.end_auth_seq_id     211 
_pdbx_refine_tls_group.selection_details   ? 
_pdbx_refine_tls_group.beg_label_asym_id   . 
_pdbx_refine_tls_group.beg_label_seq_id    . 
_pdbx_refine_tls_group.end_label_asym_id   . 
_pdbx_refine_tls_group.end_label_seq_id    . 
_pdbx_refine_tls_group.selection           ? 
# 
_phasing.method   MR 
# 
loop_
_software.name 
_software.version 
_software.date 
_software.type 
_software.contact_author 
_software.contact_author_email 
_software.classification 
_software.location 
_software.language 
_software.citation_id 
_software.pdbx_ordinal 
REFMAC      5.5.0102 ?               program 'Garib N. Murshudov'         garib@ysbl.york.ac.uk                refinement        
http://www.ccp4.ac.uk/dist/html/refmac5.html                                Fortran_77 ? 1 
PHENIX      .        ?               package 'P.D. Adams'                 PDAdams@lbl.gov                      refinement        
http://www.phenix-online.org/                                               C++        ? 2 
MolProbity  3beta29  ?               package 'D.C. & J.S. Richardson lab' molprobity@kinemage.biochem.duke.edu 'model building'  
http://kinemage.biochem.duke.edu/molprobity/                                ?          ? 3 
XSCALE      .        ?               package 'Wolfgang Kabsch'            ?                                    'data scaling'    
http://www.mpimf-heidelberg.mpg.de/~kabsch/xds/html_doc/xscale_program.html ?          ? 4 
PDB_EXTRACT 3.006    'June 11, 2008' package PDB                          help@deposit.rcsb.org                'data extraction' 
http://sw-tools.pdb.org/apps/PDB_EXTRACT/                                   C++        ? 5 
XDS         .        ?               ?       ?                            ?                                    'data reduction'  ? 
?          ? 6 
MOLREP      .        ?               ?       ?                            ?                                    phasing           ? 
?          ? 7 
# 
_pdbx_entry_details.entry_id                 3MCR 
_pdbx_entry_details.compound_details         ? 
_pdbx_entry_details.source_details           ? 
_pdbx_entry_details.nonpolymer_details       ? 
_pdbx_entry_details.sequence_details         
;THE CONSTRUCT WAS EXPRESSED WITH A PURIFICATION TAG MGSDKIHHHHHHENLYFQG. THE TAG WAS REMOVED WITH TEV PROTEASE LEAVING ONLY A GLYCINE (0) FOLLOWED BY RESIDUES 1-212 OF THE FULL LENGTH (252 AMINO ACID) TARGET SEQUENCE.
;
_pdbx_entry_details.has_ligand_of_interest   ? 
# 
loop_
_pdbx_validate_torsion.id 
_pdbx_validate_torsion.PDB_model_num 
_pdbx_validate_torsion.auth_comp_id 
_pdbx_validate_torsion.auth_asym_id 
_pdbx_validate_torsion.auth_seq_id 
_pdbx_validate_torsion.PDB_ins_code 
_pdbx_validate_torsion.label_alt_id 
_pdbx_validate_torsion.phi 
_pdbx_validate_torsion.psi 
1 1 ARG A 100 ? ? -171.16 144.30 
2 1 ASN A 149 ? ? -142.40 46.25  
# 
loop_
_pdbx_unobs_or_zero_occ_atoms.id 
_pdbx_unobs_or_zero_occ_atoms.PDB_model_num 
_pdbx_unobs_or_zero_occ_atoms.polymer_flag 
_pdbx_unobs_or_zero_occ_atoms.occupancy_flag 
_pdbx_unobs_or_zero_occ_atoms.auth_asym_id 
_pdbx_unobs_or_zero_occ_atoms.auth_comp_id 
_pdbx_unobs_or_zero_occ_atoms.auth_seq_id 
_pdbx_unobs_or_zero_occ_atoms.PDB_ins_code 
_pdbx_unobs_or_zero_occ_atoms.auth_atom_id 
_pdbx_unobs_or_zero_occ_atoms.label_alt_id 
_pdbx_unobs_or_zero_occ_atoms.label_asym_id 
_pdbx_unobs_or_zero_occ_atoms.label_comp_id 
_pdbx_unobs_or_zero_occ_atoms.label_seq_id 
_pdbx_unobs_or_zero_occ_atoms.label_atom_id 
1  1 Y 1 A GLU 84  ? CG  ? A GLU 85  CG  
2  1 Y 1 A GLU 84  ? CD  ? A GLU 85  CD  
3  1 Y 1 A GLU 84  ? OE1 ? A GLU 85  OE1 
4  1 Y 1 A GLU 84  ? OE2 ? A GLU 85  OE2 
5  1 Y 1 A LYS 88  ? CG  ? A LYS 89  CG  
6  1 Y 1 A LYS 88  ? CD  ? A LYS 89  CD  
7  1 Y 1 A LYS 88  ? CE  ? A LYS 89  CE  
8  1 Y 1 A LYS 88  ? NZ  ? A LYS 89  NZ  
9  1 Y 1 A ARG 131 ? CG  ? A ARG 132 CG  
10 1 Y 1 A ARG 131 ? CD  ? A ARG 132 CD  
11 1 Y 1 A ARG 131 ? NE  ? A ARG 132 NE  
12 1 Y 1 A ARG 131 ? CZ  ? A ARG 132 CZ  
13 1 Y 1 A ARG 131 ? NH1 ? A ARG 132 NH1 
14 1 Y 1 A ARG 131 ? NH2 ? A ARG 132 NH2 
# 
loop_
_pdbx_unobs_or_zero_occ_residues.id 
_pdbx_unobs_or_zero_occ_residues.PDB_model_num 
_pdbx_unobs_or_zero_occ_residues.polymer_flag 
_pdbx_unobs_or_zero_occ_residues.occupancy_flag 
_pdbx_unobs_or_zero_occ_residues.auth_asym_id 
_pdbx_unobs_or_zero_occ_residues.auth_comp_id 
_pdbx_unobs_or_zero_occ_residues.auth_seq_id 
_pdbx_unobs_or_zero_occ_residues.PDB_ins_code 
_pdbx_unobs_or_zero_occ_residues.label_asym_id 
_pdbx_unobs_or_zero_occ_residues.label_comp_id 
_pdbx_unobs_or_zero_occ_residues.label_seq_id 
1  1 Y 1 A GLY 0   ? A GLY 1   
2  1 Y 1 A MET 1   ? A MET 2   
3  1 Y 1 A THR 2   ? A THR 3   
4  1 Y 1 A SER 3   ? A SER 4   
5  1 Y 1 A ASN 4   ? A ASN 5   
6  1 Y 1 A GLY 5   ? A GLY 6   
7  1 Y 1 A GLN 6   ? A GLN 7   
8  1 Y 1 A GLN 7   ? A GLN 8   
9  1 Y 1 A GLY 8   ? A GLY 9   
10 1 Y 1 A LYS 9   ? A LYS 10  
11 1 Y 1 A PRO 10  ? A PRO 11  
12 1 Y 1 A ASN 11  ? A ASN 12  
13 1 Y 1 A LEU 12  ? A LEU 13  
14 1 Y 1 A PRO 13  ? A PRO 14  
15 1 Y 1 A GLU 14  ? A GLU 15  
16 1 Y 1 A LYS 15  ? A LYS 16  
17 1 Y 1 A ASP 16  ? A ASP 17  
18 1 Y 1 A ASN 17  ? A ASN 18  
19 1 Y 1 A LEU 18  ? A LEU 19  
20 1 Y 1 A PRO 19  ? A PRO 20  
21 1 Y 1 A ARG 20  ? A ARG 21  
22 1 Y 1 A GLU 21  ? A GLU 22  
23 1 Y 1 A LEU 22  ? A LEU 23  
24 1 Y 1 A GLY 23  ? A GLY 24  
25 1 Y 1 A THR 24  ? A THR 25  
26 1 Y 1 A GLN 25  ? A GLN 26  
27 1 Y 1 A ARG 26  ? A ARG 27  
28 1 Y 1 A ILE 27  ? A ILE 28  
29 1 Y 1 A ASN 28  ? A ASN 29  
30 1 Y 1 A SER 29  ? A SER 30  
31 1 Y 1 A PRO 30  ? A PRO 31  
32 1 Y 1 A ILE 31  ? A ILE 32  
33 1 Y 1 A ALA 32  ? A ALA 33  
34 1 Y 1 A ARG 33  ? A ARG 34  
35 1 Y 1 A MET 34  ? A MET 35  
36 1 Y 1 A GLY 35  ? A GLY 36  
37 1 Y 1 A MET 36  ? A MET 37  
38 1 Y 1 A PHE 37  ? A PHE 38  
39 1 Y 1 A GLY 38  ? A GLY 39  
40 1 Y 1 A ALA 39  ? A ALA 40  
41 1 Y 1 A LYS 40  ? A LYS 41  
42 1 Y 1 A THR 41  ? A THR 42  
43 1 Y 1 A THR 42  ? A THR 43  
44 1 Y 1 A GLY 43  ? A GLY 44  
45 1 Y 1 A ASP 44  ? A ASP 45  
46 1 Y 1 A THR 45  ? A THR 46  
47 1 Y 1 A SER 46  ? A SER 47  
48 1 Y 1 A GLY 47  ? A GLY 48  
49 1 Y 1 A TYR 48  ? A TYR 49  
50 1 Y 1 A GLY 49  ? A GLY 50  
51 1 Y 1 A ARG 50  ? A ARG 51  
52 1 Y 1 A LEU 51  ? A LEU 52  
53 1 Y 1 A ARG 52  ? A ARG 53  
54 1 Y 1 A VAL 53  ? A VAL 54  
55 1 Y 1 A TYR 54  ? A TYR 55  
56 1 Y 1 A ARG 55  ? A ARG 56  
57 1 Y 1 A HIS 56  ? A HIS 57  
58 1 Y 1 A VAL 57  ? A VAL 58  
59 1 Y 1 A ARG 212 ? A ARG 213 
# 
loop_
_chem_comp_atom.comp_id 
_chem_comp_atom.atom_id 
_chem_comp_atom.type_symbol 
_chem_comp_atom.pdbx_aromatic_flag 
_chem_comp_atom.pdbx_stereo_config 
_chem_comp_atom.pdbx_ordinal 
ALA N    N  N N 1   
ALA CA   C  N S 2   
ALA C    C  N N 3   
ALA O    O  N N 4   
ALA CB   C  N N 5   
ALA OXT  O  N N 6   
ALA H    H  N N 7   
ALA H2   H  N N 8   
ALA HA   H  N N 9   
ALA HB1  H  N N 10  
ALA HB2  H  N N 11  
ALA HB3  H  N N 12  
ALA HXT  H  N N 13  
ARG N    N  N N 14  
ARG CA   C  N S 15  
ARG C    C  N N 16  
ARG O    O  N N 17  
ARG CB   C  N N 18  
ARG CG   C  N N 19  
ARG CD   C  N N 20  
ARG NE   N  N N 21  
ARG CZ   C  N N 22  
ARG NH1  N  N N 23  
ARG NH2  N  N N 24  
ARG OXT  O  N N 25  
ARG H    H  N N 26  
ARG H2   H  N N 27  
ARG HA   H  N N 28  
ARG HB2  H  N N 29  
ARG HB3  H  N N 30  
ARG HG2  H  N N 31  
ARG HG3  H  N N 32  
ARG HD2  H  N N 33  
ARG HD3  H  N N 34  
ARG HE   H  N N 35  
ARG HH11 H  N N 36  
ARG HH12 H  N N 37  
ARG HH21 H  N N 38  
ARG HH22 H  N N 39  
ARG HXT  H  N N 40  
ASN N    N  N N 41  
ASN CA   C  N S 42  
ASN C    C  N N 43  
ASN O    O  N N 44  
ASN CB   C  N N 45  
ASN CG   C  N N 46  
ASN OD1  O  N N 47  
ASN ND2  N  N N 48  
ASN OXT  O  N N 49  
ASN H    H  N N 50  
ASN H2   H  N N 51  
ASN HA   H  N N 52  
ASN HB2  H  N N 53  
ASN HB3  H  N N 54  
ASN HD21 H  N N 55  
ASN HD22 H  N N 56  
ASN HXT  H  N N 57  
ASP N    N  N N 58  
ASP CA   C  N S 59  
ASP C    C  N N 60  
ASP O    O  N N 61  
ASP CB   C  N N 62  
ASP CG   C  N N 63  
ASP OD1  O  N N 64  
ASP OD2  O  N N 65  
ASP OXT  O  N N 66  
ASP H    H  N N 67  
ASP H2   H  N N 68  
ASP HA   H  N N 69  
ASP HB2  H  N N 70  
ASP HB3  H  N N 71  
ASP HD2  H  N N 72  
ASP HXT  H  N N 73  
CO  CO   CO N N 74  
CYS N    N  N N 75  
CYS CA   C  N R 76  
CYS C    C  N N 77  
CYS O    O  N N 78  
CYS CB   C  N N 79  
CYS SG   S  N N 80  
CYS OXT  O  N N 81  
CYS H    H  N N 82  
CYS H2   H  N N 83  
CYS HA   H  N N 84  
CYS HB2  H  N N 85  
CYS HB3  H  N N 86  
CYS HG   H  N N 87  
CYS HXT  H  N N 88  
GLN N    N  N N 89  
GLN CA   C  N S 90  
GLN C    C  N N 91  
GLN O    O  N N 92  
GLN CB   C  N N 93  
GLN CG   C  N N 94  
GLN CD   C  N N 95  
GLN OE1  O  N N 96  
GLN NE2  N  N N 97  
GLN OXT  O  N N 98  
GLN H    H  N N 99  
GLN H2   H  N N 100 
GLN HA   H  N N 101 
GLN HB2  H  N N 102 
GLN HB3  H  N N 103 
GLN HG2  H  N N 104 
GLN HG3  H  N N 105 
GLN HE21 H  N N 106 
GLN HE22 H  N N 107 
GLN HXT  H  N N 108 
GLU N    N  N N 109 
GLU CA   C  N S 110 
GLU C    C  N N 111 
GLU O    O  N N 112 
GLU CB   C  N N 113 
GLU CG   C  N N 114 
GLU CD   C  N N 115 
GLU OE1  O  N N 116 
GLU OE2  O  N N 117 
GLU OXT  O  N N 118 
GLU H    H  N N 119 
GLU H2   H  N N 120 
GLU HA   H  N N 121 
GLU HB2  H  N N 122 
GLU HB3  H  N N 123 
GLU HG2  H  N N 124 
GLU HG3  H  N N 125 
GLU HE2  H  N N 126 
GLU HXT  H  N N 127 
GLY N    N  N N 128 
GLY CA   C  N N 129 
GLY C    C  N N 130 
GLY O    O  N N 131 
GLY OXT  O  N N 132 
GLY H    H  N N 133 
GLY H2   H  N N 134 
GLY HA2  H  N N 135 
GLY HA3  H  N N 136 
GLY HXT  H  N N 137 
HEZ O1   O  N N 138 
HEZ C1   C  N N 139 
HEZ C2   C  N N 140 
HEZ C3   C  N N 141 
HEZ C4   C  N N 142 
HEZ C5   C  N N 143 
HEZ C6   C  N N 144 
HEZ O6   O  N N 145 
HEZ HO1  H  N N 146 
HEZ H11  H  N N 147 
HEZ H12  H  N N 148 
HEZ H21  H  N N 149 
HEZ H22  H  N N 150 
HEZ H31  H  N N 151 
HEZ H32  H  N N 152 
HEZ H41  H  N N 153 
HEZ H42  H  N N 154 
HEZ H51  H  N N 155 
HEZ H52  H  N N 156 
HEZ H61  H  N N 157 
HEZ H62  H  N N 158 
HEZ HO6  H  N N 159 
HIS N    N  N N 160 
HIS CA   C  N S 161 
HIS C    C  N N 162 
HIS O    O  N N 163 
HIS CB   C  N N 164 
HIS CG   C  Y N 165 
HIS ND1  N  Y N 166 
HIS CD2  C  Y N 167 
HIS CE1  C  Y N 168 
HIS NE2  N  Y N 169 
HIS OXT  O  N N 170 
HIS H    H  N N 171 
HIS H2   H  N N 172 
HIS HA   H  N N 173 
HIS HB2  H  N N 174 
HIS HB3  H  N N 175 
HIS HD1  H  N N 176 
HIS HD2  H  N N 177 
HIS HE1  H  N N 178 
HIS HE2  H  N N 179 
HIS HXT  H  N N 180 
HOH O    O  N N 181 
HOH H1   H  N N 182 
HOH H2   H  N N 183 
ILE N    N  N N 184 
ILE CA   C  N S 185 
ILE C    C  N N 186 
ILE O    O  N N 187 
ILE CB   C  N S 188 
ILE CG1  C  N N 189 
ILE CG2  C  N N 190 
ILE CD1  C  N N 191 
ILE OXT  O  N N 192 
ILE H    H  N N 193 
ILE H2   H  N N 194 
ILE HA   H  N N 195 
ILE HB   H  N N 196 
ILE HG12 H  N N 197 
ILE HG13 H  N N 198 
ILE HG21 H  N N 199 
ILE HG22 H  N N 200 
ILE HG23 H  N N 201 
ILE HD11 H  N N 202 
ILE HD12 H  N N 203 
ILE HD13 H  N N 204 
ILE HXT  H  N N 205 
LEU N    N  N N 206 
LEU CA   C  N S 207 
LEU C    C  N N 208 
LEU O    O  N N 209 
LEU CB   C  N N 210 
LEU CG   C  N N 211 
LEU CD1  C  N N 212 
LEU CD2  C  N N 213 
LEU OXT  O  N N 214 
LEU H    H  N N 215 
LEU H2   H  N N 216 
LEU HA   H  N N 217 
LEU HB2  H  N N 218 
LEU HB3  H  N N 219 
LEU HG   H  N N 220 
LEU HD11 H  N N 221 
LEU HD12 H  N N 222 
LEU HD13 H  N N 223 
LEU HD21 H  N N 224 
LEU HD22 H  N N 225 
LEU HD23 H  N N 226 
LEU HXT  H  N N 227 
LYS N    N  N N 228 
LYS CA   C  N S 229 
LYS C    C  N N 230 
LYS O    O  N N 231 
LYS CB   C  N N 232 
LYS CG   C  N N 233 
LYS CD   C  N N 234 
LYS CE   C  N N 235 
LYS NZ   N  N N 236 
LYS OXT  O  N N 237 
LYS H    H  N N 238 
LYS H2   H  N N 239 
LYS HA   H  N N 240 
LYS HB2  H  N N 241 
LYS HB3  H  N N 242 
LYS HG2  H  N N 243 
LYS HG3  H  N N 244 
LYS HD2  H  N N 245 
LYS HD3  H  N N 246 
LYS HE2  H  N N 247 
LYS HE3  H  N N 248 
LYS HZ1  H  N N 249 
LYS HZ2  H  N N 250 
LYS HZ3  H  N N 251 
LYS HXT  H  N N 252 
MET N    N  N N 253 
MET CA   C  N S 254 
MET C    C  N N 255 
MET O    O  N N 256 
MET CB   C  N N 257 
MET CG   C  N N 258 
MET SD   S  N N 259 
MET CE   C  N N 260 
MET OXT  O  N N 261 
MET H    H  N N 262 
MET H2   H  N N 263 
MET HA   H  N N 264 
MET HB2  H  N N 265 
MET HB3  H  N N 266 
MET HG2  H  N N 267 
MET HG3  H  N N 268 
MET HE1  H  N N 269 
MET HE2  H  N N 270 
MET HE3  H  N N 271 
MET HXT  H  N N 272 
PHE N    N  N N 273 
PHE CA   C  N S 274 
PHE C    C  N N 275 
PHE O    O  N N 276 
PHE CB   C  N N 277 
PHE CG   C  Y N 278 
PHE CD1  C  Y N 279 
PHE CD2  C  Y N 280 
PHE CE1  C  Y N 281 
PHE CE2  C  Y N 282 
PHE CZ   C  Y N 283 
PHE OXT  O  N N 284 
PHE H    H  N N 285 
PHE H2   H  N N 286 
PHE HA   H  N N 287 
PHE HB2  H  N N 288 
PHE HB3  H  N N 289 
PHE HD1  H  N N 290 
PHE HD2  H  N N 291 
PHE HE1  H  N N 292 
PHE HE2  H  N N 293 
PHE HZ   H  N N 294 
PHE HXT  H  N N 295 
PRO N    N  N N 296 
PRO CA   C  N S 297 
PRO C    C  N N 298 
PRO O    O  N N 299 
PRO CB   C  N N 300 
PRO CG   C  N N 301 
PRO CD   C  N N 302 
PRO OXT  O  N N 303 
PRO H    H  N N 304 
PRO HA   H  N N 305 
PRO HB2  H  N N 306 
PRO HB3  H  N N 307 
PRO HG2  H  N N 308 
PRO HG3  H  N N 309 
PRO HD2  H  N N 310 
PRO HD3  H  N N 311 
PRO HXT  H  N N 312 
SER N    N  N N 313 
SER CA   C  N S 314 
SER C    C  N N 315 
SER O    O  N N 316 
SER CB   C  N N 317 
SER OG   O  N N 318 
SER OXT  O  N N 319 
SER H    H  N N 320 
SER H2   H  N N 321 
SER HA   H  N N 322 
SER HB2  H  N N 323 
SER HB3  H  N N 324 
SER HG   H  N N 325 
SER HXT  H  N N 326 
THR N    N  N N 327 
THR CA   C  N S 328 
THR C    C  N N 329 
THR O    O  N N 330 
THR CB   C  N R 331 
THR OG1  O  N N 332 
THR CG2  C  N N 333 
THR OXT  O  N N 334 
THR H    H  N N 335 
THR H2   H  N N 336 
THR HA   H  N N 337 
THR HB   H  N N 338 
THR HG1  H  N N 339 
THR HG21 H  N N 340 
THR HG22 H  N N 341 
THR HG23 H  N N 342 
THR HXT  H  N N 343 
TRP N    N  N N 344 
TRP CA   C  N S 345 
TRP C    C  N N 346 
TRP O    O  N N 347 
TRP CB   C  N N 348 
TRP CG   C  Y N 349 
TRP CD1  C  Y N 350 
TRP CD2  C  Y N 351 
TRP NE1  N  Y N 352 
TRP CE2  C  Y N 353 
TRP CE3  C  Y N 354 
TRP CZ2  C  Y N 355 
TRP CZ3  C  Y N 356 
TRP CH2  C  Y N 357 
TRP OXT  O  N N 358 
TRP H    H  N N 359 
TRP H2   H  N N 360 
TRP HA   H  N N 361 
TRP HB2  H  N N 362 
TRP HB3  H  N N 363 
TRP HD1  H  N N 364 
TRP HE1  H  N N 365 
TRP HE3  H  N N 366 
TRP HZ2  H  N N 367 
TRP HZ3  H  N N 368 
TRP HH2  H  N N 369 
TRP HXT  H  N N 370 
TYR N    N  N N 371 
TYR CA   C  N S 372 
TYR C    C  N N 373 
TYR O    O  N N 374 
TYR CB   C  N N 375 
TYR CG   C  Y N 376 
TYR CD1  C  Y N 377 
TYR CD2  C  Y N 378 
TYR CE1  C  Y N 379 
TYR CE2  C  Y N 380 
TYR CZ   C  Y N 381 
TYR OH   O  N N 382 
TYR OXT  O  N N 383 
TYR H    H  N N 384 
TYR H2   H  N N 385 
TYR HA   H  N N 386 
TYR HB2  H  N N 387 
TYR HB3  H  N N 388 
TYR HD1  H  N N 389 
TYR HD2  H  N N 390 
TYR HE1  H  N N 391 
TYR HE2  H  N N 392 
TYR HH   H  N N 393 
TYR HXT  H  N N 394 
VAL N    N  N N 395 
VAL CA   C  N S 396 
VAL C    C  N N 397 
VAL O    O  N N 398 
VAL CB   C  N N 399 
VAL CG1  C  N N 400 
VAL CG2  C  N N 401 
VAL OXT  O  N N 402 
VAL H    H  N N 403 
VAL H2   H  N N 404 
VAL HA   H  N N 405 
VAL HB   H  N N 406 
VAL HG11 H  N N 407 
VAL HG12 H  N N 408 
VAL HG13 H  N N 409 
VAL HG21 H  N N 410 
VAL HG22 H  N N 411 
VAL HG23 H  N N 412 
VAL HXT  H  N N 413 
# 
loop_
_chem_comp_bond.comp_id 
_chem_comp_bond.atom_id_1 
_chem_comp_bond.atom_id_2 
_chem_comp_bond.value_order 
_chem_comp_bond.pdbx_aromatic_flag 
_chem_comp_bond.pdbx_stereo_config 
_chem_comp_bond.pdbx_ordinal 
ALA N   CA   sing N N 1   
ALA N   H    sing N N 2   
ALA N   H2   sing N N 3   
ALA CA  C    sing N N 4   
ALA CA  CB   sing N N 5   
ALA CA  HA   sing N N 6   
ALA C   O    doub N N 7   
ALA C   OXT  sing N N 8   
ALA CB  HB1  sing N N 9   
ALA CB  HB2  sing N N 10  
ALA CB  HB3  sing N N 11  
ALA OXT HXT  sing N N 12  
ARG N   CA   sing N N 13  
ARG N   H    sing N N 14  
ARG N   H2   sing N N 15  
ARG CA  C    sing N N 16  
ARG CA  CB   sing N N 17  
ARG CA  HA   sing N N 18  
ARG C   O    doub N N 19  
ARG C   OXT  sing N N 20  
ARG CB  CG   sing N N 21  
ARG CB  HB2  sing N N 22  
ARG CB  HB3  sing N N 23  
ARG CG  CD   sing N N 24  
ARG CG  HG2  sing N N 25  
ARG CG  HG3  sing N N 26  
ARG CD  NE   sing N N 27  
ARG CD  HD2  sing N N 28  
ARG CD  HD3  sing N N 29  
ARG NE  CZ   sing N N 30  
ARG NE  HE   sing N N 31  
ARG CZ  NH1  sing N N 32  
ARG CZ  NH2  doub N N 33  
ARG NH1 HH11 sing N N 34  
ARG NH1 HH12 sing N N 35  
ARG NH2 HH21 sing N N 36  
ARG NH2 HH22 sing N N 37  
ARG OXT HXT  sing N N 38  
ASN N   CA   sing N N 39  
ASN N   H    sing N N 40  
ASN N   H2   sing N N 41  
ASN CA  C    sing N N 42  
ASN CA  CB   sing N N 43  
ASN CA  HA   sing N N 44  
ASN C   O    doub N N 45  
ASN C   OXT  sing N N 46  
ASN CB  CG   sing N N 47  
ASN CB  HB2  sing N N 48  
ASN CB  HB3  sing N N 49  
ASN CG  OD1  doub N N 50  
ASN CG  ND2  sing N N 51  
ASN ND2 HD21 sing N N 52  
ASN ND2 HD22 sing N N 53  
ASN OXT HXT  sing N N 54  
ASP N   CA   sing N N 55  
ASP N   H    sing N N 56  
ASP N   H2   sing N N 57  
ASP CA  C    sing N N 58  
ASP CA  CB   sing N N 59  
ASP CA  HA   sing N N 60  
ASP C   O    doub N N 61  
ASP C   OXT  sing N N 62  
ASP CB  CG   sing N N 63  
ASP CB  HB2  sing N N 64  
ASP CB  HB3  sing N N 65  
ASP CG  OD1  doub N N 66  
ASP CG  OD2  sing N N 67  
ASP OD2 HD2  sing N N 68  
ASP OXT HXT  sing N N 69  
CYS N   CA   sing N N 70  
CYS N   H    sing N N 71  
CYS N   H2   sing N N 72  
CYS CA  C    sing N N 73  
CYS CA  CB   sing N N 74  
CYS CA  HA   sing N N 75  
CYS C   O    doub N N 76  
CYS C   OXT  sing N N 77  
CYS CB  SG   sing N N 78  
CYS CB  HB2  sing N N 79  
CYS CB  HB3  sing N N 80  
CYS SG  HG   sing N N 81  
CYS OXT HXT  sing N N 82  
GLN N   CA   sing N N 83  
GLN N   H    sing N N 84  
GLN N   H2   sing N N 85  
GLN CA  C    sing N N 86  
GLN CA  CB   sing N N 87  
GLN CA  HA   sing N N 88  
GLN C   O    doub N N 89  
GLN C   OXT  sing N N 90  
GLN CB  CG   sing N N 91  
GLN CB  HB2  sing N N 92  
GLN CB  HB3  sing N N 93  
GLN CG  CD   sing N N 94  
GLN CG  HG2  sing N N 95  
GLN CG  HG3  sing N N 96  
GLN CD  OE1  doub N N 97  
GLN CD  NE2  sing N N 98  
GLN NE2 HE21 sing N N 99  
GLN NE2 HE22 sing N N 100 
GLN OXT HXT  sing N N 101 
GLU N   CA   sing N N 102 
GLU N   H    sing N N 103 
GLU N   H2   sing N N 104 
GLU CA  C    sing N N 105 
GLU CA  CB   sing N N 106 
GLU CA  HA   sing N N 107 
GLU C   O    doub N N 108 
GLU C   OXT  sing N N 109 
GLU CB  CG   sing N N 110 
GLU CB  HB2  sing N N 111 
GLU CB  HB3  sing N N 112 
GLU CG  CD   sing N N 113 
GLU CG  HG2  sing N N 114 
GLU CG  HG3  sing N N 115 
GLU CD  OE1  doub N N 116 
GLU CD  OE2  sing N N 117 
GLU OE2 HE2  sing N N 118 
GLU OXT HXT  sing N N 119 
GLY N   CA   sing N N 120 
GLY N   H    sing N N 121 
GLY N   H2   sing N N 122 
GLY CA  C    sing N N 123 
GLY CA  HA2  sing N N 124 
GLY CA  HA3  sing N N 125 
GLY C   O    doub N N 126 
GLY C   OXT  sing N N 127 
GLY OXT HXT  sing N N 128 
HEZ O1  C1   sing N N 129 
HEZ O1  HO1  sing N N 130 
HEZ C1  C2   sing N N 131 
HEZ C1  H11  sing N N 132 
HEZ C1  H12  sing N N 133 
HEZ C2  C3   sing N N 134 
HEZ C2  H21  sing N N 135 
HEZ C2  H22  sing N N 136 
HEZ C3  C4   sing N N 137 
HEZ C3  H31  sing N N 138 
HEZ C3  H32  sing N N 139 
HEZ C4  C5   sing N N 140 
HEZ C4  H41  sing N N 141 
HEZ C4  H42  sing N N 142 
HEZ C5  C6   sing N N 143 
HEZ C5  H51  sing N N 144 
HEZ C5  H52  sing N N 145 
HEZ C6  O6   sing N N 146 
HEZ C6  H61  sing N N 147 
HEZ C6  H62  sing N N 148 
HEZ O6  HO6  sing N N 149 
HIS N   CA   sing N N 150 
HIS N   H    sing N N 151 
HIS N   H2   sing N N 152 
HIS CA  C    sing N N 153 
HIS CA  CB   sing N N 154 
HIS CA  HA   sing N N 155 
HIS C   O    doub N N 156 
HIS C   OXT  sing N N 157 
HIS CB  CG   sing N N 158 
HIS CB  HB2  sing N N 159 
HIS CB  HB3  sing N N 160 
HIS CG  ND1  sing Y N 161 
HIS CG  CD2  doub Y N 162 
HIS ND1 CE1  doub Y N 163 
HIS ND1 HD1  sing N N 164 
HIS CD2 NE2  sing Y N 165 
HIS CD2 HD2  sing N N 166 
HIS CE1 NE2  sing Y N 167 
HIS CE1 HE1  sing N N 168 
HIS NE2 HE2  sing N N 169 
HIS OXT HXT  sing N N 170 
HOH O   H1   sing N N 171 
HOH O   H2   sing N N 172 
ILE N   CA   sing N N 173 
ILE N   H    sing N N 174 
ILE N   H2   sing N N 175 
ILE CA  C    sing N N 176 
ILE CA  CB   sing N N 177 
ILE CA  HA   sing N N 178 
ILE C   O    doub N N 179 
ILE C   OXT  sing N N 180 
ILE CB  CG1  sing N N 181 
ILE CB  CG2  sing N N 182 
ILE CB  HB   sing N N 183 
ILE CG1 CD1  sing N N 184 
ILE CG1 HG12 sing N N 185 
ILE CG1 HG13 sing N N 186 
ILE CG2 HG21 sing N N 187 
ILE CG2 HG22 sing N N 188 
ILE CG2 HG23 sing N N 189 
ILE CD1 HD11 sing N N 190 
ILE CD1 HD12 sing N N 191 
ILE CD1 HD13 sing N N 192 
ILE OXT HXT  sing N N 193 
LEU N   CA   sing N N 194 
LEU N   H    sing N N 195 
LEU N   H2   sing N N 196 
LEU CA  C    sing N N 197 
LEU CA  CB   sing N N 198 
LEU CA  HA   sing N N 199 
LEU C   O    doub N N 200 
LEU C   OXT  sing N N 201 
LEU CB  CG   sing N N 202 
LEU CB  HB2  sing N N 203 
LEU CB  HB3  sing N N 204 
LEU CG  CD1  sing N N 205 
LEU CG  CD2  sing N N 206 
LEU CG  HG   sing N N 207 
LEU CD1 HD11 sing N N 208 
LEU CD1 HD12 sing N N 209 
LEU CD1 HD13 sing N N 210 
LEU CD2 HD21 sing N N 211 
LEU CD2 HD22 sing N N 212 
LEU CD2 HD23 sing N N 213 
LEU OXT HXT  sing N N 214 
LYS N   CA   sing N N 215 
LYS N   H    sing N N 216 
LYS N   H2   sing N N 217 
LYS CA  C    sing N N 218 
LYS CA  CB   sing N N 219 
LYS CA  HA   sing N N 220 
LYS C   O    doub N N 221 
LYS C   OXT  sing N N 222 
LYS CB  CG   sing N N 223 
LYS CB  HB2  sing N N 224 
LYS CB  HB3  sing N N 225 
LYS CG  CD   sing N N 226 
LYS CG  HG2  sing N N 227 
LYS CG  HG3  sing N N 228 
LYS CD  CE   sing N N 229 
LYS CD  HD2  sing N N 230 
LYS CD  HD3  sing N N 231 
LYS CE  NZ   sing N N 232 
LYS CE  HE2  sing N N 233 
LYS CE  HE3  sing N N 234 
LYS NZ  HZ1  sing N N 235 
LYS NZ  HZ2  sing N N 236 
LYS NZ  HZ3  sing N N 237 
LYS OXT HXT  sing N N 238 
MET N   CA   sing N N 239 
MET N   H    sing N N 240 
MET N   H2   sing N N 241 
MET CA  C    sing N N 242 
MET CA  CB   sing N N 243 
MET CA  HA   sing N N 244 
MET C   O    doub N N 245 
MET C   OXT  sing N N 246 
MET CB  CG   sing N N 247 
MET CB  HB2  sing N N 248 
MET CB  HB3  sing N N 249 
MET CG  SD   sing N N 250 
MET CG  HG2  sing N N 251 
MET CG  HG3  sing N N 252 
MET SD  CE   sing N N 253 
MET CE  HE1  sing N N 254 
MET CE  HE2  sing N N 255 
MET CE  HE3  sing N N 256 
MET OXT HXT  sing N N 257 
PHE N   CA   sing N N 258 
PHE N   H    sing N N 259 
PHE N   H2   sing N N 260 
PHE CA  C    sing N N 261 
PHE CA  CB   sing N N 262 
PHE CA  HA   sing N N 263 
PHE C   O    doub N N 264 
PHE C   OXT  sing N N 265 
PHE CB  CG   sing N N 266 
PHE CB  HB2  sing N N 267 
PHE CB  HB3  sing N N 268 
PHE CG  CD1  doub Y N 269 
PHE CG  CD2  sing Y N 270 
PHE CD1 CE1  sing Y N 271 
PHE CD1 HD1  sing N N 272 
PHE CD2 CE2  doub Y N 273 
PHE CD2 HD2  sing N N 274 
PHE CE1 CZ   doub Y N 275 
PHE CE1 HE1  sing N N 276 
PHE CE2 CZ   sing Y N 277 
PHE CE2 HE2  sing N N 278 
PHE CZ  HZ   sing N N 279 
PHE OXT HXT  sing N N 280 
PRO N   CA   sing N N 281 
PRO N   CD   sing N N 282 
PRO N   H    sing N N 283 
PRO CA  C    sing N N 284 
PRO CA  CB   sing N N 285 
PRO CA  HA   sing N N 286 
PRO C   O    doub N N 287 
PRO C   OXT  sing N N 288 
PRO CB  CG   sing N N 289 
PRO CB  HB2  sing N N 290 
PRO CB  HB3  sing N N 291 
PRO CG  CD   sing N N 292 
PRO CG  HG2  sing N N 293 
PRO CG  HG3  sing N N 294 
PRO CD  HD2  sing N N 295 
PRO CD  HD3  sing N N 296 
PRO OXT HXT  sing N N 297 
SER N   CA   sing N N 298 
SER N   H    sing N N 299 
SER N   H2   sing N N 300 
SER CA  C    sing N N 301 
SER CA  CB   sing N N 302 
SER CA  HA   sing N N 303 
SER C   O    doub N N 304 
SER C   OXT  sing N N 305 
SER CB  OG   sing N N 306 
SER CB  HB2  sing N N 307 
SER CB  HB3  sing N N 308 
SER OG  HG   sing N N 309 
SER OXT HXT  sing N N 310 
THR N   CA   sing N N 311 
THR N   H    sing N N 312 
THR N   H2   sing N N 313 
THR CA  C    sing N N 314 
THR CA  CB   sing N N 315 
THR CA  HA   sing N N 316 
THR C   O    doub N N 317 
THR C   OXT  sing N N 318 
THR CB  OG1  sing N N 319 
THR CB  CG2  sing N N 320 
THR CB  HB   sing N N 321 
THR OG1 HG1  sing N N 322 
THR CG2 HG21 sing N N 323 
THR CG2 HG22 sing N N 324 
THR CG2 HG23 sing N N 325 
THR OXT HXT  sing N N 326 
TRP N   CA   sing N N 327 
TRP N   H    sing N N 328 
TRP N   H2   sing N N 329 
TRP CA  C    sing N N 330 
TRP CA  CB   sing N N 331 
TRP CA  HA   sing N N 332 
TRP C   O    doub N N 333 
TRP C   OXT  sing N N 334 
TRP CB  CG   sing N N 335 
TRP CB  HB2  sing N N 336 
TRP CB  HB3  sing N N 337 
TRP CG  CD1  doub Y N 338 
TRP CG  CD2  sing Y N 339 
TRP CD1 NE1  sing Y N 340 
TRP CD1 HD1  sing N N 341 
TRP CD2 CE2  doub Y N 342 
TRP CD2 CE3  sing Y N 343 
TRP NE1 CE2  sing Y N 344 
TRP NE1 HE1  sing N N 345 
TRP CE2 CZ2  sing Y N 346 
TRP CE3 CZ3  doub Y N 347 
TRP CE3 HE3  sing N N 348 
TRP CZ2 CH2  doub Y N 349 
TRP CZ2 HZ2  sing N N 350 
TRP CZ3 CH2  sing Y N 351 
TRP CZ3 HZ3  sing N N 352 
TRP CH2 HH2  sing N N 353 
TRP OXT HXT  sing N N 354 
TYR N   CA   sing N N 355 
TYR N   H    sing N N 356 
TYR N   H2   sing N N 357 
TYR CA  C    sing N N 358 
TYR CA  CB   sing N N 359 
TYR CA  HA   sing N N 360 
TYR C   O    doub N N 361 
TYR C   OXT  sing N N 362 
TYR CB  CG   sing N N 363 
TYR CB  HB2  sing N N 364 
TYR CB  HB3  sing N N 365 
TYR CG  CD1  doub Y N 366 
TYR CG  CD2  sing Y N 367 
TYR CD1 CE1  sing Y N 368 
TYR CD1 HD1  sing N N 369 
TYR CD2 CE2  doub Y N 370 
TYR CD2 HD2  sing N N 371 
TYR CE1 CZ   doub Y N 372 
TYR CE1 HE1  sing N N 373 
TYR CE2 CZ   sing Y N 374 
TYR CE2 HE2  sing N N 375 
TYR CZ  OH   sing N N 376 
TYR OH  HH   sing N N 377 
TYR OXT HXT  sing N N 378 
VAL N   CA   sing N N 379 
VAL N   H    sing N N 380 
VAL N   H2   sing N N 381 
VAL CA  C    sing N N 382 
VAL CA  CB   sing N N 383 
VAL CA  HA   sing N N 384 
VAL C   O    doub N N 385 
VAL C   OXT  sing N N 386 
VAL CB  CG1  sing N N 387 
VAL CB  CG2  sing N N 388 
VAL CB  HB   sing N N 389 
VAL CG1 HG11 sing N N 390 
VAL CG1 HG12 sing N N 391 
VAL CG1 HG13 sing N N 392 
VAL CG2 HG21 sing N N 393 
VAL CG2 HG22 sing N N 394 
VAL CG2 HG23 sing N N 395 
VAL OXT HXT  sing N N 396 
# 
loop_
_pdbx_entity_nonpoly.entity_id 
_pdbx_entity_nonpoly.name 
_pdbx_entity_nonpoly.comp_id 
2 'COBALT (II) ION' CO  
3 HEXANE-1,6-DIOL   HEZ 
4 water             HOH 
# 
_pdbx_initial_refinement_model.id               1 
_pdbx_initial_refinement_model.entity_id_list   ? 
_pdbx_initial_refinement_model.type             'experimental model' 
_pdbx_initial_refinement_model.source_name      PDB 
_pdbx_initial_refinement_model.accession_code   2FUG 
_pdbx_initial_refinement_model.details          ? 
# 
